data_8ZEQ
#
_entry.id   8ZEQ
#
_cell.length_a   1.00
_cell.length_b   1.00
_cell.length_c   1.00
_cell.angle_alpha   90.00
_cell.angle_beta   90.00
_cell.angle_gamma   90.00
#
_symmetry.space_group_name_H-M   'P 1'
#
_entity_poly.entity_id   1
_entity_poly.type   'polypeptide(L)'
_entity_poly.pdbx_seq_one_letter_code
;MGHSKQIRILLLNEMEKLEKTLFRLEQGYELQFRLGPTLQGKAVTVYTNYPFPGETFNREKFRSLDWENPTEREDDSDKY
CKLNLQQSGSFQYYFLQGNEKSGGGYIVVDPILRVGADNHVLPLDCVTLQTFLAKCLGPFDEWESRLRVAKESGYNMIHF
TPLQTLGLSRSCYSLANQLELNPDFSRPNRKYTWNDVGQLVEKLKKEWNVICITDVVYNHTAANSKWIQEHPECAYNLVN
SPHLKPAWVLDRALWRFSCDVAEGKYKEKGIPALIENDHHMNSIRKIIWEDIFPKLKLWEFFQVDVNKAVEQFRRLLTQE
NRRVTKSDPNQHLTIIQDPEYRRFGCTVDMNIALTTFIPHDKGPAAIEECCNWFHKRMEELNSEKHRLINYHQEQAVNCL
LGNVFYERLAGHGPKLGPVTRKHPLVTRYFTFPFEEIDFSMEESMIHLPNKACFLMAHNGWVMGDDPLRNFAEPGSEVYL
RRELICWGDSVKLRYGNKPEDCPYLWAHMKKYTEITATYFQGVRLDNCHSTPLHVAEYMLDAARNLQPNLYVVAELFTGS
EDLDNVFVTRLGISSLIREAMSAYNSHEEGRLVYRYGGEPVGSFVQPCLRPLMPAIAHALFMDITHDNECPIVHRSAYDA
LPSTTIVSMACCASGSTRGYDELVPHQISVVSEERFYTKWNPEALPSNTGEVNFQSGIIAARCAISKLHQELGAKGFIQV
YVDQVDEDIVAVTRHSPSIHQSVVAVSRTAFRNPKTSFYSKEVPQMCIPGKIEEVVLEARTIERNTKPYRKDENSINGTP
DITVEIREHIQLNESKIVKQAGVATKGPNEYIQEIEFENLSPGSVIIFRVSLDPHAQVAVGILRNHLTQFSPHFKSGSLA
VDNADPILKIPFASLASRLTLAELNQILYRCESEEKEDGGGCYDIPNWSALKYAGLQGLMSVLAEIRPKNDLGHPFCNNL
RSGDWMIDYVSNRLISRSGTIAEVGKWLQAMFFYLKQIPRYLIPCYFDAILIGAYTTLLDTAWKQMSSFVQNGSTFVKHL
SLGSVQLCGVGKFPSLPILSPALMDVPYRLNEITKEKEQCCVSLAAGLPHFSSGIFRCWGRDTFIALRGILLITGRYVEA
RNIILAFAGTLRHGLIPNLLGEGIYARYNCRDAVWWWLQCIQDYCKMVPNGLDILKCPVSRMYPTDDSAPLPAGTLDQPL
FEVIQEAMQKHMQGIQFRERNAGPQIDRNMKDEGFNITAGVDEETGFVYGGNRFNCGTWMDKMGESDRARNRGIPATPRD
GSAVEIVGLSKSAVRWLLELSKKNIFPYHEVTVKRHGKAIKVSYDEWNRKIQDNFEKLFHVSEDPSDLNEKHPNLVHKRG
IYKDSYGASSPWCDYQLRPNFTIAMVVAPELFTTEKAWKALEIAEKKLLGPLGMKTLDPDDMVYCGIYDNALDNDNYNLA
KGFNYHQGPEWLWPIGYFLRAKLYFSRLMGPETTAKTIVLVKNVLSRHYVHLERSPWKGLPELTNENAQYCPFSCETQAW
SIATILETLYDL
;
_entity_poly.pdbx_strand_id   A
#
# COMPACT_ATOMS: atom_id res chain seq x y z
N MET A 1 -6.16 -0.78 -31.39
CA MET A 1 -5.07 -0.74 -30.42
C MET A 1 -5.22 -1.84 -29.38
N GLY A 2 -4.49 -2.94 -29.57
CA GLY A 2 -4.55 -4.06 -28.67
C GLY A 2 -3.70 -3.88 -27.43
N HIS A 3 -4.12 -3.00 -26.53
CA HIS A 3 -3.39 -2.77 -25.30
C HIS A 3 -3.45 -4.00 -24.40
N SER A 4 -2.35 -4.25 -23.69
CA SER A 4 -2.29 -5.40 -22.79
C SER A 4 -3.23 -5.20 -21.61
N LYS A 5 -3.90 -6.28 -21.22
CA LYS A 5 -4.83 -6.22 -20.10
C LYS A 5 -4.07 -6.00 -18.79
N GLN A 6 -4.63 -5.16 -17.93
CA GLN A 6 -4.04 -4.83 -16.64
C GLN A 6 -4.89 -5.43 -15.53
N ILE A 7 -4.26 -6.16 -14.62
CA ILE A 7 -4.93 -6.80 -13.49
C ILE A 7 -4.33 -6.25 -12.20
N ARG A 8 -5.19 -5.77 -11.32
CA ARG A 8 -4.77 -5.22 -10.04
C ARG A 8 -5.18 -6.15 -8.91
N ILE A 9 -4.25 -6.39 -7.98
CA ILE A 9 -4.48 -7.27 -6.84
C ILE A 9 -4.62 -6.41 -5.60
N LEU A 10 -5.75 -6.55 -4.90
CA LEU A 10 -6.04 -5.79 -3.69
C LEU A 10 -6.15 -6.75 -2.51
N LEU A 11 -5.46 -6.42 -1.42
CA LEU A 11 -5.46 -7.23 -0.21
C LEU A 11 -6.26 -6.52 0.87
N LEU A 12 -7.20 -7.24 1.47
CA LEU A 12 -8.07 -6.71 2.51
C LEU A 12 -7.72 -7.35 3.85
N ASN A 13 -7.50 -6.53 4.86
CA ASN A 13 -7.18 -7.00 6.21
C ASN A 13 -8.05 -6.29 7.22
N GLU A 14 -8.33 -6.98 8.33
CA GLU A 14 -9.17 -6.45 9.39
C GLU A 14 -8.39 -5.62 10.40
N MET A 15 -7.07 -5.50 10.26
CA MET A 15 -6.26 -4.74 11.19
C MET A 15 -6.20 -3.26 10.87
N GLU A 16 -6.78 -2.83 9.74
CA GLU A 16 -6.76 -1.43 9.36
C GLU A 16 -8.00 -1.13 8.52
N LYS A 17 -8.33 0.15 8.44
CA LYS A 17 -9.47 0.64 7.67
C LYS A 17 -8.98 1.45 6.49
N LEU A 18 -9.47 1.13 5.30
CA LEU A 18 -9.09 1.81 4.07
C LEU A 18 -10.18 2.81 3.72
N GLU A 19 -10.05 4.02 4.25
CA GLU A 19 -11.01 5.08 3.99
C GLU A 19 -10.39 6.35 3.45
N LYS A 20 -9.07 6.51 3.51
CA LYS A 20 -8.41 7.71 3.02
C LYS A 20 -7.29 7.36 2.03
N THR A 21 -7.43 6.24 1.33
CA THR A 21 -6.46 5.79 0.35
C THR A 21 -7.07 5.85 -1.04
N LEU A 22 -6.34 6.44 -1.98
CA LEU A 22 -6.83 6.57 -3.34
C LEU A 22 -6.94 5.21 -4.01
N PHE A 23 -8.06 5.00 -4.71
CA PHE A 23 -8.36 3.74 -5.39
C PHE A 23 -8.88 4.03 -6.80
N ARG A 24 -8.14 4.87 -7.53
CA ARG A 24 -8.58 5.26 -8.86
C ARG A 24 -8.19 4.22 -9.89
N LEU A 25 -9.19 3.60 -10.52
CA LEU A 25 -8.97 2.68 -11.64
C LEU A 25 -9.93 3.04 -12.76
N GLU A 26 -9.44 3.06 -13.99
CA GLU A 26 -10.27 3.39 -15.13
C GLU A 26 -11.04 2.16 -15.59
N GLN A 27 -11.84 2.34 -16.65
CA GLN A 27 -12.64 1.24 -17.18
C GLN A 27 -11.77 0.12 -17.73
N GLY A 28 -10.66 0.48 -18.40
CA GLY A 28 -9.79 -0.54 -18.95
C GLY A 28 -9.14 -1.40 -17.90
N TYR A 29 -8.74 -0.80 -16.77
CA TYR A 29 -8.12 -1.56 -15.69
C TYR A 29 -9.13 -2.50 -15.04
N GLU A 30 -8.63 -3.64 -14.58
CA GLU A 30 -9.43 -4.66 -13.93
C GLU A 30 -9.00 -4.79 -12.47
N LEU A 31 -9.98 -4.81 -11.57
CA LEU A 31 -9.74 -4.92 -10.14
C LEU A 31 -10.12 -6.31 -9.67
N GLN A 32 -9.22 -6.96 -8.93
CA GLN A 32 -9.44 -8.30 -8.40
C GLN A 32 -9.40 -8.27 -6.88
N PHE A 33 -10.23 -9.10 -6.26
CA PHE A 33 -10.33 -9.20 -4.81
C PHE A 33 -9.66 -10.48 -4.34
N ARG A 34 -8.78 -10.36 -3.36
CA ARG A 34 -8.05 -11.49 -2.79
C ARG A 34 -8.46 -11.71 -1.34
N LEU A 35 -8.38 -12.96 -0.90
CA LEU A 35 -8.76 -13.29 0.47
C LEU A 35 -7.86 -12.57 1.48
N GLY A 36 -6.55 -12.56 1.23
CA GLY A 36 -5.61 -11.94 2.12
C GLY A 36 -4.79 -12.96 2.89
N PRO A 37 -3.53 -12.62 3.19
CA PRO A 37 -2.68 -13.57 3.93
C PRO A 37 -3.19 -13.90 5.32
N THR A 38 -3.83 -12.96 6.00
CA THR A 38 -4.31 -13.19 7.36
C THR A 38 -5.74 -13.72 7.40
N LEU A 39 -6.44 -13.77 6.27
CA LEU A 39 -7.81 -14.26 6.21
C LEU A 39 -7.90 -15.66 5.63
N GLN A 40 -6.79 -16.36 5.46
CA GLN A 40 -6.81 -17.71 4.92
C GLN A 40 -7.48 -18.66 5.89
N GLY A 41 -8.21 -19.64 5.34
CA GLY A 41 -8.93 -20.59 6.15
C GLY A 41 -10.30 -20.14 6.61
N LYS A 42 -10.78 -19.00 6.14
CA LYS A 42 -12.09 -18.49 6.52
C LYS A 42 -12.89 -18.16 5.26
N ALA A 43 -14.20 -18.32 5.36
CA ALA A 43 -15.12 -18.05 4.26
C ALA A 43 -15.86 -16.75 4.53
N VAL A 44 -15.82 -15.83 3.56
CA VAL A 44 -16.49 -14.54 3.67
C VAL A 44 -17.23 -14.26 2.38
N THR A 45 -18.19 -13.34 2.46
CA THR A 45 -19.00 -12.93 1.32
C THR A 45 -18.75 -11.46 1.03
N VAL A 46 -18.52 -11.14 -0.23
CA VAL A 46 -18.24 -9.77 -0.67
C VAL A 46 -19.51 -9.20 -1.29
N TYR A 47 -19.92 -8.04 -0.79
CA TYR A 47 -21.12 -7.36 -1.28
C TYR A 47 -20.72 -6.02 -1.89
N THR A 48 -21.21 -5.75 -3.09
CA THR A 48 -20.92 -4.51 -3.79
C THR A 48 -22.21 -3.96 -4.39
N ASN A 49 -22.25 -2.64 -4.55
CA ASN A 49 -23.40 -1.94 -5.11
C ASN A 49 -23.29 -1.73 -6.61
N TYR A 50 -22.25 -2.26 -7.25
CA TYR A 50 -22.08 -2.10 -8.69
C TYR A 50 -23.18 -2.82 -9.44
N PRO A 51 -23.95 -2.15 -10.28
CA PRO A 51 -25.04 -2.81 -10.99
C PRO A 51 -24.53 -3.63 -12.17
N PHE A 52 -25.39 -4.56 -12.60
CA PHE A 52 -25.08 -5.36 -13.78
C PHE A 52 -25.14 -4.48 -15.03
N PRO A 53 -24.33 -4.81 -16.05
CA PRO A 53 -24.37 -4.03 -17.30
C PRO A 53 -25.75 -4.09 -17.95
N GLY A 54 -26.15 -2.97 -18.53
CA GLY A 54 -27.45 -2.87 -19.16
C GLY A 54 -28.61 -2.63 -18.22
N GLU A 55 -28.34 -2.34 -16.95
CA GLU A 55 -29.38 -2.11 -15.96
C GLU A 55 -29.13 -0.78 -15.25
N THR A 56 -30.21 -0.22 -14.71
CA THR A 56 -30.11 1.05 -14.00
C THR A 56 -29.29 0.89 -12.72
N PHE A 57 -28.54 1.94 -12.38
CA PHE A 57 -27.68 1.91 -11.20
C PHE A 57 -28.49 2.26 -9.97
N ASN A 58 -28.39 1.41 -8.94
CA ASN A 58 -29.06 1.64 -7.67
C ASN A 58 -28.02 1.70 -6.55
N ARG A 59 -28.07 2.76 -5.76
CA ARG A 59 -27.09 2.93 -4.69
C ARG A 59 -27.37 1.99 -3.52
N GLU A 60 -28.65 1.82 -3.16
CA GLU A 60 -29.03 1.02 -2.00
C GLU A 60 -29.13 -0.47 -2.30
N LYS A 61 -28.93 -0.88 -3.55
CA LYS A 61 -29.00 -2.29 -3.93
C LYS A 61 -27.60 -2.88 -3.96
N PHE A 62 -27.43 -4.03 -3.32
CA PHE A 62 -26.15 -4.71 -3.26
C PHE A 62 -26.27 -6.10 -3.87
N ARG A 63 -25.16 -6.57 -4.45
CA ARG A 63 -25.10 -7.87 -5.09
C ARG A 63 -23.91 -8.65 -4.56
N SER A 64 -24.00 -9.97 -4.67
CA SER A 64 -22.96 -10.88 -4.20
C SER A 64 -22.28 -11.55 -5.38
N LEU A 65 -20.96 -11.71 -5.27
CA LEU A 65 -20.14 -12.32 -6.31
C LEU A 65 -19.68 -13.68 -5.84
N ASP A 66 -19.86 -14.70 -6.69
CA ASP A 66 -19.43 -16.05 -6.36
C ASP A 66 -17.91 -16.18 -6.43
N TRP A 67 -17.41 -17.25 -5.83
CA TRP A 67 -15.99 -17.54 -5.80
C TRP A 67 -15.67 -18.67 -6.77
N GLU A 68 -14.67 -18.46 -7.61
CA GLU A 68 -14.24 -19.44 -8.60
C GLU A 68 -12.79 -19.82 -8.35
N ASN A 69 -12.50 -21.12 -8.40
CA ASN A 69 -11.16 -21.61 -8.18
C ASN A 69 -10.53 -22.00 -9.51
N PRO A 70 -9.52 -21.28 -10.00
CA PRO A 70 -8.90 -21.67 -11.27
C PRO A 70 -8.26 -23.05 -11.23
N THR A 71 -7.73 -23.47 -10.08
CA THR A 71 -7.10 -24.77 -9.96
C THR A 71 -8.10 -25.89 -9.67
N GLU A 72 -9.36 -25.56 -9.42
CA GLU A 72 -10.41 -26.54 -9.13
C GLU A 72 -10.04 -27.41 -7.94
N ARG A 73 -9.47 -26.79 -6.91
CA ARG A 73 -9.15 -27.46 -5.66
C ARG A 73 -9.80 -26.71 -4.50
N GLU A 74 -9.60 -27.23 -3.29
CA GLU A 74 -10.16 -26.65 -2.08
C GLU A 74 -9.27 -25.57 -1.47
N ASP A 75 -8.08 -25.34 -2.03
CA ASP A 75 -7.18 -24.33 -1.49
C ASP A 75 -7.76 -22.93 -1.68
N ASP A 76 -7.58 -22.08 -0.67
CA ASP A 76 -8.07 -20.71 -0.71
C ASP A 76 -6.97 -19.70 -1.05
N SER A 77 -5.78 -20.17 -1.40
CA SER A 77 -4.70 -19.24 -1.75
C SER A 77 -5.02 -18.46 -3.00
N ASP A 78 -5.60 -19.11 -4.00
CA ASP A 78 -5.97 -18.48 -5.27
C ASP A 78 -7.50 -18.49 -5.37
N LYS A 79 -8.13 -17.39 -4.94
CA LYS A 79 -9.58 -17.26 -4.98
C LYS A 79 -9.90 -15.79 -5.22
N TYR A 80 -10.27 -15.47 -6.46
CA TYR A 80 -10.62 -14.11 -6.84
C TYR A 80 -11.89 -14.10 -7.67
N CYS A 81 -12.59 -12.98 -7.65
CA CYS A 81 -13.84 -12.81 -8.39
C CYS A 81 -13.62 -11.75 -9.48
N LYS A 82 -14.05 -12.06 -10.70
CA LYS A 82 -13.89 -11.13 -11.81
C LYS A 82 -14.76 -9.89 -11.60
N LEU A 83 -14.20 -8.73 -11.91
CA LEU A 83 -14.92 -7.46 -11.78
C LEU A 83 -14.37 -6.51 -12.84
N ASN A 84 -15.10 -6.41 -13.96
CA ASN A 84 -14.71 -5.53 -15.07
C ASN A 84 -15.54 -4.26 -14.99
N LEU A 85 -14.93 -3.19 -14.48
CA LEU A 85 -15.62 -1.92 -14.37
C LEU A 85 -15.87 -1.32 -15.75
N GLN A 86 -17.08 -0.78 -15.94
CA GLN A 86 -17.44 -0.17 -17.22
C GLN A 86 -18.19 1.14 -17.04
N GLN A 87 -18.15 1.74 -15.85
CA GLN A 87 -18.86 2.98 -15.60
C GLN A 87 -18.09 3.79 -14.56
N SER A 88 -18.35 5.08 -14.54
CA SER A 88 -17.71 6.01 -13.61
C SER A 88 -18.67 6.35 -12.49
N GLY A 89 -18.19 6.28 -11.26
CA GLY A 89 -19.04 6.57 -10.11
C GLY A 89 -18.27 6.45 -8.81
N SER A 90 -19.03 6.29 -7.73
CA SER A 90 -18.48 6.19 -6.38
C SER A 90 -19.00 4.93 -5.70
N PHE A 91 -18.91 3.80 -6.40
CA PHE A 91 -19.40 2.54 -5.87
C PHE A 91 -18.62 2.14 -4.62
N GLN A 92 -19.33 1.58 -3.66
CA GLN A 92 -18.76 1.18 -2.38
C GLN A 92 -18.79 -0.34 -2.26
N TYR A 93 -17.69 -0.93 -1.81
CA TYR A 93 -17.57 -2.37 -1.65
C TYR A 93 -17.18 -2.70 -0.22
N TYR A 94 -17.71 -3.82 0.28
CA TYR A 94 -17.41 -4.26 1.63
C TYR A 94 -17.60 -5.77 1.70
N PHE A 95 -17.00 -6.37 2.73
CA PHE A 95 -17.10 -7.80 2.98
C PHE A 95 -17.56 -8.03 4.41
N LEU A 96 -18.37 -9.07 4.60
CA LEU A 96 -18.95 -9.39 5.90
C LEU A 96 -18.24 -10.59 6.50
N GLN A 97 -17.84 -10.46 7.77
CA GLN A 97 -17.18 -11.55 8.49
C GLN A 97 -18.22 -12.46 9.12
N GLY A 98 -18.96 -13.14 8.25
CA GLY A 98 -20.01 -14.04 8.67
C GLY A 98 -21.30 -13.33 9.00
N ASN A 99 -21.34 -12.64 10.14
CA ASN A 99 -22.53 -11.90 10.54
C ASN A 99 -22.22 -10.52 11.11
N GLU A 100 -20.96 -10.13 11.21
CA GLU A 100 -20.57 -8.84 11.76
C GLU A 100 -19.74 -8.07 10.74
N LYS A 101 -20.00 -6.77 10.63
CA LYS A 101 -19.25 -5.93 9.70
C LYS A 101 -17.81 -5.77 10.17
N SER A 102 -16.89 -5.77 9.21
CA SER A 102 -15.46 -5.63 9.50
C SER A 102 -14.83 -4.41 8.85
N GLY A 103 -15.18 -4.10 7.61
CA GLY A 103 -14.60 -2.96 6.94
C GLY A 103 -15.08 -2.87 5.51
N GLY A 104 -14.51 -1.90 4.79
CA GLY A 104 -14.86 -1.71 3.40
C GLY A 104 -13.94 -0.75 2.68
N GLY A 105 -14.45 -0.05 1.68
CA GLY A 105 -13.65 0.89 0.93
C GLY A 105 -14.47 1.54 -0.16
N TYR A 106 -13.79 2.36 -0.97
CA TYR A 106 -14.43 3.09 -2.05
C TYR A 106 -13.62 2.90 -3.34
N ILE A 107 -14.33 2.89 -4.46
CA ILE A 107 -13.72 2.73 -5.78
C ILE A 107 -14.06 3.96 -6.60
N VAL A 108 -13.05 4.58 -7.20
CA VAL A 108 -13.20 5.78 -8.02
C VAL A 108 -12.81 5.44 -9.44
N VAL A 109 -13.68 5.77 -10.39
CA VAL A 109 -13.43 5.55 -11.81
C VAL A 109 -13.49 6.89 -12.52
N ASP A 110 -12.45 7.21 -13.28
CA ASP A 110 -12.40 8.48 -13.99
C ASP A 110 -13.42 8.51 -15.13
N PRO A 111 -13.86 9.71 -15.53
CA PRO A 111 -14.82 9.81 -16.62
C PRO A 111 -14.13 9.97 -17.98
N ILE A 112 -14.92 10.02 -19.05
CA ILE A 112 -14.41 10.21 -20.40
C ILE A 112 -15.18 11.35 -21.05
N LEU A 113 -14.55 11.97 -22.05
CA LEU A 113 -15.13 13.09 -22.77
C LEU A 113 -15.06 12.83 -24.27
N ARG A 114 -16.13 13.19 -24.98
CA ARG A 114 -16.20 13.05 -26.42
C ARG A 114 -16.04 14.42 -27.06
N VAL A 115 -15.09 14.54 -28.00
CA VAL A 115 -14.77 15.80 -28.65
C VAL A 115 -15.03 15.65 -30.15
N GLY A 116 -15.82 16.55 -30.70
CA GLY A 116 -16.11 16.53 -32.13
C GLY A 116 -17.09 15.45 -32.52
N ALA A 117 -17.30 15.34 -33.83
CA ALA A 117 -18.21 14.32 -34.36
C ALA A 117 -17.61 12.93 -34.34
N ASP A 118 -16.29 12.82 -34.30
CA ASP A 118 -15.62 11.52 -34.28
C ASP A 118 -15.64 10.87 -32.90
N ASN A 119 -15.98 11.62 -31.85
CA ASN A 119 -16.03 11.11 -30.48
C ASN A 119 -14.70 10.48 -30.06
N HIS A 120 -13.60 11.10 -30.47
CA HIS A 120 -12.29 10.61 -30.10
C HIS A 120 -12.01 10.87 -28.62
N VAL A 121 -11.30 9.92 -27.99
CA VAL A 121 -10.99 10.05 -26.58
C VAL A 121 -9.92 11.10 -26.39
N LEU A 122 -10.19 12.09 -25.52
CA LEU A 122 -9.25 13.16 -25.26
C LEU A 122 -8.53 12.89 -23.94
N PRO A 123 -7.23 12.64 -23.94
CA PRO A 123 -6.51 12.42 -22.68
C PRO A 123 -6.52 13.68 -21.82
N LEU A 124 -6.49 13.48 -20.50
CA LEU A 124 -6.51 14.59 -19.56
C LEU A 124 -5.11 15.13 -19.32
N ASP A 125 -4.41 15.48 -20.41
CA ASP A 125 -3.07 16.05 -20.30
C ASP A 125 -2.83 17.22 -21.24
N CYS A 126 -3.80 17.59 -22.08
CA CYS A 126 -3.65 18.69 -23.02
C CYS A 126 -4.91 19.54 -23.03
N VAL A 127 -5.47 19.82 -21.85
CA VAL A 127 -6.69 20.60 -21.71
C VAL A 127 -6.31 21.94 -21.09
N THR A 128 -6.68 23.03 -21.77
CA THR A 128 -6.40 24.39 -21.32
C THR A 128 -7.73 25.04 -20.95
N LEU A 129 -8.02 25.09 -19.66
CA LEU A 129 -9.26 25.68 -19.18
C LEU A 129 -9.25 27.19 -19.39
N GLN A 130 -10.39 27.71 -19.87
CA GLN A 130 -10.57 29.15 -20.06
C GLN A 130 -11.81 29.59 -19.30
N THR A 131 -11.68 30.65 -18.51
CA THR A 131 -12.75 31.14 -17.67
C THR A 131 -13.49 32.28 -18.38
N PHE A 132 -14.82 32.17 -18.45
CA PHE A 132 -15.66 33.20 -19.04
C PHE A 132 -16.81 33.50 -18.08
N LEU A 133 -17.22 34.77 -18.05
CA LEU A 133 -18.28 35.23 -17.18
C LEU A 133 -19.45 35.71 -18.03
N ALA A 134 -20.67 35.38 -17.60
CA ALA A 134 -21.85 35.78 -18.35
C ALA A 134 -22.03 37.29 -18.34
N LYS A 135 -21.69 37.95 -17.23
CA LYS A 135 -21.82 39.40 -17.15
C LYS A 135 -20.92 40.10 -18.16
N CYS A 136 -19.69 39.62 -18.33
CA CYS A 136 -18.79 40.19 -19.31
C CYS A 136 -19.15 39.81 -20.73
N LEU A 137 -20.04 38.84 -20.92
CA LEU A 137 -20.41 38.39 -22.26
C LEU A 137 -21.39 39.32 -22.96
N GLY A 138 -22.00 40.25 -22.23
CA GLY A 138 -22.93 41.18 -22.81
C GLY A 138 -24.21 40.53 -23.30
N PRO A 139 -24.81 41.09 -24.35
CA PRO A 139 -26.04 40.51 -24.89
C PRO A 139 -25.81 39.12 -25.46
N PHE A 140 -26.88 38.31 -25.43
CA PHE A 140 -26.79 36.95 -25.94
C PHE A 140 -26.49 36.91 -27.43
N ASP A 141 -26.99 37.89 -28.18
CA ASP A 141 -26.72 37.92 -29.62
C ASP A 141 -25.24 38.11 -29.91
N GLU A 142 -24.57 38.97 -29.16
CA GLU A 142 -23.14 39.23 -29.36
C GLU A 142 -22.32 38.19 -28.61
N TRP A 143 -22.32 36.97 -29.17
CA TRP A 143 -21.58 35.85 -28.60
C TRP A 143 -20.57 35.23 -29.56
N GLU A 144 -20.73 35.43 -30.88
CA GLU A 144 -19.83 34.80 -31.83
C GLU A 144 -18.42 35.39 -31.74
N SER A 145 -18.33 36.70 -31.51
CA SER A 145 -17.01 37.35 -31.45
C SER A 145 -16.18 36.84 -30.29
N ARG A 146 -16.79 36.70 -29.11
CA ARG A 146 -16.06 36.20 -27.95
C ARG A 146 -15.64 34.75 -28.14
N LEU A 147 -16.52 33.93 -28.72
CA LEU A 147 -16.16 32.54 -29.00
C LEU A 147 -15.01 32.45 -29.99
N ARG A 148 -15.04 33.29 -31.03
CA ARG A 148 -13.94 33.31 -31.99
C ARG A 148 -12.64 33.75 -31.34
N VAL A 149 -12.70 34.75 -30.47
CA VAL A 149 -11.50 35.22 -29.77
C VAL A 149 -10.94 34.11 -28.89
N ALA A 150 -11.82 33.40 -28.17
CA ALA A 150 -11.35 32.30 -27.32
C ALA A 150 -10.74 31.18 -28.15
N LYS A 151 -11.36 30.86 -29.30
CA LYS A 151 -10.81 29.83 -30.17
C LYS A 151 -9.43 30.23 -30.70
N GLU A 152 -9.28 31.49 -31.12
CA GLU A 152 -7.99 31.95 -31.61
C GLU A 152 -6.95 32.00 -30.50
N SER A 153 -7.38 32.20 -29.25
CA SER A 153 -6.44 32.19 -28.14
C SER A 153 -5.81 30.82 -27.93
N GLY A 154 -6.50 29.75 -28.31
CA GLY A 154 -5.95 28.42 -28.21
C GLY A 154 -6.36 27.68 -26.96
N TYR A 155 -7.65 27.70 -26.64
CA TYR A 155 -8.20 27.02 -25.48
C TYR A 155 -9.25 26.01 -25.94
N ASN A 156 -9.08 24.75 -25.55
CA ASN A 156 -10.01 23.69 -25.91
C ASN A 156 -11.15 23.53 -24.91
N MET A 157 -11.09 24.21 -23.76
CA MET A 157 -12.13 24.15 -22.75
C MET A 157 -12.49 25.56 -22.30
N ILE A 158 -13.79 25.82 -22.20
CA ILE A 158 -14.31 27.13 -21.82
C ILE A 158 -15.25 26.96 -20.64
N HIS A 159 -15.02 27.76 -19.59
CA HIS A 159 -15.89 27.77 -18.42
C HIS A 159 -17.00 28.79 -18.65
N PHE A 160 -18.25 28.33 -18.59
CA PHE A 160 -19.41 29.16 -18.89
C PHE A 160 -20.19 29.43 -17.60
N THR A 161 -20.41 30.70 -17.31
CA THR A 161 -21.23 31.07 -16.16
C THR A 161 -22.69 30.76 -16.45
N PRO A 162 -23.41 30.10 -15.53
CA PRO A 162 -24.81 29.79 -15.77
C PRO A 162 -25.65 31.05 -15.99
N LEU A 163 -26.62 30.95 -16.90
CA LEU A 163 -27.50 32.05 -17.23
C LEU A 163 -28.81 31.88 -16.48
N GLN A 164 -29.02 32.72 -15.46
CA GLN A 164 -30.23 32.66 -14.65
C GLN A 164 -30.52 34.05 -14.11
N THR A 165 -31.77 34.24 -13.68
CA THR A 165 -32.19 35.53 -13.14
C THR A 165 -31.43 35.83 -11.85
N LEU A 166 -30.95 37.07 -11.73
CA LEU A 166 -30.19 37.52 -10.59
C LEU A 166 -31.00 38.55 -9.79
N GLY A 167 -30.53 38.81 -8.58
CA GLY A 167 -31.16 39.78 -7.70
C GLY A 167 -30.69 41.20 -7.98
N LEU A 168 -31.11 42.10 -7.10
CA LEU A 168 -30.73 43.51 -7.23
C LEU A 168 -29.25 43.73 -6.96
N SER A 169 -28.57 42.79 -6.30
CA SER A 169 -27.15 42.94 -6.03
C SER A 169 -26.30 42.85 -7.29
N ARG A 170 -26.81 42.21 -8.35
CA ARG A 170 -26.09 42.06 -9.61
C ARG A 170 -24.73 41.42 -9.41
N SER A 171 -24.68 40.37 -8.57
CA SER A 171 -23.45 39.67 -8.26
C SER A 171 -23.54 38.24 -8.77
N CYS A 172 -22.37 37.66 -9.08
CA CYS A 172 -22.32 36.30 -9.58
C CYS A 172 -22.65 35.31 -8.47
N TYR A 173 -23.06 34.10 -8.89
CA TYR A 173 -23.45 33.03 -7.97
C TYR A 173 -24.57 33.47 -7.04
N SER A 174 -25.50 34.26 -7.57
CA SER A 174 -26.65 34.77 -6.82
C SER A 174 -27.92 34.61 -7.64
N LEU A 175 -28.11 33.41 -8.19
CA LEU A 175 -29.29 33.14 -9.01
C LEU A 175 -30.55 33.19 -8.17
N ALA A 176 -31.59 33.84 -8.70
CA ALA A 176 -32.86 33.98 -8.00
C ALA A 176 -33.83 32.86 -8.37
N ASN A 177 -34.17 32.75 -9.66
CA ASN A 177 -35.10 31.74 -10.15
C ASN A 177 -34.40 30.92 -11.23
N GLN A 178 -34.12 29.66 -10.93
CA GLN A 178 -33.46 28.76 -11.88
C GLN A 178 -34.47 28.01 -12.73
N LEU A 179 -35.39 28.74 -13.36
CA LEU A 179 -36.41 28.13 -14.21
C LEU A 179 -36.61 28.86 -15.54
N GLU A 180 -35.95 29.99 -15.77
CA GLU A 180 -36.11 30.74 -17.00
C GLU A 180 -34.84 31.52 -17.29
N LEU A 181 -34.71 31.96 -18.54
CA LEU A 181 -33.56 32.74 -18.96
C LEU A 181 -33.55 34.10 -18.28
N ASN A 182 -32.36 34.65 -18.09
CA ASN A 182 -32.21 35.95 -17.46
C ASN A 182 -32.82 37.02 -18.36
N PRO A 183 -33.66 37.91 -17.83
CA PRO A 183 -34.22 38.99 -18.67
C PRO A 183 -33.16 39.91 -19.24
N ASP A 184 -32.02 40.06 -18.56
CA ASP A 184 -30.94 40.90 -19.08
C ASP A 184 -30.44 40.35 -20.42
N PHE A 185 -30.23 39.04 -20.49
CA PHE A 185 -29.73 38.42 -21.71
C PHE A 185 -30.87 38.16 -22.69
N SER A 186 -31.64 39.20 -23.00
CA SER A 186 -32.76 39.08 -23.93
C SER A 186 -33.10 40.46 -24.48
N ARG A 187 -33.81 40.46 -25.60
CA ARG A 187 -34.22 41.69 -26.25
C ARG A 187 -35.70 41.62 -26.62
N PRO A 188 -36.39 42.75 -26.65
CA PRO A 188 -37.81 42.73 -27.05
C PRO A 188 -38.02 42.22 -28.47
N ASN A 189 -37.08 42.47 -29.38
CA ASN A 189 -37.25 42.02 -30.76
C ASN A 189 -37.25 40.50 -30.86
N ARG A 190 -36.35 39.83 -30.15
CA ARG A 190 -36.24 38.39 -30.18
C ARG A 190 -35.94 37.86 -28.79
N LYS A 191 -36.73 36.89 -28.35
CA LYS A 191 -36.58 36.28 -27.03
C LYS A 191 -35.96 34.90 -27.19
N TYR A 192 -34.92 34.63 -26.40
CA TYR A 192 -34.19 33.36 -26.44
C TYR A 192 -34.54 32.55 -25.20
N THR A 193 -34.94 31.29 -25.41
CA THR A 193 -35.29 30.39 -24.33
C THR A 193 -34.14 29.42 -24.08
N TRP A 194 -34.38 28.43 -23.21
CA TRP A 194 -33.36 27.44 -22.91
C TRP A 194 -33.03 26.58 -24.13
N ASN A 195 -34.00 26.36 -25.01
CA ASN A 195 -33.75 25.57 -26.22
C ASN A 195 -32.75 26.26 -27.12
N ASP A 196 -32.86 27.59 -27.26
CA ASP A 196 -31.90 28.32 -28.08
C ASP A 196 -30.49 28.23 -27.51
N VAL A 197 -30.36 28.35 -26.19
CA VAL A 197 -29.05 28.25 -25.55
C VAL A 197 -28.48 26.84 -25.75
N GLY A 198 -29.31 25.82 -25.59
CA GLY A 198 -28.84 24.46 -25.78
C GLY A 198 -28.40 24.18 -27.20
N GLN A 199 -29.17 24.64 -28.19
CA GLN A 199 -28.81 24.42 -29.58
C GLN A 199 -27.55 25.20 -29.95
N LEU A 200 -27.39 26.42 -29.42
CA LEU A 200 -26.17 27.17 -29.66
C LEU A 200 -24.97 26.45 -29.05
N VAL A 201 -25.12 25.92 -27.85
CA VAL A 201 -24.03 25.21 -27.19
C VAL A 201 -23.65 23.97 -27.99
N GLU A 202 -24.64 23.19 -28.44
CA GLU A 202 -24.34 21.98 -29.19
C GLU A 202 -23.73 22.31 -30.55
N LYS A 203 -24.17 23.40 -31.19
CA LYS A 203 -23.56 23.81 -32.45
C LYS A 203 -22.12 24.23 -32.25
N LEU A 204 -21.84 24.98 -31.18
CA LEU A 204 -20.47 25.38 -30.88
C LEU A 204 -19.59 24.16 -30.61
N LYS A 205 -20.12 23.18 -29.85
CA LYS A 205 -19.36 21.98 -29.55
C LYS A 205 -19.08 21.17 -30.82
N LYS A 206 -20.06 21.06 -31.71
CA LYS A 206 -19.88 20.25 -32.91
C LYS A 206 -18.97 20.92 -33.93
N GLU A 207 -19.12 22.23 -34.13
CA GLU A 207 -18.40 22.92 -35.18
C GLU A 207 -17.06 23.49 -34.74
N TRP A 208 -16.81 23.62 -33.44
CA TRP A 208 -15.58 24.22 -32.96
C TRP A 208 -14.89 23.40 -31.87
N ASN A 209 -15.38 22.19 -31.60
CA ASN A 209 -14.86 21.28 -30.57
C ASN A 209 -14.51 22.03 -29.28
N VAL A 210 -15.52 22.66 -28.71
CA VAL A 210 -15.41 23.40 -27.45
C VAL A 210 -16.34 22.75 -26.43
N ILE A 211 -15.81 22.46 -25.24
CA ILE A 211 -16.57 21.87 -24.15
C ILE A 211 -16.86 22.95 -23.12
N CYS A 212 -18.12 23.08 -22.73
CA CYS A 212 -18.56 24.10 -21.79
C CYS A 212 -18.87 23.46 -20.44
N ILE A 213 -18.43 24.12 -19.37
CA ILE A 213 -18.64 23.66 -18.00
C ILE A 213 -19.44 24.72 -17.26
N THR A 214 -20.54 24.29 -16.64
CA THR A 214 -21.43 25.18 -15.91
C THR A 214 -21.19 25.06 -14.41
N ASP A 215 -21.95 25.83 -13.64
CA ASP A 215 -21.85 25.85 -12.19
C ASP A 215 -23.21 25.56 -11.57
N VAL A 216 -23.19 24.92 -10.40
CA VAL A 216 -24.39 24.61 -9.64
C VAL A 216 -24.23 25.13 -8.23
N VAL A 217 -25.25 25.82 -7.73
CA VAL A 217 -25.23 26.42 -6.39
C VAL A 217 -26.33 25.76 -5.57
N TYR A 218 -25.97 25.30 -4.36
CA TYR A 218 -26.92 24.65 -3.47
C TYR A 218 -26.94 25.21 -2.06
N ASN A 219 -25.84 25.81 -1.58
CA ASN A 219 -25.76 26.32 -0.23
C ASN A 219 -26.17 27.77 -0.09
N HIS A 220 -26.51 28.44 -1.20
CA HIS A 220 -26.89 29.85 -1.15
C HIS A 220 -27.86 30.15 -2.27
N THR A 221 -28.63 31.23 -2.09
CA THR A 221 -29.60 31.67 -3.08
C THR A 221 -29.86 33.16 -2.86
N ALA A 222 -30.48 33.78 -3.86
CA ALA A 222 -30.78 35.21 -3.80
C ALA A 222 -31.79 35.48 -2.69
N ALA A 223 -31.63 36.65 -2.06
CA ALA A 223 -32.54 37.03 -0.97
C ALA A 223 -33.97 37.20 -1.47
N ASN A 224 -34.14 37.85 -2.63
CA ASN A 224 -35.44 38.08 -3.22
C ASN A 224 -35.55 37.25 -4.50
N SER A 225 -36.60 36.42 -4.57
CA SER A 225 -36.81 35.57 -5.72
C SER A 225 -38.28 35.16 -5.76
N LYS A 226 -38.71 34.69 -6.93
CA LYS A 226 -40.06 34.19 -7.13
C LYS A 226 -40.20 32.71 -6.83
N TRP A 227 -39.10 32.04 -6.48
CA TRP A 227 -39.16 30.62 -6.15
C TRP A 227 -40.00 30.38 -4.91
N ILE A 228 -39.86 31.22 -3.89
CA ILE A 228 -40.58 31.09 -2.63
C ILE A 228 -41.59 32.23 -2.56
N GLN A 229 -42.87 31.88 -2.60
CA GLN A 229 -43.93 32.89 -2.48
C GLN A 229 -44.96 32.47 -1.44
N GLU A 230 -45.12 31.16 -1.23
CA GLU A 230 -46.08 30.65 -0.27
C GLU A 230 -45.55 29.54 0.62
N HIS A 231 -44.41 28.93 0.28
CA HIS A 231 -43.86 27.83 1.07
C HIS A 231 -42.54 28.24 1.69
N PRO A 232 -42.53 28.62 2.97
CA PRO A 232 -41.28 29.01 3.64
C PRO A 232 -40.38 27.85 4.00
N GLU A 233 -40.80 26.60 3.78
CA GLU A 233 -39.99 25.45 4.14
C GLU A 233 -38.75 25.29 3.27
N CYS A 234 -38.66 26.03 2.16
CA CYS A 234 -37.48 25.93 1.30
C CYS A 234 -36.23 26.38 2.02
N ALA A 235 -36.32 27.45 2.80
CA ALA A 235 -35.18 28.00 3.52
C ALA A 235 -35.37 27.81 5.02
N TYR A 236 -34.25 27.75 5.73
CA TYR A 236 -34.29 27.60 7.18
C TYR A 236 -34.89 28.85 7.82
N ASN A 237 -35.85 28.66 8.72
CA ASN A 237 -36.55 29.75 9.38
C ASN A 237 -36.48 29.54 10.90
N LEU A 238 -36.99 30.54 11.63
CA LEU A 238 -36.94 30.47 13.10
C LEU A 238 -37.84 29.35 13.63
N VAL A 239 -38.91 29.02 12.93
CA VAL A 239 -39.79 27.95 13.39
C VAL A 239 -39.10 26.59 13.31
N ASN A 240 -38.16 26.44 12.38
CA ASN A 240 -37.45 25.17 12.25
C ASN A 240 -36.46 24.97 13.40
N SER A 241 -35.71 26.01 13.74
CA SER A 241 -34.70 25.96 14.81
C SER A 241 -34.93 27.14 15.74
N PRO A 242 -35.89 27.02 16.66
CA PRO A 242 -36.17 28.14 17.59
C PRO A 242 -35.20 28.25 18.75
N HIS A 243 -34.19 27.39 18.84
CA HIS A 243 -33.25 27.46 19.96
C HIS A 243 -32.29 28.64 19.83
N LEU A 244 -32.11 29.18 18.63
CA LEU A 244 -31.21 30.32 18.43
C LEU A 244 -31.97 31.65 18.53
N LYS A 245 -32.74 31.81 19.60
CA LYS A 245 -33.49 33.03 19.84
C LYS A 245 -32.60 34.13 20.41
N PRO A 246 -31.76 33.87 21.43
CA PRO A 246 -30.87 34.94 21.90
C PRO A 246 -29.92 35.47 20.85
N ALA A 247 -29.45 34.61 19.94
CA ALA A 247 -28.59 35.09 18.86
C ALA A 247 -29.32 36.06 17.95
N TRP A 248 -30.57 35.73 17.59
CA TRP A 248 -31.37 36.63 16.77
C TRP A 248 -31.64 37.95 17.50
N VAL A 249 -31.94 37.86 18.80
CA VAL A 249 -32.20 39.08 19.57
C VAL A 249 -30.96 39.97 19.61
N LEU A 250 -29.79 39.38 19.85
CA LEU A 250 -28.55 40.14 19.90
C LEU A 250 -28.24 40.75 18.54
N ASP A 251 -28.44 39.99 17.46
CA ASP A 251 -28.17 40.52 16.13
C ASP A 251 -29.09 41.69 15.80
N ARG A 252 -30.38 41.57 16.14
CA ARG A 252 -31.31 42.66 15.88
C ARG A 252 -30.97 43.89 16.73
N ALA A 253 -30.59 43.67 17.98
CA ALA A 253 -30.20 44.80 18.83
C ALA A 253 -28.96 45.50 18.28
N LEU A 254 -27.97 44.73 17.82
CA LEU A 254 -26.78 45.33 17.25
C LEU A 254 -27.10 46.10 15.98
N TRP A 255 -27.96 45.53 15.12
CA TRP A 255 -28.35 46.23 13.91
C TRP A 255 -29.09 47.53 14.22
N ARG A 256 -30.00 47.50 15.19
CA ARG A 256 -30.71 48.71 15.58
C ARG A 256 -29.77 49.76 16.15
N PHE A 257 -28.81 49.33 16.98
CA PHE A 257 -27.85 50.28 17.53
C PHE A 257 -26.99 50.90 16.44
N SER A 258 -26.54 50.08 15.48
CA SER A 258 -25.74 50.61 14.38
C SER A 258 -26.55 51.59 13.53
N CYS A 259 -27.80 51.27 13.25
CA CYS A 259 -28.65 52.17 12.47
C CYS A 259 -28.88 53.49 13.21
N ASP A 260 -29.11 53.42 14.53
CA ASP A 260 -29.30 54.63 15.30
C ASP A 260 -28.03 55.49 15.32
N VAL A 261 -26.88 54.85 15.49
CA VAL A 261 -25.61 55.60 15.54
C VAL A 261 -25.34 56.24 14.19
N ALA A 262 -25.61 55.53 13.10
CA ALA A 262 -25.31 56.04 11.77
C ALA A 262 -26.14 57.28 11.45
N GLU A 263 -27.40 57.31 11.88
CA GLU A 263 -28.31 58.41 11.52
C GLU A 263 -28.17 59.59 12.48
N GLY A 264 -26.94 60.05 12.67
CA GLY A 264 -26.69 61.30 13.39
C GLY A 264 -27.26 61.37 14.80
N LYS A 265 -27.07 60.32 15.60
CA LYS A 265 -27.55 60.30 16.97
C LYS A 265 -26.42 60.25 17.99
N TYR A 266 -25.50 59.30 17.86
CA TYR A 266 -24.38 59.16 18.79
C TYR A 266 -23.18 59.98 18.32
N LYS A 267 -23.41 61.28 18.17
CA LYS A 267 -22.39 62.23 17.74
C LYS A 267 -22.07 63.30 18.78
N GLU A 268 -23.08 63.77 19.51
CA GLU A 268 -22.84 64.79 20.53
C GLU A 268 -21.99 64.24 21.67
N LYS A 269 -22.23 62.99 22.06
CA LYS A 269 -21.45 62.39 23.14
C LYS A 269 -19.98 62.26 22.76
N GLY A 270 -19.69 61.84 21.53
CA GLY A 270 -18.32 61.71 21.08
C GLY A 270 -18.18 60.80 19.87
N ILE A 271 -17.29 61.18 18.96
CA ILE A 271 -17.04 60.39 17.75
C ILE A 271 -15.54 60.18 17.60
N PRO A 272 -15.08 58.94 17.46
CA PRO A 272 -13.64 58.70 17.30
C PRO A 272 -13.12 59.31 16.00
N ALA A 273 -11.86 59.73 16.04
CA ALA A 273 -11.22 60.33 14.88
C ALA A 273 -10.68 59.24 13.96
N LEU A 274 -9.91 59.62 12.95
CA LEU A 274 -9.33 58.65 12.03
C LEU A 274 -8.29 57.80 12.74
N ILE A 275 -8.26 56.52 12.38
CA ILE A 275 -7.33 55.58 12.99
C ILE A 275 -5.94 55.79 12.39
N GLU A 276 -4.95 55.98 13.26
CA GLU A 276 -3.58 56.20 12.82
C GLU A 276 -2.62 55.32 13.59
N ASN A 277 -1.32 55.51 13.40
CA ASN A 277 -0.29 54.73 14.10
C ASN A 277 -0.02 55.36 15.47
N ASP A 278 -1.01 55.24 16.34
CA ASP A 278 -0.94 55.78 17.68
C ASP A 278 -1.75 54.89 18.62
N HIS A 279 -2.03 55.40 19.81
CA HIS A 279 -2.79 54.67 20.81
C HIS A 279 -4.30 54.85 20.65
N HIS A 280 -4.75 55.35 19.50
CA HIS A 280 -6.18 55.55 19.28
C HIS A 280 -6.94 54.23 19.19
N MET A 281 -6.25 53.12 18.87
CA MET A 281 -6.93 51.82 18.80
C MET A 281 -7.48 51.41 20.16
N ASN A 282 -6.70 51.63 21.22
CA ASN A 282 -7.16 51.30 22.57
C ASN A 282 -8.38 52.14 22.95
N SER A 283 -8.36 53.43 22.61
CA SER A 283 -9.50 54.29 22.91
C SER A 283 -10.74 53.84 22.15
N ILE A 284 -10.55 53.47 20.87
CA ILE A 284 -11.69 53.00 20.07
C ILE A 284 -12.25 51.71 20.66
N ARG A 285 -11.38 50.79 21.06
CA ARG A 285 -11.84 49.54 21.66
C ARG A 285 -12.58 49.80 22.96
N LYS A 286 -12.07 50.71 23.79
CA LYS A 286 -12.74 51.02 25.05
C LYS A 286 -14.11 51.67 24.81
N ILE A 287 -14.20 52.58 23.83
CA ILE A 287 -15.47 53.23 23.55
C ILE A 287 -16.46 52.24 22.94
N ILE A 288 -15.96 51.23 22.22
CA ILE A 288 -16.85 50.19 21.72
C ILE A 288 -17.34 49.31 22.86
N TRP A 289 -16.45 48.93 23.77
CA TRP A 289 -16.82 48.04 24.87
C TRP A 289 -17.79 48.71 25.83
N GLU A 290 -17.61 50.01 26.10
CA GLU A 290 -18.45 50.69 27.08
C GLU A 290 -19.90 50.76 26.64
N ASP A 291 -20.19 50.56 25.35
CA ASP A 291 -21.55 50.43 24.88
C ASP A 291 -21.96 49.01 24.55
N ILE A 292 -21.00 48.14 24.22
CA ILE A 292 -21.33 46.75 23.93
C ILE A 292 -21.74 46.02 25.21
N PHE A 293 -21.01 46.26 26.31
CA PHE A 293 -21.31 45.56 27.56
C PHE A 293 -22.71 45.83 28.08
N PRO A 294 -23.21 47.07 28.17
CA PRO A 294 -24.59 47.27 28.64
C PRO A 294 -25.63 46.73 27.68
N LYS A 295 -25.29 46.51 26.41
CA LYS A 295 -26.27 46.00 25.46
C LYS A 295 -26.71 44.59 25.81
N LEU A 296 -25.78 43.75 26.26
CA LEU A 296 -26.11 42.38 26.61
C LEU A 296 -27.02 42.34 27.83
N LYS A 297 -27.98 41.43 27.80
CA LYS A 297 -28.96 41.26 28.88
C LYS A 297 -28.82 39.89 29.53
N LEU A 298 -27.59 39.45 29.75
CA LEU A 298 -27.35 38.16 30.39
C LEU A 298 -27.86 38.15 31.82
N TRP A 299 -27.66 39.25 32.55
CA TRP A 299 -28.13 39.34 33.93
C TRP A 299 -29.65 39.25 34.00
N GLU A 300 -30.34 39.94 33.07
CA GLU A 300 -31.80 39.88 33.05
C GLU A 300 -32.29 38.46 32.77
N PHE A 301 -31.65 37.78 31.81
CA PHE A 301 -32.02 36.40 31.51
C PHE A 301 -31.79 35.49 32.71
N PHE A 302 -30.66 35.66 33.40
CA PHE A 302 -30.38 34.85 34.58
C PHE A 302 -31.41 35.10 35.68
N GLN A 303 -31.77 36.37 35.89
CA GLN A 303 -32.73 36.69 36.95
C GLN A 303 -34.12 36.18 36.61
N VAL A 304 -34.52 36.24 35.34
CA VAL A 304 -35.83 35.74 34.97
C VAL A 304 -35.86 34.22 35.04
N ASP A 305 -34.74 33.56 34.72
CA ASP A 305 -34.66 32.12 34.88
C ASP A 305 -34.76 31.72 36.34
N VAL A 306 -34.09 32.47 37.23
CA VAL A 306 -34.17 32.20 38.66
C VAL A 306 -35.60 32.40 39.16
N ASN A 307 -36.25 33.47 38.69
CA ASN A 307 -37.62 33.73 39.10
C ASN A 307 -38.56 32.62 38.64
N LYS A 308 -38.43 32.17 37.39
CA LYS A 308 -39.29 31.09 36.90
C LYS A 308 -39.01 29.79 37.65
N ALA A 309 -37.74 29.53 37.98
CA ALA A 309 -37.40 28.31 38.70
C ALA A 309 -38.00 28.32 40.11
N VAL A 310 -37.89 29.45 40.82
CA VAL A 310 -38.44 29.52 42.17
C VAL A 310 -39.96 29.48 42.13
N GLU A 311 -40.57 30.08 41.10
CA GLU A 311 -42.02 30.01 40.96
C GLU A 311 -42.47 28.57 40.71
N GLN A 312 -41.76 27.83 39.87
CA GLN A 312 -42.10 26.44 39.62
C GLN A 312 -41.92 25.60 40.89
N PHE A 313 -40.84 25.86 41.64
CA PHE A 313 -40.62 25.14 42.88
C PHE A 313 -41.73 25.41 43.89
N ARG A 314 -42.14 26.67 44.02
CA ARG A 314 -43.24 27.00 44.93
C ARG A 314 -44.55 26.36 44.49
N ARG A 315 -44.82 26.38 43.18
CA ARG A 315 -46.06 25.78 42.68
C ARG A 315 -46.06 24.26 42.90
N LEU A 316 -44.93 23.61 42.68
CA LEU A 316 -44.84 22.16 42.87
C LEU A 316 -44.97 21.81 44.35
N LEU A 317 -45.61 20.68 44.62
CA LEU A 317 -45.80 20.20 45.98
C LEU A 317 -45.45 18.72 46.06
N THR A 318 -45.08 18.29 47.27
CA THR A 318 -44.71 16.89 47.47
C THR A 318 -45.91 15.99 47.29
N GLN A 319 -45.67 14.83 46.67
CA GLN A 319 -46.72 13.84 46.41
C GLN A 319 -46.40 12.57 47.18
N GLU A 320 -47.41 12.02 47.85
CA GLU A 320 -47.20 10.79 48.61
C GLU A 320 -46.85 9.63 47.69
N ASN A 321 -47.51 9.53 46.54
CA ASN A 321 -47.25 8.47 45.57
C ASN A 321 -46.07 8.90 44.70
N ARG A 322 -44.87 8.76 45.26
CA ARG A 322 -43.63 9.13 44.59
C ARG A 322 -42.85 7.87 44.23
N ARG A 323 -42.40 7.80 42.98
CA ARG A 323 -41.63 6.67 42.49
C ARG A 323 -40.19 7.10 42.28
N VAL A 324 -39.25 6.32 42.82
CA VAL A 324 -37.83 6.61 42.73
C VAL A 324 -37.15 5.47 41.99
N THR A 325 -36.39 5.80 40.96
CA THR A 325 -35.67 4.82 40.16
C THR A 325 -34.19 4.84 40.52
N LYS A 326 -33.58 3.67 40.45
CA LYS A 326 -32.15 3.52 40.78
C LYS A 326 -31.32 4.16 39.68
N SER A 327 -30.79 5.34 39.96
CA SER A 327 -29.97 6.07 39.01
C SER A 327 -28.51 5.65 39.12
N ASP A 328 -27.73 6.00 38.11
CA ASP A 328 -26.31 5.68 38.11
C ASP A 328 -25.59 6.55 39.14
N PRO A 329 -24.82 5.94 40.06
CA PRO A 329 -24.09 6.76 41.04
C PRO A 329 -23.09 7.73 40.42
N ASN A 330 -22.47 7.35 39.29
CA ASN A 330 -21.51 8.22 38.63
C ASN A 330 -22.16 9.38 37.88
N GLN A 331 -23.47 9.32 37.65
CA GLN A 331 -24.15 10.40 36.94
C GLN A 331 -24.18 11.67 37.79
N HIS A 332 -24.07 12.80 37.12
CA HIS A 332 -24.08 14.11 37.77
C HIS A 332 -25.25 14.93 37.25
N LEU A 333 -25.78 15.79 38.13
CA LEU A 333 -26.92 16.64 37.78
C LEU A 333 -26.43 17.77 36.89
N THR A 334 -26.86 17.78 35.63
CA THR A 334 -26.48 18.81 34.68
C THR A 334 -27.71 19.25 33.89
N ILE A 335 -27.65 20.47 33.39
CA ILE A 335 -28.73 21.06 32.61
C ILE A 335 -28.24 21.25 31.18
N ILE A 336 -28.94 20.66 30.23
CA ILE A 336 -28.60 20.74 28.81
C ILE A 336 -29.84 21.13 28.02
N GLN A 337 -29.60 21.65 26.82
CA GLN A 337 -30.66 22.07 25.90
C GLN A 337 -31.60 23.08 26.58
N ASP A 338 -31.00 24.07 27.24
CA ASP A 338 -31.80 25.10 27.90
C ASP A 338 -32.67 25.89 26.94
N PRO A 339 -32.18 26.39 25.80
CA PRO A 339 -33.07 27.11 24.88
C PRO A 339 -33.92 26.21 23.99
N GLU A 340 -33.84 24.90 24.15
CA GLU A 340 -34.64 24.00 23.33
C GLU A 340 -36.13 24.17 23.61
N TYR A 341 -36.50 24.34 24.88
CA TYR A 341 -37.88 24.51 25.28
C TYR A 341 -38.14 25.98 25.60
N ARG A 342 -39.23 26.52 25.06
CA ARG A 342 -39.57 27.92 25.28
C ARG A 342 -40.04 28.13 26.73
N ARG A 343 -39.96 29.39 27.16
CA ARG A 343 -40.37 29.74 28.50
C ARG A 343 -41.89 29.66 28.63
N PHE A 344 -42.36 29.71 29.88
CA PHE A 344 -43.79 29.63 30.21
C PHE A 344 -44.41 28.36 29.66
N GLY A 345 -43.93 27.22 30.17
CA GLY A 345 -44.40 25.93 29.73
C GLY A 345 -43.31 24.90 29.59
N CYS A 346 -42.07 25.31 29.88
CA CYS A 346 -40.93 24.40 29.80
C CYS A 346 -41.04 23.32 30.87
N THR A 347 -40.62 22.10 30.51
CA THR A 347 -40.66 20.96 31.41
C THR A 347 -39.25 20.46 31.66
N VAL A 348 -38.93 20.20 32.93
CA VAL A 348 -37.62 19.72 33.34
C VAL A 348 -37.82 18.51 34.25
N ASP A 349 -36.76 17.70 34.36
CA ASP A 349 -36.79 16.49 35.17
C ASP A 349 -36.11 16.76 36.51
N MET A 350 -36.86 16.59 37.60
CA MET A 350 -36.34 16.78 38.95
C MET A 350 -35.84 15.50 39.59
N ASN A 351 -36.09 14.34 38.96
CA ASN A 351 -35.70 13.06 39.56
C ASN A 351 -34.20 12.95 39.77
N ILE A 352 -33.40 13.62 38.93
CA ILE A 352 -31.95 13.59 39.12
C ILE A 352 -31.58 14.25 40.45
N ALA A 353 -32.18 15.41 40.75
CA ALA A 353 -31.92 16.08 42.01
C ALA A 353 -32.42 15.24 43.19
N LEU A 354 -33.58 14.60 43.04
CA LEU A 354 -34.12 13.76 44.10
C LEU A 354 -33.18 12.58 44.39
N THR A 355 -32.63 11.97 43.35
CA THR A 355 -31.69 10.86 43.56
C THR A 355 -30.36 11.35 44.11
N THR A 356 -29.94 12.57 43.75
CA THR A 356 -28.66 13.07 44.21
C THR A 356 -28.62 13.26 45.73
N PHE A 357 -29.69 13.82 46.29
CA PHE A 357 -29.76 14.11 47.73
C PHE A 357 -30.86 13.25 48.35
N ILE A 358 -30.50 12.49 49.37
CA ILE A 358 -31.43 11.60 50.06
C ILE A 358 -31.88 12.30 51.35
N PRO A 359 -33.16 12.63 51.49
CA PRO A 359 -33.61 13.28 52.73
C PRO A 359 -33.47 12.35 53.92
N HIS A 360 -33.19 12.95 55.09
CA HIS A 360 -33.04 12.18 56.30
C HIS A 360 -34.33 11.47 56.69
N ASP A 361 -35.45 12.18 56.61
CA ASP A 361 -36.75 11.63 56.97
C ASP A 361 -37.83 12.39 56.21
N LYS A 362 -39.09 12.18 56.60
CA LYS A 362 -40.22 12.85 55.98
C LYS A 362 -40.66 14.11 56.72
N GLY A 363 -39.93 14.50 57.77
CA GLY A 363 -40.28 15.67 58.54
C GLY A 363 -40.04 16.96 57.77
N PRO A 364 -40.68 18.04 58.21
CA PRO A 364 -40.50 19.33 57.53
C PRO A 364 -39.05 19.82 57.54
N ALA A 365 -38.30 19.52 58.61
CA ALA A 365 -36.90 19.95 58.66
C ALA A 365 -36.08 19.29 57.56
N ALA A 366 -36.29 17.98 57.33
CA ALA A 366 -35.56 17.29 56.29
C ALA A 366 -35.91 17.84 54.91
N ILE A 367 -37.20 18.13 54.67
CA ILE A 367 -37.61 18.70 53.39
C ILE A 367 -36.99 20.07 53.18
N GLU A 368 -36.97 20.90 54.24
CA GLU A 368 -36.35 22.21 54.13
C GLU A 368 -34.86 22.11 53.84
N GLU A 369 -34.17 21.18 54.53
CA GLU A 369 -32.75 20.99 54.28
C GLU A 369 -32.50 20.53 52.85
N CYS A 370 -33.32 19.60 52.35
CA CYS A 370 -33.15 19.11 50.99
C CYS A 370 -33.39 20.22 49.97
N CYS A 371 -34.44 21.03 50.17
CA CYS A 371 -34.71 22.11 49.23
C CYS A 371 -33.62 23.17 49.27
N ASN A 372 -33.10 23.48 50.45
CA ASN A 372 -31.99 24.43 50.56
C ASN A 372 -30.74 23.90 49.85
N TRP A 373 -30.45 22.61 50.03
CA TRP A 373 -29.30 22.02 49.35
C TRP A 373 -29.48 22.05 47.84
N PHE A 374 -30.69 21.74 47.36
CA PHE A 374 -30.94 21.79 45.93
C PHE A 374 -30.80 23.20 45.37
N HIS A 375 -31.30 24.19 46.12
CA HIS A 375 -31.16 25.59 45.69
C HIS A 375 -29.70 26.00 45.65
N LYS A 376 -28.92 25.61 46.66
CA LYS A 376 -27.50 25.94 46.66
C LYS A 376 -26.78 25.28 45.49
N ARG A 377 -27.11 24.01 45.22
CA ARG A 377 -26.47 23.31 44.10
C ARG A 377 -26.82 23.96 42.77
N MET A 378 -28.09 24.35 42.58
CA MET A 378 -28.48 24.98 41.32
C MET A 378 -27.86 26.36 41.18
N GLU A 379 -27.72 27.10 42.29
CA GLU A 379 -27.04 28.39 42.24
C GLU A 379 -25.57 28.22 41.88
N GLU A 380 -24.91 27.22 42.46
CA GLU A 380 -23.51 26.96 42.12
C GLU A 380 -23.37 26.57 40.65
N LEU A 381 -24.28 25.74 40.15
CA LEU A 381 -24.24 25.35 38.75
C LEU A 381 -24.44 26.55 37.83
N ASN A 382 -25.39 27.43 38.17
CA ASN A 382 -25.62 28.62 37.37
C ASN A 382 -24.40 29.54 37.39
N SER A 383 -23.77 29.70 38.56
CA SER A 383 -22.57 30.52 38.64
C SER A 383 -21.44 29.94 37.81
N GLU A 384 -21.26 28.62 37.87
CA GLU A 384 -20.23 27.98 37.07
C GLU A 384 -20.49 28.14 35.58
N LYS A 385 -21.75 28.00 35.16
CA LYS A 385 -22.09 28.18 33.75
C LYS A 385 -21.85 29.62 33.31
N HIS A 386 -22.21 30.58 34.16
CA HIS A 386 -21.96 31.99 33.83
C HIS A 386 -20.47 32.27 33.70
N ARG A 387 -19.67 31.73 34.63
CA ARG A 387 -18.22 31.92 34.55
C ARG A 387 -17.65 31.28 33.29
N LEU A 388 -18.14 30.09 32.92
CA LEU A 388 -17.66 29.43 31.72
C LEU A 388 -18.02 30.21 30.46
N ILE A 389 -19.24 30.75 30.39
CA ILE A 389 -19.65 31.48 29.19
C ILE A 389 -19.09 32.89 29.14
N ASN A 390 -18.66 33.45 30.28
CA ASN A 390 -18.06 34.78 30.27
C ASN A 390 -16.78 34.80 29.44
N TYR A 391 -15.93 33.77 29.60
CA TYR A 391 -14.70 33.70 28.82
C TYR A 391 -15.00 33.57 27.33
N HIS A 392 -15.99 32.76 26.97
CA HIS A 392 -16.36 32.62 25.57
C HIS A 392 -16.88 33.94 25.00
N GLN A 393 -17.70 34.65 25.77
CA GLN A 393 -18.22 35.94 25.31
C GLN A 393 -17.08 36.95 25.13
N GLU A 394 -16.14 36.98 26.08
CA GLU A 394 -15.00 37.89 25.96
C GLU A 394 -14.15 37.54 24.74
N GLN A 395 -13.91 36.25 24.50
CA GLN A 395 -13.14 35.85 23.33
C GLN A 395 -13.85 36.23 22.04
N ALA A 396 -15.17 36.03 21.98
CA ALA A 396 -15.91 36.42 20.79
C ALA A 396 -15.88 37.92 20.56
N VAL A 397 -16.00 38.71 21.64
CA VAL A 397 -15.94 40.16 21.52
C VAL A 397 -14.58 40.60 21.02
N ASN A 398 -13.51 40.01 21.57
CA ASN A 398 -12.16 40.34 21.13
C ASN A 398 -11.95 39.98 19.67
N CYS A 399 -12.44 38.80 19.25
CA CYS A 399 -12.31 38.40 17.86
C CYS A 399 -13.06 39.33 16.93
N LEU A 400 -14.27 39.73 17.30
CA LEU A 400 -15.05 40.67 16.49
C LEU A 400 -14.34 42.02 16.39
N LEU A 401 -13.79 42.50 17.52
CA LEU A 401 -13.07 43.77 17.50
C LEU A 401 -11.84 43.68 16.60
N GLY A 402 -11.09 42.59 16.69
CA GLY A 402 -9.94 42.42 15.82
C GLY A 402 -10.32 42.36 14.35
N ASN A 403 -11.41 41.64 14.04
CA ASN A 403 -11.86 41.54 12.66
C ASN A 403 -12.29 42.90 12.11
N VAL A 404 -13.04 43.67 12.91
CA VAL A 404 -13.48 44.98 12.44
C VAL A 404 -12.30 45.94 12.31
N PHE A 405 -11.31 45.83 13.21
CA PHE A 405 -10.11 46.66 13.08
C PHE A 405 -9.33 46.32 11.81
N TYR A 406 -9.20 45.03 11.51
CA TYR A 406 -8.51 44.62 10.29
C TYR A 406 -9.28 45.09 9.05
N GLU A 407 -10.60 44.98 9.07
CA GLU A 407 -11.41 45.41 7.93
C GLU A 407 -11.31 46.92 7.73
N ARG A 408 -11.34 47.69 8.81
CA ARG A 408 -11.30 49.14 8.69
C ARG A 408 -9.90 49.64 8.35
N LEU A 409 -8.86 48.83 8.57
CA LEU A 409 -7.48 49.21 8.32
C LEU A 409 -6.81 48.19 7.41
N ALA A 410 -7.48 47.82 6.34
CA ALA A 410 -6.97 46.86 5.37
C ALA A 410 -6.33 47.61 4.20
N GLY A 411 -5.04 47.35 3.98
CA GLY A 411 -4.36 48.00 2.87
C GLY A 411 -4.89 47.56 1.51
N HIS A 412 -5.16 46.27 1.36
CA HIS A 412 -5.67 45.72 0.11
C HIS A 412 -7.19 45.67 0.06
N GLY A 413 -7.88 46.16 1.10
CA GLY A 413 -9.32 46.13 1.13
C GLY A 413 -9.93 47.21 0.26
N PRO A 414 -11.26 47.16 0.16
CA PRO A 414 -11.96 48.18 -0.66
C PRO A 414 -11.74 49.60 -0.17
N LYS A 415 -11.59 49.81 1.13
CA LYS A 415 -11.38 51.13 1.73
C LYS A 415 -12.50 52.08 1.34
N LEU A 416 -13.72 51.72 1.76
CA LEU A 416 -14.89 52.53 1.47
C LEU A 416 -14.79 53.90 2.15
N GLY A 417 -14.34 53.93 3.39
CA GLY A 417 -14.19 55.17 4.12
C GLY A 417 -15.30 55.37 5.13
N PRO A 418 -16.08 56.44 4.97
CA PRO A 418 -17.17 56.72 5.90
C PRO A 418 -18.23 55.63 5.87
N VAL A 419 -18.86 55.41 7.01
CA VAL A 419 -19.91 54.40 7.13
C VAL A 419 -21.23 55.00 6.66
N THR A 420 -21.89 54.31 5.72
CA THR A 420 -23.15 54.75 5.17
C THR A 420 -24.18 53.63 5.29
N ARG A 421 -25.44 53.98 5.03
CA ARG A 421 -26.51 52.98 5.08
C ARG A 421 -26.33 51.91 4.01
N LYS A 422 -25.91 52.33 2.80
CA LYS A 422 -25.73 51.37 1.72
C LYS A 422 -24.57 50.41 2.00
N HIS A 423 -23.55 50.88 2.71
CA HIS A 423 -22.37 50.07 3.04
C HIS A 423 -22.17 50.10 4.55
N PRO A 424 -22.93 49.29 5.30
CA PRO A 424 -22.76 49.27 6.75
C PRO A 424 -21.42 48.70 7.16
N LEU A 425 -20.94 49.14 8.32
CA LEU A 425 -19.66 48.64 8.82
C LEU A 425 -19.70 47.15 9.12
N VAL A 426 -20.82 46.67 9.68
CA VAL A 426 -21.01 45.27 10.00
C VAL A 426 -22.22 44.76 9.23
N THR A 427 -22.03 43.69 8.46
CA THR A 427 -23.13 43.10 7.71
C THR A 427 -24.14 42.48 8.65
N ARG A 428 -25.42 42.66 8.33
CA ARG A 428 -26.49 42.10 9.15
C ARG A 428 -26.50 40.58 9.04
N TYR A 429 -26.54 39.91 10.19
CA TYR A 429 -26.57 38.44 10.19
C TYR A 429 -27.90 37.91 9.65
N PHE A 430 -28.99 38.58 9.99
CA PHE A 430 -30.32 38.14 9.59
C PHE A 430 -31.10 39.32 9.02
N THR A 431 -32.08 39.02 8.18
CA THR A 431 -32.93 40.01 7.55
C THR A 431 -34.31 39.99 8.18
N PHE A 432 -34.80 41.18 8.54
CA PHE A 432 -36.12 41.33 9.16
C PHE A 432 -36.90 42.39 8.39
N PRO A 433 -37.62 42.00 7.35
CA PRO A 433 -38.41 42.98 6.58
C PRO A 433 -39.45 43.70 7.41
N PHE A 434 -40.01 43.05 8.43
CA PHE A 434 -41.02 43.67 9.26
C PHE A 434 -40.38 44.70 10.19
N GLU A 435 -41.23 45.48 10.85
CA GLU A 435 -40.75 46.52 11.75
C GLU A 435 -40.06 45.91 12.96
N GLU A 436 -39.02 46.60 13.42
CA GLU A 436 -38.25 46.14 14.57
C GLU A 436 -39.05 46.33 15.86
N ILE A 437 -38.64 45.60 16.90
CA ILE A 437 -39.30 45.70 18.20
C ILE A 437 -38.92 47.01 18.87
N ASP A 438 -39.92 47.76 19.30
CA ASP A 438 -39.71 49.05 19.94
C ASP A 438 -40.13 49.06 21.41
N PHE A 439 -41.38 48.74 21.71
CA PHE A 439 -41.88 48.86 23.08
C PHE A 439 -42.33 47.52 23.67
N SER A 440 -43.34 46.86 23.10
CA SER A 440 -43.94 45.72 23.76
C SER A 440 -44.34 44.57 22.84
N MET A 441 -44.04 44.63 21.55
CA MET A 441 -44.48 43.58 20.63
C MET A 441 -43.52 42.40 20.55
N GLU A 442 -42.46 42.38 21.37
CA GLU A 442 -41.57 41.23 21.39
C GLU A 442 -42.30 39.97 21.82
N GLU A 443 -43.16 40.08 22.83
CA GLU A 443 -43.92 38.92 23.31
C GLU A 443 -44.84 38.38 22.21
N SER A 444 -45.52 39.28 21.49
CA SER A 444 -46.38 38.85 20.39
C SER A 444 -45.57 38.21 19.28
N MET A 445 -44.39 38.78 18.98
CA MET A 445 -43.54 38.21 17.94
C MET A 445 -43.07 36.81 18.31
N ILE A 446 -42.72 36.59 19.58
CA ILE A 446 -42.25 35.28 20.02
C ILE A 446 -43.37 34.25 19.89
N HIS A 447 -44.58 34.61 20.33
CA HIS A 447 -45.72 33.70 20.28
C HIS A 447 -46.52 33.91 19.00
N LEU A 448 -45.86 33.70 17.87
CA LEU A 448 -46.51 33.82 16.57
C LEU A 448 -45.76 32.99 15.52
N PRO A 449 -45.99 31.68 15.47
CA PRO A 449 -45.29 30.86 14.46
C PRO A 449 -45.61 31.26 13.03
N ASN A 450 -46.81 31.75 12.77
CA ASN A 450 -47.20 32.10 11.40
C ASN A 450 -46.32 33.21 10.85
N LYS A 451 -46.07 34.25 11.64
CA LYS A 451 -45.21 35.34 11.19
C LYS A 451 -43.74 34.94 11.22
N ALA A 452 -43.33 34.09 12.17
CA ALA A 452 -41.94 33.65 12.24
C ALA A 452 -41.58 32.69 11.11
N CYS A 453 -42.57 32.06 10.49
CA CYS A 453 -42.28 31.16 9.37
C CYS A 453 -41.71 31.93 8.18
N PHE A 454 -42.22 33.14 7.94
CA PHE A 454 -41.76 33.94 6.80
C PHE A 454 -40.35 34.49 7.00
N LEU A 455 -39.78 34.36 8.19
CA LEU A 455 -38.43 34.87 8.45
C LEU A 455 -37.41 34.18 7.57
N MET A 456 -36.44 34.95 7.08
CA MET A 456 -35.38 34.43 6.22
C MET A 456 -34.05 34.48 6.97
N ALA A 457 -33.11 33.66 6.50
CA ALA A 457 -31.80 33.55 7.12
C ALA A 457 -30.72 33.53 6.05
N HIS A 458 -29.51 33.91 6.44
CA HIS A 458 -28.36 33.93 5.55
C HIS A 458 -27.40 32.80 5.91
N ASN A 459 -26.32 32.70 5.12
CA ASN A 459 -25.31 31.67 5.33
C ASN A 459 -23.93 32.30 5.22
N GLY A 460 -22.96 31.67 5.88
CA GLY A 460 -21.60 32.16 5.85
C GLY A 460 -20.63 31.07 6.28
N TRP A 461 -19.34 31.39 6.14
CA TRP A 461 -18.28 30.46 6.49
C TRP A 461 -17.20 31.21 7.27
N VAL A 462 -16.50 30.48 8.13
CA VAL A 462 -15.42 31.02 8.96
C VAL A 462 -14.16 30.24 8.66
N MET A 463 -13.07 30.95 8.36
CA MET A 463 -11.79 30.32 8.06
C MET A 463 -10.97 30.08 9.32
N GLY A 464 -11.57 29.41 10.30
CA GLY A 464 -10.89 29.11 11.54
C GLY A 464 -11.19 27.71 12.06
N ASP A 465 -11.98 26.96 11.31
CA ASP A 465 -12.36 25.61 11.71
C ASP A 465 -12.75 24.82 10.47
N ASP A 466 -12.77 23.51 10.61
CA ASP A 466 -13.14 22.64 9.50
C ASP A 466 -14.62 22.77 9.20
N PRO A 467 -15.01 23.08 7.97
CA PRO A 467 -16.43 23.22 7.63
C PRO A 467 -17.16 21.91 7.38
N LEU A 468 -16.51 20.77 7.60
CA LEU A 468 -17.16 19.48 7.36
C LEU A 468 -18.29 19.21 8.35
N ARG A 469 -18.27 19.83 9.52
CA ARG A 469 -19.32 19.63 10.50
C ARG A 469 -20.63 20.22 10.01
N ASN A 470 -21.72 19.50 10.24
CA ASN A 470 -23.04 19.96 9.83
C ASN A 470 -23.47 21.16 10.66
N PHE A 471 -24.04 22.16 9.99
CA PHE A 471 -24.51 23.38 10.64
C PHE A 471 -25.97 23.30 11.06
N ALA A 472 -26.67 22.21 10.74
CA ALA A 472 -28.07 22.05 11.09
C ALA A 472 -28.27 21.30 12.40
N GLU A 473 -27.20 20.95 13.10
CA GLU A 473 -27.34 20.23 14.36
C GLU A 473 -27.97 21.14 15.41
N PRO A 474 -28.78 20.59 16.31
CA PRO A 474 -29.40 21.42 17.36
C PRO A 474 -28.35 21.96 18.31
N GLY A 475 -28.64 23.14 18.86
CA GLY A 475 -27.72 23.80 19.78
C GLY A 475 -26.42 24.23 19.14
N SER A 476 -26.49 24.80 17.94
CA SER A 476 -25.28 25.26 17.25
C SER A 476 -24.66 26.44 18.00
N GLU A 477 -23.33 26.40 18.11
CA GLU A 477 -22.59 27.45 18.80
C GLU A 477 -21.67 28.25 17.90
N VAL A 478 -21.59 27.90 16.61
CA VAL A 478 -20.71 28.64 15.70
C VAL A 478 -21.23 30.06 15.50
N TYR A 479 -22.56 30.23 15.43
CA TYR A 479 -23.12 31.56 15.25
C TYR A 479 -22.88 32.45 16.47
N LEU A 480 -22.74 31.85 17.66
CA LEU A 480 -22.49 32.64 18.86
C LEU A 480 -21.09 33.22 18.89
N ARG A 481 -20.18 32.72 18.06
CA ARG A 481 -18.81 33.24 18.05
C ARG A 481 -18.73 34.65 17.47
N ARG A 482 -19.77 35.10 16.78
CA ARG A 482 -19.82 36.44 16.17
C ARG A 482 -18.68 36.64 15.17
N GLU A 483 -18.28 35.56 14.48
CA GLU A 483 -17.25 35.63 13.46
C GLU A 483 -17.77 35.28 12.07
N LEU A 484 -19.08 35.05 11.91
CA LEU A 484 -19.63 34.69 10.62
C LEU A 484 -19.59 35.88 9.66
N ILE A 485 -19.24 35.61 8.41
CA ILE A 485 -19.24 36.60 7.36
C ILE A 485 -20.22 36.16 6.29
N CYS A 486 -21.20 37.01 5.99
CA CYS A 486 -22.26 36.70 5.04
C CYS A 486 -22.46 37.85 4.09
N TRP A 487 -22.94 37.54 2.89
CA TRP A 487 -23.23 38.54 1.87
C TRP A 487 -24.60 39.16 2.13
N GLY A 488 -24.88 40.24 1.40
CA GLY A 488 -26.14 40.95 1.52
C GLY A 488 -27.31 40.33 0.78
N ASP A 489 -27.06 39.28 0.00
CA ASP A 489 -28.12 38.63 -0.76
C ASP A 489 -28.17 37.11 -0.61
N SER A 490 -27.09 36.48 -0.13
CA SER A 490 -27.08 35.03 0.02
C SER A 490 -28.04 34.59 1.13
N VAL A 491 -28.77 33.52 0.88
CA VAL A 491 -29.75 32.97 1.81
C VAL A 491 -29.44 31.49 2.01
N LYS A 492 -29.37 31.07 3.27
CA LYS A 492 -29.09 29.67 3.57
C LYS A 492 -30.24 28.78 3.11
N LEU A 493 -29.89 27.60 2.61
CA LEU A 493 -30.86 26.63 2.13
C LEU A 493 -30.83 25.40 3.05
N ARG A 494 -32.01 25.00 3.52
CA ARG A 494 -32.15 23.86 4.42
C ARG A 494 -32.80 22.70 3.67
N TYR A 495 -32.19 21.51 3.79
CA TYR A 495 -32.70 20.32 3.13
C TYR A 495 -33.24 19.28 4.09
N GLY A 496 -32.90 19.36 5.38
CA GLY A 496 -33.37 18.43 6.37
C GLY A 496 -32.50 17.19 6.46
N ASN A 497 -32.78 16.37 7.48
CA ASN A 497 -32.03 15.15 7.69
C ASN A 497 -32.28 14.14 6.57
N LYS A 498 -33.52 14.04 6.10
CA LYS A 498 -33.89 13.10 5.06
C LYS A 498 -34.66 13.81 3.96
N PRO A 499 -34.55 13.33 2.72
CA PRO A 499 -35.30 13.95 1.63
C PRO A 499 -36.81 13.83 1.76
N GLU A 500 -37.30 12.90 2.58
CA GLU A 500 -38.73 12.67 2.71
C GLU A 500 -39.45 13.83 3.40
N ASP A 501 -38.72 14.76 4.03
CA ASP A 501 -39.37 15.88 4.69
C ASP A 501 -40.10 16.77 3.68
N CYS A 502 -39.45 17.07 2.56
CA CYS A 502 -40.04 17.89 1.49
C CYS A 502 -39.84 17.16 0.16
N PRO A 503 -40.63 16.11 -0.10
CA PRO A 503 -40.44 15.35 -1.35
C PRO A 503 -40.62 16.20 -2.60
N TYR A 504 -41.58 17.13 -2.59
CA TYR A 504 -41.80 17.95 -3.77
C TYR A 504 -40.63 18.90 -4.05
N LEU A 505 -40.08 19.50 -3.00
CA LEU A 505 -38.92 20.38 -3.18
C LEU A 505 -37.71 19.60 -3.68
N TRP A 506 -37.48 18.41 -3.12
CA TRP A 506 -36.37 17.58 -3.57
C TRP A 506 -36.56 17.16 -5.02
N ALA A 507 -37.79 16.81 -5.41
CA ALA A 507 -38.06 16.43 -6.79
C ALA A 507 -37.83 17.61 -7.74
N HIS A 508 -38.29 18.80 -7.35
CA HIS A 508 -38.09 19.98 -8.18
C HIS A 508 -36.60 20.30 -8.34
N MET A 509 -35.85 20.21 -7.24
CA MET A 509 -34.41 20.48 -7.32
C MET A 509 -33.69 19.44 -8.16
N LYS A 510 -34.10 18.17 -8.05
CA LYS A 510 -33.52 17.13 -8.88
C LYS A 510 -33.82 17.37 -10.36
N LYS A 511 -35.04 17.79 -10.67
CA LYS A 511 -35.39 18.09 -12.06
C LYS A 511 -34.58 19.28 -12.57
N TYR A 512 -34.36 20.29 -11.72
CA TYR A 512 -33.54 21.42 -12.14
C TYR A 512 -32.10 20.98 -12.40
N THR A 513 -31.54 20.14 -11.52
CA THR A 513 -30.18 19.66 -11.71
C THR A 513 -30.05 18.82 -12.97
N GLU A 514 -31.04 17.97 -13.24
CA GLU A 514 -30.97 17.14 -14.45
C GLU A 514 -31.16 17.98 -15.70
N ILE A 515 -31.99 19.04 -15.64
CA ILE A 515 -32.11 19.95 -16.78
C ILE A 515 -30.79 20.66 -17.04
N THR A 516 -30.11 21.11 -15.97
CA THR A 516 -28.81 21.72 -16.13
C THR A 516 -27.80 20.73 -16.71
N ALA A 517 -27.83 19.49 -16.24
CA ALA A 517 -26.89 18.48 -16.74
C ALA A 517 -27.12 18.18 -18.22
N THR A 518 -28.39 18.05 -18.63
CA THR A 518 -28.67 17.76 -20.03
C THR A 518 -28.52 18.98 -20.92
N TYR A 519 -28.49 20.19 -20.34
CA TYR A 519 -28.24 21.39 -21.13
C TYR A 519 -26.76 21.75 -21.19
N PHE A 520 -26.00 21.50 -20.12
CA PHE A 520 -24.56 21.76 -20.08
C PHE A 520 -23.85 20.48 -19.67
N GLN A 521 -22.95 20.01 -20.53
CA GLN A 521 -22.25 18.76 -20.25
C GLN A 521 -21.37 18.86 -19.00
N GLY A 522 -20.64 19.96 -18.86
CA GLY A 522 -19.78 20.13 -17.72
C GLY A 522 -20.51 20.58 -16.48
N VAL A 523 -19.79 20.53 -15.35
CA VAL A 523 -20.33 20.97 -14.06
C VAL A 523 -19.15 21.31 -13.16
N ARG A 524 -19.41 22.14 -12.16
CA ARG A 524 -18.40 22.55 -11.20
C ARG A 524 -19.02 22.67 -9.82
N LEU A 525 -18.17 22.55 -8.80
CA LEU A 525 -18.59 22.63 -7.41
C LEU A 525 -17.92 23.82 -6.74
N ASP A 526 -18.72 24.65 -6.09
CA ASP A 526 -18.23 25.82 -5.36
C ASP A 526 -18.59 25.69 -3.90
N ASN A 527 -17.60 25.88 -3.03
CA ASN A 527 -17.79 25.75 -1.57
C ASN A 527 -18.38 24.40 -1.21
N CYS A 528 -17.85 23.34 -1.81
CA CYS A 528 -18.36 21.99 -1.56
C CYS A 528 -18.06 21.51 -0.14
N HIS A 529 -17.11 22.15 0.56
CA HIS A 529 -16.76 21.74 1.91
C HIS A 529 -17.77 22.20 2.95
N SER A 530 -18.71 23.08 2.59
CA SER A 530 -19.71 23.57 3.53
C SER A 530 -21.08 22.96 3.33
N THR A 531 -21.45 22.63 2.10
CA THR A 531 -22.76 22.04 1.84
C THR A 531 -22.82 20.63 2.42
N PRO A 532 -24.01 20.21 2.87
CA PRO A 532 -24.14 18.83 3.37
C PRO A 532 -23.84 17.81 2.29
N LEU A 533 -23.28 16.68 2.72
CA LEU A 533 -22.78 15.67 1.78
C LEU A 533 -23.91 14.88 1.13
N HIS A 534 -25.00 14.62 1.85
CA HIS A 534 -26.05 13.74 1.34
C HIS A 534 -26.72 14.33 0.11
N VAL A 535 -27.07 15.63 0.15
CA VAL A 535 -27.75 16.25 -0.98
C VAL A 535 -26.83 16.28 -2.21
N ALA A 536 -25.56 16.65 -2.02
CA ALA A 536 -24.63 16.67 -3.15
C ALA A 536 -24.43 15.28 -3.72
N GLU A 537 -24.34 14.27 -2.86
CA GLU A 537 -24.20 12.90 -3.34
C GLU A 537 -25.42 12.49 -4.16
N TYR A 538 -26.62 12.85 -3.68
CA TYR A 538 -27.84 12.52 -4.42
C TYR A 538 -27.87 13.20 -5.78
N MET A 539 -27.49 14.48 -5.83
CA MET A 539 -27.51 15.19 -7.11
C MET A 539 -26.48 14.63 -8.08
N LEU A 540 -25.28 14.30 -7.59
CA LEU A 540 -24.28 13.69 -8.48
C LEU A 540 -24.74 12.31 -8.96
N ASP A 541 -25.39 11.54 -8.09
CA ASP A 541 -25.91 10.24 -8.49
C ASP A 541 -26.96 10.41 -9.58
N ALA A 542 -27.87 11.37 -9.42
CA ALA A 542 -28.89 11.62 -10.44
C ALA A 542 -28.26 12.07 -11.75
N ALA A 543 -27.26 12.94 -11.68
CA ALA A 543 -26.59 13.41 -12.90
C ALA A 543 -25.89 12.27 -13.61
N ARG A 544 -25.22 11.39 -12.85
CA ARG A 544 -24.57 10.23 -13.46
C ARG A 544 -25.58 9.29 -14.08
N ASN A 545 -26.74 9.10 -13.43
CA ASN A 545 -27.78 8.25 -13.98
C ASN A 545 -28.31 8.82 -15.29
N LEU A 546 -28.57 10.13 -15.32
CA LEU A 546 -29.07 10.75 -16.54
C LEU A 546 -27.97 10.83 -17.60
N GLN A 547 -26.79 11.29 -17.21
CA GLN A 547 -25.67 11.44 -18.14
C GLN A 547 -24.58 10.44 -17.81
N PRO A 548 -24.33 9.45 -18.67
CA PRO A 548 -23.28 8.47 -18.38
C PRO A 548 -21.89 9.08 -18.22
N ASN A 549 -21.60 10.16 -18.95
CA ASN A 549 -20.31 10.83 -18.87
C ASN A 549 -20.52 12.23 -18.31
N LEU A 550 -19.79 12.56 -17.25
CA LEU A 550 -19.88 13.87 -16.63
C LEU A 550 -18.52 14.24 -16.05
N TYR A 551 -18.18 15.52 -16.14
CA TYR A 551 -16.91 16.04 -15.64
C TYR A 551 -17.16 16.91 -14.42
N VAL A 552 -16.49 16.59 -13.32
CA VAL A 552 -16.65 17.30 -12.05
C VAL A 552 -15.31 17.91 -11.67
N VAL A 553 -15.29 19.21 -11.43
CA VAL A 553 -14.10 19.93 -11.03
C VAL A 553 -14.39 20.67 -9.73
N ALA A 554 -13.53 20.49 -8.73
CA ALA A 554 -13.71 21.15 -7.45
C ALA A 554 -12.35 21.43 -6.84
N GLU A 555 -12.31 22.39 -5.91
CA GLU A 555 -11.08 22.78 -5.23
C GLU A 555 -11.36 22.94 -3.75
N LEU A 556 -10.35 22.67 -2.93
CA LEU A 556 -10.44 22.81 -1.48
C LEU A 556 -9.19 23.46 -0.95
N PHE A 557 -9.31 24.08 0.22
CA PHE A 557 -8.19 24.76 0.89
C PHE A 557 -7.94 24.17 2.27
N THR A 558 -8.15 22.86 2.43
CA THR A 558 -7.94 22.21 3.71
C THR A 558 -6.47 22.07 4.08
N GLY A 559 -5.56 22.27 3.12
CA GLY A 559 -4.14 22.17 3.40
C GLY A 559 -3.61 20.76 3.25
N SER A 560 -3.96 19.87 4.18
CA SER A 560 -3.52 18.49 4.12
C SER A 560 -4.26 17.75 3.00
N GLU A 561 -3.61 16.72 2.46
CA GLU A 561 -4.17 15.96 1.36
C GLU A 561 -5.15 14.88 1.81
N ASP A 562 -5.24 14.61 3.12
CA ASP A 562 -6.15 13.57 3.59
C ASP A 562 -7.61 13.92 3.31
N LEU A 563 -8.00 15.16 3.59
CA LEU A 563 -9.38 15.59 3.35
C LEU A 563 -9.70 15.56 1.86
N ASP A 564 -8.76 16.03 1.02
CA ASP A 564 -8.98 16.00 -0.42
C ASP A 564 -9.12 14.56 -0.92
N ASN A 565 -8.27 13.66 -0.43
CA ASN A 565 -8.35 12.27 -0.85
C ASN A 565 -9.67 11.63 -0.42
N VAL A 566 -10.11 11.90 0.81
CA VAL A 566 -11.35 11.30 1.29
C VAL A 566 -12.55 11.87 0.53
N PHE A 567 -12.50 13.17 0.17
CA PHE A 567 -13.58 13.75 -0.62
C PHE A 567 -13.60 13.16 -2.02
N VAL A 568 -12.42 12.95 -2.62
CA VAL A 568 -12.36 12.33 -3.94
C VAL A 568 -12.92 10.91 -3.89
N THR A 569 -12.56 10.14 -2.87
CA THR A 569 -13.05 8.77 -2.76
C THR A 569 -14.57 8.74 -2.54
N ARG A 570 -15.09 9.65 -1.72
CA ARG A 570 -16.51 9.61 -1.39
C ARG A 570 -17.37 10.20 -2.50
N LEU A 571 -17.18 11.49 -2.80
CA LEU A 571 -18.03 12.14 -3.78
C LEU A 571 -17.71 11.67 -5.20
N GLY A 572 -16.42 11.58 -5.54
CA GLY A 572 -16.03 11.18 -6.87
C GLY A 572 -15.42 12.32 -7.67
N ILE A 573 -14.68 13.20 -7.00
CA ILE A 573 -14.05 14.32 -7.67
C ILE A 573 -12.90 13.82 -8.53
N SER A 574 -12.88 14.24 -9.80
CA SER A 574 -11.89 13.78 -10.75
C SER A 574 -10.79 14.79 -11.02
N SER A 575 -11.06 16.08 -10.86
CA SER A 575 -10.10 17.13 -11.14
C SER A 575 -10.02 18.09 -9.96
N LEU A 576 -8.82 18.64 -9.74
CA LEU A 576 -8.56 19.58 -8.67
C LEU A 576 -7.90 20.83 -9.22
N ILE A 577 -8.14 21.95 -8.55
CA ILE A 577 -7.59 23.25 -8.95
C ILE A 577 -6.67 23.73 -7.83
N ARG A 578 -5.42 24.03 -8.18
CA ARG A 578 -4.43 24.51 -7.23
C ARG A 578 -3.93 25.88 -7.66
N GLU A 579 -3.87 26.81 -6.71
CA GLU A 579 -3.42 28.16 -7.00
C GLU A 579 -1.90 28.22 -7.06
N ALA A 580 -1.39 28.91 -8.07
CA ALA A 580 0.05 29.07 -8.27
C ALA A 580 0.59 30.35 -7.64
N MET A 581 -0.25 31.12 -6.95
CA MET A 581 0.19 32.35 -6.32
C MET A 581 1.00 32.13 -5.04
N SER A 582 1.06 30.90 -4.55
CA SER A 582 1.82 30.59 -3.34
C SER A 582 3.33 30.66 -3.56
N ALA A 583 3.78 30.71 -4.80
CA ALA A 583 5.21 30.75 -5.12
C ALA A 583 5.67 32.20 -5.19
N TYR A 584 6.54 32.59 -4.26
CA TYR A 584 7.08 33.94 -4.21
C TYR A 584 8.49 34.04 -4.75
N ASN A 585 9.08 32.93 -5.19
CA ASN A 585 10.44 32.92 -5.72
C ASN A 585 10.59 31.71 -6.64
N SER A 586 11.81 31.50 -7.13
CA SER A 586 12.05 30.40 -8.07
C SER A 586 12.08 29.06 -7.35
N HIS A 587 12.56 29.03 -6.11
CA HIS A 587 12.68 27.76 -5.38
C HIS A 587 11.31 27.15 -5.12
N GLU A 588 10.37 27.95 -4.61
CA GLU A 588 9.04 27.43 -4.31
C GLU A 588 8.30 27.05 -5.60
N GLU A 589 8.47 27.83 -6.66
CA GLU A 589 7.84 27.49 -7.94
C GLU A 589 8.38 26.17 -8.48
N GLY A 590 9.70 25.98 -8.40
CA GLY A 590 10.28 24.72 -8.86
C GLY A 590 9.82 23.54 -8.01
N ARG A 591 9.73 23.73 -6.69
CA ARG A 591 9.24 22.66 -5.83
C ARG A 591 7.80 22.32 -6.15
N LEU A 592 6.96 23.33 -6.39
CA LEU A 592 5.57 23.08 -6.75
C LEU A 592 5.47 22.34 -8.09
N VAL A 593 6.29 22.74 -9.06
CA VAL A 593 6.28 22.07 -10.36
C VAL A 593 6.70 20.61 -10.22
N TYR A 594 7.76 20.36 -9.46
CA TYR A 594 8.26 18.99 -9.30
C TYR A 594 7.26 18.12 -8.55
N ARG A 595 6.67 18.65 -7.48
CA ARG A 595 5.76 17.85 -6.66
C ARG A 595 4.39 17.66 -7.28
N TYR A 596 3.99 18.52 -8.23
CA TYR A 596 2.67 18.40 -8.86
C TYR A 596 2.75 17.38 -9.99
N GLY A 597 2.82 16.11 -9.59
CA GLY A 597 2.86 15.02 -10.55
C GLY A 597 4.24 14.84 -11.16
N GLY A 598 4.30 13.89 -12.10
CA GLY A 598 5.53 13.59 -12.79
C GLY A 598 6.41 12.60 -12.03
N GLU A 599 7.43 12.11 -12.72
CA GLU A 599 8.38 11.16 -12.16
C GLU A 599 9.79 11.59 -12.54
N PRO A 600 10.78 11.25 -11.71
CA PRO A 600 12.17 11.57 -12.07
C PRO A 600 12.61 10.80 -13.31
N VAL A 601 13.54 11.41 -14.05
CA VAL A 601 14.03 10.79 -15.28
C VAL A 601 14.85 9.57 -14.93
N GLY A 602 14.49 8.43 -15.51
CA GLY A 602 15.19 7.18 -15.24
C GLY A 602 14.43 6.29 -14.28
N SER A 603 13.74 5.28 -14.80
CA SER A 603 12.97 4.38 -13.96
C SER A 603 12.82 3.04 -14.70
N PHE A 604 12.48 2.02 -13.93
CA PHE A 604 12.29 0.67 -14.48
C PHE A 604 10.88 0.55 -15.04
N VAL A 605 10.48 -0.67 -15.40
CA VAL A 605 9.16 -0.94 -15.94
C VAL A 605 8.38 -1.76 -14.93
N GLN A 606 7.17 -1.31 -14.61
CA GLN A 606 6.35 -2.01 -13.64
C GLN A 606 5.86 -3.33 -14.22
N PRO A 607 5.77 -4.39 -13.42
CA PRO A 607 5.26 -5.66 -13.93
C PRO A 607 3.78 -5.57 -14.27
N CYS A 608 3.36 -6.41 -15.22
CA CYS A 608 1.96 -6.45 -15.61
C CYS A 608 1.06 -6.86 -14.46
N LEU A 609 1.48 -7.86 -13.70
CA LEU A 609 0.73 -8.34 -12.53
C LEU A 609 1.43 -7.79 -11.28
N ARG A 610 0.94 -6.66 -10.79
CA ARG A 610 1.51 -6.00 -9.64
C ARG A 610 0.41 -5.65 -8.64
N PRO A 611 0.74 -5.61 -7.34
CA PRO A 611 -0.27 -5.22 -6.35
C PRO A 611 -0.67 -3.77 -6.50
N LEU A 612 -1.91 -3.48 -6.09
CA LEU A 612 -2.43 -2.12 -6.19
C LEU A 612 -1.69 -1.19 -5.25
N MET A 613 -1.45 0.03 -5.70
CA MET A 613 -0.75 1.05 -4.94
C MET A 613 -1.53 2.35 -4.96
N PRO A 614 -1.42 3.16 -3.92
CA PRO A 614 -2.10 4.47 -3.91
C PRO A 614 -1.58 5.37 -5.02
N ALA A 615 -2.48 6.19 -5.56
CA ALA A 615 -2.17 7.11 -6.64
C ALA A 615 -2.26 8.55 -6.15
N ILE A 616 -2.07 9.49 -7.07
CA ILE A 616 -2.10 10.91 -6.78
C ILE A 616 -3.23 11.54 -7.60
N ALA A 617 -4.08 12.32 -6.93
CA ALA A 617 -5.19 12.96 -7.61
C ALA A 617 -4.70 14.00 -8.60
N HIS A 618 -5.38 14.10 -9.73
CA HIS A 618 -5.00 15.08 -10.75
C HIS A 618 -5.26 16.50 -10.26
N ALA A 619 -4.41 17.42 -10.69
CA ALA A 619 -4.50 18.82 -10.30
C ALA A 619 -4.32 19.71 -11.53
N LEU A 620 -4.88 20.91 -11.44
CA LEU A 620 -4.81 21.90 -12.52
C LEU A 620 -3.86 23.02 -12.10
N PHE A 621 -2.93 23.37 -12.99
CA PHE A 621 -1.95 24.42 -12.71
C PHE A 621 -2.47 25.73 -13.30
N MET A 622 -3.44 26.31 -12.60
CA MET A 622 -4.00 27.59 -13.02
C MET A 622 -2.97 28.70 -12.85
N ASP A 623 -3.00 29.66 -13.78
CA ASP A 623 -2.05 30.77 -13.73
C ASP A 623 -2.48 31.82 -12.71
N ILE A 624 -3.65 32.42 -12.91
CA ILE A 624 -4.19 33.43 -12.01
C ILE A 624 -5.64 33.10 -11.72
N THR A 625 -6.16 33.69 -10.65
CA THR A 625 -7.53 33.50 -10.21
C THR A 625 -8.32 34.79 -10.41
N HIS A 626 -9.65 34.67 -10.31
CA HIS A 626 -10.54 35.80 -10.47
C HIS A 626 -10.92 36.44 -9.13
N ASP A 627 -10.37 35.96 -8.02
CA ASP A 627 -10.68 36.48 -6.69
C ASP A 627 -9.41 36.72 -5.90
N ASN A 628 -8.41 37.33 -6.53
CA ASN A 628 -7.16 37.64 -5.85
C ASN A 628 -6.50 38.82 -6.57
N GLU A 629 -5.50 39.39 -5.92
CA GLU A 629 -4.76 40.50 -6.51
C GLU A 629 -4.07 40.07 -7.80
N CYS A 630 -4.11 40.95 -8.80
CA CYS A 630 -3.49 40.65 -10.08
C CYS A 630 -1.98 40.63 -9.95
N PRO A 631 -1.30 39.63 -10.50
CA PRO A 631 0.18 39.64 -10.46
C PRO A 631 0.79 40.80 -11.24
N ILE A 632 0.05 41.39 -12.17
CA ILE A 632 0.61 42.46 -13.01
C ILE A 632 0.97 43.68 -12.17
N VAL A 633 0.05 44.11 -11.30
CA VAL A 633 0.32 45.27 -10.45
C VAL A 633 1.35 45.00 -9.37
N HIS A 634 1.30 43.83 -8.72
CA HIS A 634 2.23 43.48 -7.65
C HIS A 634 3.64 43.20 -8.17
N ARG A 635 3.77 42.42 -9.25
CA ARG A 635 5.05 42.03 -9.79
C ARG A 635 5.33 42.81 -11.08
N SER A 636 6.44 42.46 -11.73
CA SER A 636 6.80 43.08 -12.99
C SER A 636 5.88 42.62 -14.11
N ALA A 637 5.77 43.45 -15.15
CA ALA A 637 4.92 43.13 -16.29
C ALA A 637 5.52 42.08 -17.21
N TYR A 638 6.79 41.74 -17.04
CA TYR A 638 7.45 40.75 -17.88
C TYR A 638 7.40 39.34 -17.32
N ASP A 639 6.71 39.14 -16.20
CA ASP A 639 6.62 37.82 -15.58
C ASP A 639 5.58 36.92 -16.23
N ALA A 640 4.78 37.44 -17.17
CA ALA A 640 3.75 36.62 -17.80
C ALA A 640 4.37 35.50 -18.63
N LEU A 641 5.43 35.81 -19.39
CA LEU A 641 6.04 34.78 -20.24
C LEU A 641 6.64 33.64 -19.44
N PRO A 642 7.44 33.86 -18.38
CA PRO A 642 7.92 32.71 -17.59
C PRO A 642 6.80 31.88 -16.98
N SER A 643 5.72 32.52 -16.52
CA SER A 643 4.61 31.77 -15.96
C SER A 643 3.95 30.88 -17.01
N THR A 644 3.75 31.42 -18.22
CA THR A 644 3.16 30.64 -19.29
C THR A 644 4.06 29.48 -19.69
N THR A 645 5.37 29.73 -19.81
CA THR A 645 6.29 28.67 -20.19
C THR A 645 6.50 27.66 -19.08
N ILE A 646 6.17 28.01 -17.83
CA ILE A 646 6.26 27.04 -16.75
C ILE A 646 5.01 26.18 -16.70
N VAL A 647 3.83 26.80 -16.78
CA VAL A 647 2.59 26.04 -16.74
C VAL A 647 2.39 25.22 -18.01
N SER A 648 2.98 25.63 -19.14
CA SER A 648 2.87 24.83 -20.35
C SER A 648 3.68 23.55 -20.25
N MET A 649 4.84 23.62 -19.59
CA MET A 649 5.72 22.47 -19.45
C MET A 649 5.36 21.61 -18.24
N ALA A 650 4.33 21.96 -17.49
CA ALA A 650 3.91 21.18 -16.35
C ALA A 650 3.36 19.83 -16.78
N CYS A 651 3.47 18.85 -15.90
CA CYS A 651 3.07 17.48 -16.18
C CYS A 651 1.66 17.16 -15.71
N CYS A 652 0.91 18.14 -15.19
CA CYS A 652 -0.43 17.90 -14.66
C CYS A 652 -1.51 18.51 -15.52
N ALA A 653 -1.47 19.82 -15.76
CA ALA A 653 -2.49 20.51 -16.54
C ALA A 653 -2.01 21.94 -16.78
N SER A 654 -2.82 22.70 -17.50
CA SER A 654 -2.54 24.10 -17.78
C SER A 654 -3.85 24.83 -18.02
N GLY A 655 -3.82 26.16 -17.86
CA GLY A 655 -4.99 26.96 -18.10
C GLY A 655 -4.84 28.41 -17.66
N SER A 656 -5.70 29.28 -18.19
CA SER A 656 -5.69 30.70 -17.83
C SER A 656 -7.05 31.29 -18.14
N THR A 657 -7.30 32.47 -17.56
CA THR A 657 -8.55 33.17 -17.74
C THR A 657 -8.37 34.29 -18.76
N ARG A 658 -9.42 35.10 -18.95
CA ARG A 658 -9.36 36.20 -19.90
C ARG A 658 -8.44 37.33 -19.43
N GLY A 659 -8.14 37.40 -18.13
CA GLY A 659 -7.30 38.45 -17.60
C GLY A 659 -5.82 38.30 -17.91
N TYR A 660 -5.40 37.15 -18.42
CA TYR A 660 -4.00 36.93 -18.78
C TYR A 660 -3.70 37.16 -20.25
N ASP A 661 -4.71 37.12 -21.12
CA ASP A 661 -4.48 37.38 -22.54
C ASP A 661 -4.03 38.81 -22.76
N GLU A 662 -4.63 39.76 -22.06
CA GLU A 662 -4.29 41.18 -22.16
C GLU A 662 -3.67 41.63 -20.85
N LEU A 663 -2.52 42.31 -20.93
CA LEU A 663 -1.80 42.78 -19.75
C LEU A 663 -2.37 44.14 -19.33
N VAL A 664 -3.62 44.11 -18.88
CA VAL A 664 -4.28 45.34 -18.43
C VAL A 664 -3.69 45.76 -17.09
N PRO A 665 -3.53 47.07 -16.82
CA PRO A 665 -2.99 47.55 -15.55
C PRO A 665 -4.07 47.78 -14.49
N HIS A 666 -4.95 46.79 -14.30
CA HIS A 666 -6.00 46.90 -13.30
C HIS A 666 -6.50 45.51 -12.96
N GLN A 667 -7.22 45.42 -11.85
CA GLN A 667 -7.80 44.17 -11.37
C GLN A 667 -9.30 44.15 -11.66
N ILE A 668 -9.76 43.08 -12.27
CA ILE A 668 -11.17 42.95 -12.63
C ILE A 668 -11.96 42.51 -11.39
N SER A 669 -13.01 43.26 -11.08
CA SER A 669 -13.86 42.98 -9.93
C SER A 669 -15.21 42.48 -10.43
N VAL A 670 -15.61 41.29 -9.98
CA VAL A 670 -16.89 40.72 -10.40
C VAL A 670 -18.05 41.50 -9.82
N VAL A 671 -17.91 41.98 -8.58
CA VAL A 671 -19.01 42.67 -7.91
C VAL A 671 -19.31 44.00 -8.59
N SER A 672 -18.28 44.69 -9.08
CA SER A 672 -18.43 46.00 -9.71
C SER A 672 -17.86 45.94 -11.11
N GLU A 673 -18.73 45.75 -12.10
CA GLU A 673 -18.32 45.74 -13.49
C GLU A 673 -19.54 45.99 -14.37
N GLU A 674 -19.37 46.83 -15.40
CA GLU A 674 -20.44 47.12 -16.34
C GLU A 674 -19.95 47.03 -17.78
N ARG A 675 -18.64 47.18 -17.98
CA ARG A 675 -18.03 47.20 -19.31
C ARG A 675 -18.14 45.83 -19.95
N PHE A 676 -18.22 45.83 -21.28
CA PHE A 676 -18.31 44.60 -22.05
C PHE A 676 -16.91 44.14 -22.50
N TYR A 677 -16.90 43.11 -23.34
CA TYR A 677 -15.66 42.58 -23.88
C TYR A 677 -15.31 43.30 -25.19
N THR A 678 -14.31 42.78 -25.90
CA THR A 678 -13.86 43.36 -27.15
C THR A 678 -14.28 42.47 -28.31
N LYS A 679 -14.87 43.08 -29.34
CA LYS A 679 -15.33 42.31 -30.49
C LYS A 679 -14.16 41.81 -31.31
N TRP A 680 -14.33 40.61 -31.88
CA TRP A 680 -13.31 40.02 -32.72
C TRP A 680 -13.19 40.75 -34.04
N ASN A 681 -11.96 41.06 -34.44
CA ASN A 681 -11.70 41.78 -35.69
C ASN A 681 -10.29 41.42 -36.16
N PRO A 682 -10.16 40.50 -37.13
CA PRO A 682 -8.83 40.09 -37.59
C PRO A 682 -8.14 41.18 -38.41
N GLU A 683 -7.15 41.83 -37.81
CA GLU A 683 -6.35 42.86 -38.47
C GLU A 683 -7.23 43.99 -39.02
N ALA A 684 -6.65 44.80 -39.92
CA ALA A 684 -7.37 45.90 -40.58
C ALA A 684 -7.98 46.85 -39.54
N LEU A 685 -7.24 47.10 -38.47
CA LEU A 685 -7.72 47.98 -37.40
C LEU A 685 -6.54 48.54 -36.63
N PRO A 686 -6.59 49.80 -36.19
CA PRO A 686 -5.47 50.35 -35.41
C PRO A 686 -5.28 49.68 -34.06
N SER A 687 -6.28 48.97 -33.55
CA SER A 687 -6.21 48.27 -32.27
C SER A 687 -5.89 49.25 -31.13
N ASN A 688 -6.81 50.19 -30.92
CA ASN A 688 -6.64 51.21 -29.88
C ASN A 688 -7.31 50.78 -28.57
N THR A 689 -8.62 50.56 -28.61
CA THR A 689 -9.35 50.21 -27.40
C THR A 689 -10.15 48.92 -27.51
N GLY A 690 -10.80 48.68 -28.66
CA GLY A 690 -11.63 47.51 -28.81
C GLY A 690 -11.58 46.88 -30.19
N GLU A 691 -10.53 47.16 -30.94
CA GLU A 691 -10.36 46.65 -32.29
C GLU A 691 -9.03 45.92 -32.43
N VAL A 692 -8.72 45.06 -31.45
CA VAL A 692 -7.47 44.32 -31.46
C VAL A 692 -7.46 43.34 -32.62
N ASN A 693 -6.26 43.03 -33.10
CA ASN A 693 -6.08 42.15 -34.24
C ASN A 693 -6.06 40.69 -33.77
N PHE A 694 -5.71 39.77 -34.67
CA PHE A 694 -5.66 38.36 -34.32
C PHE A 694 -4.59 38.08 -33.28
N GLN A 695 -3.38 38.62 -33.49
CA GLN A 695 -2.28 38.42 -32.56
C GLN A 695 -1.24 39.50 -32.81
N SER A 696 -1.01 40.35 -31.81
CA SER A 696 -0.03 41.42 -31.93
C SER A 696 1.15 41.25 -30.99
N GLY A 697 0.90 41.18 -29.68
CA GLY A 697 2.01 41.07 -28.74
C GLY A 697 1.94 39.92 -27.76
N ILE A 698 0.73 39.46 -27.42
CA ILE A 698 0.58 38.45 -26.38
C ILE A 698 -0.21 37.26 -26.91
N ILE A 699 -1.06 37.49 -27.92
CA ILE A 699 -1.92 36.43 -28.41
C ILE A 699 -1.11 35.38 -29.16
N ALA A 700 -0.14 35.80 -29.95
CA ALA A 700 0.70 34.85 -30.67
C ALA A 700 1.51 33.99 -29.71
N ALA A 701 2.08 34.60 -28.67
CA ALA A 701 2.83 33.84 -27.69
C ALA A 701 1.94 32.85 -26.95
N ARG A 702 0.72 33.27 -26.60
CA ARG A 702 -0.20 32.37 -25.92
C ARG A 702 -0.60 31.20 -26.83
N CYS A 703 -0.84 31.48 -28.11
CA CYS A 703 -1.17 30.42 -29.05
C CYS A 703 -0.01 29.43 -29.21
N ALA A 704 1.21 29.95 -29.30
CA ALA A 704 2.38 29.07 -29.40
C ALA A 704 2.53 28.22 -28.14
N ILE A 705 2.31 28.82 -26.97
CA ILE A 705 2.41 28.08 -25.72
C ILE A 705 1.35 26.98 -25.67
N SER A 706 0.12 27.29 -26.08
CA SER A 706 -0.93 26.29 -26.08
C SER A 706 -0.63 25.17 -27.05
N LYS A 707 -0.11 25.50 -28.24
CA LYS A 707 0.25 24.48 -29.21
C LYS A 707 1.37 23.57 -28.67
N LEU A 708 2.38 24.17 -28.03
CA LEU A 708 3.45 23.37 -27.45
C LEU A 708 2.94 22.46 -26.35
N HIS A 709 2.05 22.98 -25.50
CA HIS A 709 1.48 22.16 -24.43
C HIS A 709 0.66 21.00 -25.00
N GLN A 710 -0.13 21.27 -26.04
CA GLN A 710 -0.92 20.21 -26.65
C GLN A 710 -0.03 19.16 -27.29
N GLU A 711 1.04 19.59 -27.96
CA GLU A 711 1.99 18.63 -28.55
C GLU A 711 2.66 17.79 -27.49
N LEU A 712 3.05 18.41 -26.37
CA LEU A 712 3.67 17.66 -25.28
C LEU A 712 2.69 16.65 -24.68
N GLY A 713 1.43 17.05 -24.50
CA GLY A 713 0.45 16.13 -23.97
C GLY A 713 0.17 14.97 -24.91
N ALA A 714 0.11 15.24 -26.21
CA ALA A 714 -0.12 14.18 -27.18
C ALA A 714 1.07 13.24 -27.30
N LYS A 715 2.29 13.78 -27.15
CA LYS A 715 3.48 12.93 -27.25
C LYS A 715 3.53 11.88 -26.14
N GLY A 716 3.17 12.27 -24.92
CA GLY A 716 3.16 11.33 -23.82
C GLY A 716 4.36 11.43 -22.91
N PHE A 717 4.75 12.66 -22.55
CA PHE A 717 5.89 12.88 -21.66
C PHE A 717 5.41 12.86 -20.22
N ILE A 718 6.01 11.99 -19.41
CA ILE A 718 5.63 11.86 -18.00
C ILE A 718 6.81 12.25 -17.12
N GLN A 719 8.02 12.04 -17.62
CA GLN A 719 9.22 12.33 -16.83
C GLN A 719 9.40 13.82 -16.62
N VAL A 720 9.94 14.18 -15.46
CA VAL A 720 10.23 15.56 -15.11
C VAL A 720 11.63 15.63 -14.51
N TYR A 721 12.20 16.83 -14.55
CA TYR A 721 13.54 17.05 -13.99
C TYR A 721 13.69 18.53 -13.68
N VAL A 722 13.96 18.86 -12.42
CA VAL A 722 14.15 20.24 -11.97
C VAL A 722 15.45 20.32 -11.20
N ASP A 723 16.32 21.25 -11.59
CA ASP A 723 17.58 21.47 -10.91
C ASP A 723 17.77 22.97 -10.67
N GLN A 724 18.43 23.30 -9.57
CA GLN A 724 18.65 24.69 -9.18
C GLN A 724 20.10 24.88 -8.77
N VAL A 725 20.78 25.82 -9.41
CA VAL A 725 22.15 26.20 -9.07
C VAL A 725 22.25 27.65 -8.65
N ASP A 726 21.56 28.55 -9.35
CA ASP A 726 21.55 29.98 -9.05
C ASP A 726 20.11 30.45 -8.87
N GLU A 727 19.92 31.76 -8.77
CA GLU A 727 18.62 32.31 -8.44
C GLU A 727 17.62 32.11 -9.58
N ASP A 728 18.07 32.19 -10.83
CA ASP A 728 17.20 32.01 -12.00
C ASP A 728 17.89 31.05 -12.97
N ILE A 729 17.72 29.75 -12.73
CA ILE A 729 18.26 28.72 -13.61
C ILE A 729 17.19 27.67 -13.86
N VAL A 730 15.94 28.00 -13.53
CA VAL A 730 14.86 27.02 -13.60
C VAL A 730 14.72 26.51 -15.02
N ALA A 731 14.59 25.18 -15.16
CA ALA A 731 14.47 24.54 -16.46
C ALA A 731 13.67 23.26 -16.31
N VAL A 732 13.15 22.79 -17.44
CA VAL A 732 12.35 21.57 -17.49
C VAL A 732 12.95 20.66 -18.55
N THR A 733 13.16 19.39 -18.19
CA THR A 733 13.90 18.44 -19.02
C THR A 733 13.13 17.12 -19.12
N ARG A 734 11.84 17.21 -19.49
CA ARG A 734 11.05 16.01 -19.70
C ARG A 734 11.68 15.11 -20.75
N HIS A 735 11.69 13.81 -20.47
CA HIS A 735 12.31 12.81 -21.34
C HIS A 735 11.28 11.74 -21.67
N SER A 736 11.17 11.39 -22.94
CA SER A 736 10.24 10.35 -23.38
C SER A 736 10.94 8.99 -23.34
N PRO A 737 10.43 8.01 -22.61
CA PRO A 737 11.09 6.70 -22.55
C PRO A 737 10.99 5.90 -23.85
N SER A 738 10.10 6.28 -24.77
CA SER A 738 9.92 5.51 -26.00
C SER A 738 10.96 5.89 -27.05
N ILE A 739 10.98 7.16 -27.46
CA ILE A 739 11.85 7.61 -28.54
C ILE A 739 13.14 8.23 -28.00
N HIS A 740 13.19 8.56 -26.71
CA HIS A 740 14.37 9.15 -26.06
C HIS A 740 14.69 10.53 -26.67
N GLN A 741 13.73 11.43 -26.55
CA GLN A 741 13.90 12.84 -26.91
C GLN A 741 13.64 13.69 -25.68
N SER A 742 14.53 14.65 -25.42
CA SER A 742 14.41 15.55 -24.28
C SER A 742 14.40 16.98 -24.76
N VAL A 743 13.49 17.78 -24.19
CA VAL A 743 13.35 19.19 -24.54
C VAL A 743 13.71 20.02 -23.31
N VAL A 744 14.60 21.00 -23.49
CA VAL A 744 15.09 21.84 -22.41
C VAL A 744 14.67 23.27 -22.70
N ALA A 745 14.06 23.92 -21.71
CA ALA A 745 13.62 25.30 -21.81
C ALA A 745 14.39 26.14 -20.79
N VAL A 746 14.94 27.26 -21.23
CA VAL A 746 15.72 28.16 -20.39
C VAL A 746 14.97 29.47 -20.24
N SER A 747 14.69 29.86 -19.01
CA SER A 747 13.99 31.09 -18.70
C SER A 747 15.00 32.20 -18.39
N ARG A 748 14.50 33.35 -17.94
CA ARG A 748 15.34 34.49 -17.61
C ARG A 748 14.79 35.13 -16.34
N THR A 749 15.33 36.29 -16.00
CA THR A 749 14.92 37.02 -14.80
C THR A 749 13.74 37.92 -15.13
N ALA A 750 12.62 37.73 -14.42
CA ALA A 750 11.43 38.55 -14.63
C ALA A 750 10.78 39.04 -13.36
N PHE A 751 11.14 38.52 -12.18
CA PHE A 751 10.52 38.97 -10.94
C PHE A 751 10.86 40.44 -10.66
N ARG A 752 12.10 40.84 -10.90
CA ARG A 752 12.54 42.21 -10.65
C ARG A 752 12.63 42.96 -11.98
N ASN A 753 12.07 44.16 -12.00
CA ASN A 753 12.10 44.97 -13.22
C ASN A 753 13.53 45.41 -13.52
N PRO A 754 13.99 45.30 -14.76
CA PRO A 754 15.36 45.74 -15.08
C PRO A 754 15.60 47.21 -14.82
N LYS A 755 14.58 48.05 -14.98
CA LYS A 755 14.76 49.48 -14.75
C LYS A 755 14.62 49.83 -13.27
N THR A 756 13.59 49.29 -12.61
CA THR A 756 13.37 49.59 -11.21
C THR A 756 14.49 49.03 -10.33
N SER A 757 14.93 47.81 -10.62
CA SER A 757 15.97 47.15 -9.86
C SER A 757 17.22 46.99 -10.71
N PHE A 758 18.37 47.34 -10.15
CA PHE A 758 19.63 47.23 -10.86
C PHE A 758 19.96 45.77 -11.14
N TYR A 759 20.57 45.52 -12.30
CA TYR A 759 20.92 44.18 -12.72
C TYR A 759 22.36 44.17 -13.25
N SER A 760 22.99 43.00 -13.18
CA SER A 760 24.35 42.81 -13.64
C SER A 760 24.35 42.25 -15.04
N LYS A 761 25.15 42.86 -15.93
CA LYS A 761 25.22 42.40 -17.31
C LYS A 761 25.78 40.98 -17.40
N GLU A 762 26.80 40.67 -16.60
CA GLU A 762 27.37 39.34 -16.61
C GLU A 762 26.38 38.32 -16.06
N VAL A 763 26.31 37.16 -16.72
CA VAL A 763 25.39 36.10 -16.32
C VAL A 763 26.16 34.79 -16.30
N PRO A 764 25.82 33.84 -15.43
CA PRO A 764 26.47 32.53 -15.47
C PRO A 764 26.15 31.80 -16.76
N GLN A 765 27.10 30.96 -17.18
CA GLN A 765 26.97 30.20 -18.41
C GLN A 765 26.49 28.78 -18.07
N MET A 766 25.47 28.34 -18.80
CA MET A 766 24.89 27.01 -18.61
C MET A 766 25.28 26.11 -19.77
N CYS A 767 25.77 24.91 -19.45
CA CYS A 767 26.17 23.94 -20.46
C CYS A 767 25.05 22.93 -20.65
N ILE A 768 24.55 22.84 -21.88
CA ILE A 768 23.45 21.94 -22.23
C ILE A 768 24.06 20.67 -22.82
N PRO A 769 23.85 19.50 -22.21
CA PRO A 769 24.36 18.26 -22.80
C PRO A 769 23.71 17.97 -24.14
N GLY A 770 24.47 17.33 -25.03
CA GLY A 770 23.98 17.02 -26.35
C GLY A 770 24.13 18.19 -27.31
N LYS A 771 23.60 17.98 -28.51
CA LYS A 771 23.67 18.97 -29.59
C LYS A 771 22.27 19.49 -29.90
N ILE A 772 22.13 20.81 -29.96
CA ILE A 772 20.83 21.41 -30.25
C ILE A 772 20.51 21.21 -31.73
N GLU A 773 19.29 20.74 -32.00
CA GLU A 773 18.85 20.45 -33.36
C GLU A 773 18.01 21.58 -33.95
N GLU A 774 17.00 22.04 -33.23
CA GLU A 774 16.12 23.09 -33.73
C GLU A 774 15.51 23.83 -32.54
N VAL A 775 15.45 25.15 -32.66
CA VAL A 775 14.85 26.00 -31.63
C VAL A 775 13.36 26.13 -31.94
N VAL A 776 12.53 25.51 -31.10
CA VAL A 776 11.09 25.51 -31.35
C VAL A 776 10.42 26.78 -30.84
N LEU A 777 11.05 27.50 -29.91
CA LEU A 777 10.47 28.73 -29.35
C LEU A 777 11.56 29.77 -29.20
N GLU A 778 11.22 31.02 -29.53
CA GLU A 778 12.16 32.14 -29.40
C GLU A 778 11.33 33.41 -29.23
N ALA A 779 11.23 33.89 -28.00
CA ALA A 779 10.46 35.08 -27.68
C ALA A 779 11.39 36.15 -27.14
N ARG A 780 11.28 37.36 -27.68
CA ARG A 780 12.07 38.50 -27.25
C ARG A 780 11.15 39.66 -26.91
N THR A 781 11.39 40.28 -25.75
CA THR A 781 10.56 41.39 -25.28
C THR A 781 11.31 42.70 -25.47
N ILE A 782 10.65 43.67 -26.11
CA ILE A 782 11.22 44.98 -26.36
C ILE A 782 10.20 46.06 -26.05
N GLU A 783 10.67 47.30 -26.01
CA GLU A 783 9.83 48.46 -25.74
C GLU A 783 9.73 49.31 -26.99
N ARG A 784 8.49 49.62 -27.40
CA ARG A 784 8.22 50.43 -28.58
C ARG A 784 7.59 51.75 -28.16
N ASN A 785 7.22 52.54 -29.16
CA ASN A 785 6.60 53.84 -28.95
C ASN A 785 5.12 53.75 -29.31
N THR A 786 4.26 54.18 -28.39
CA THR A 786 2.82 54.15 -28.60
C THR A 786 2.17 55.19 -27.70
N LYS A 787 0.90 55.47 -27.99
CA LYS A 787 0.16 56.43 -27.19
C LYS A 787 -0.03 55.92 -25.76
N PRO A 788 0.01 56.81 -24.77
CA PRO A 788 -0.15 56.36 -23.38
C PRO A 788 -1.53 55.75 -23.14
N TYR A 789 -1.57 54.77 -22.25
CA TYR A 789 -2.82 54.09 -21.93
C TYR A 789 -3.78 55.04 -21.22
N ARG A 790 -5.05 54.95 -21.58
CA ARG A 790 -6.10 55.78 -20.98
C ARG A 790 -7.25 54.88 -20.56
N LYS A 791 -7.89 55.26 -19.44
CA LYS A 791 -9.01 54.50 -18.93
C LYS A 791 -10.20 54.59 -19.88
N ASP A 792 -10.88 53.47 -20.09
CA ASP A 792 -12.05 53.39 -20.95
C ASP A 792 -13.26 53.04 -20.11
N GLU A 793 -14.37 53.74 -20.34
CA GLU A 793 -15.61 53.51 -19.61
C GLU A 793 -16.56 52.58 -20.34
N ASN A 794 -16.17 52.05 -21.50
CA ASN A 794 -17.03 51.17 -22.29
C ASN A 794 -16.52 49.75 -22.39
N SER A 795 -15.20 49.54 -22.46
CA SER A 795 -14.63 48.21 -22.58
C SER A 795 -13.29 48.19 -21.86
N ILE A 796 -12.63 47.04 -21.93
CA ILE A 796 -11.33 46.83 -21.28
C ILE A 796 -10.29 46.63 -22.38
N ASN A 797 -9.21 47.41 -22.31
CA ASN A 797 -8.13 47.34 -23.29
C ASN A 797 -6.81 47.13 -22.57
N GLY A 798 -5.97 46.26 -23.14
CA GLY A 798 -4.67 46.00 -22.56
C GLY A 798 -3.65 47.05 -22.92
N THR A 799 -2.47 46.91 -22.34
CA THR A 799 -1.37 47.84 -22.60
C THR A 799 -0.75 47.54 -23.96
N PRO A 800 -0.74 48.50 -24.89
CA PRO A 800 -0.16 48.26 -26.22
C PRO A 800 1.33 48.54 -26.33
N ASP A 801 1.98 49.00 -25.26
CA ASP A 801 3.40 49.32 -25.30
C ASP A 801 4.29 48.10 -25.11
N ILE A 802 3.73 46.95 -24.79
CA ILE A 802 4.48 45.72 -24.57
C ILE A 802 4.10 44.71 -25.64
N THR A 803 5.08 44.21 -26.37
CA THR A 803 4.85 43.22 -27.42
C THR A 803 6.10 42.38 -27.59
N VAL A 804 5.89 41.13 -28.00
CA VAL A 804 6.99 40.19 -28.22
C VAL A 804 6.81 39.56 -29.60
N GLU A 805 7.93 39.02 -30.11
CA GLU A 805 7.95 38.35 -31.40
C GLU A 805 8.35 36.90 -31.20
N ILE A 806 7.66 36.00 -31.89
CA ILE A 806 7.91 34.57 -31.79
C ILE A 806 8.57 34.09 -33.07
N ARG A 807 9.30 32.98 -32.95
CA ARG A 807 9.99 32.38 -34.09
C ARG A 807 9.96 30.87 -33.95
N GLU A 808 9.74 30.17 -35.07
CA GLU A 808 9.68 28.73 -35.08
C GLU A 808 10.52 28.19 -36.23
N HIS A 809 11.11 27.00 -36.01
CA HIS A 809 11.93 26.32 -36.99
C HIS A 809 13.10 27.20 -37.45
N ILE A 810 13.96 27.54 -36.48
CA ILE A 810 15.13 28.36 -36.71
C ILE A 810 16.36 27.57 -36.28
N GLN A 811 17.34 27.48 -37.18
CA GLN A 811 18.57 26.76 -36.87
C GLN A 811 19.43 27.55 -35.90
N LEU A 812 20.29 26.82 -35.17
CA LEU A 812 21.18 27.46 -34.21
C LEU A 812 22.17 28.39 -34.92
N ASN A 813 22.71 27.96 -36.06
CA ASN A 813 23.66 28.80 -36.79
C ASN A 813 22.98 30.07 -37.31
N GLU A 814 21.75 29.95 -37.81
CA GLU A 814 21.03 31.11 -38.32
C GLU A 814 20.51 32.04 -37.22
N SER A 815 20.56 31.60 -35.96
CA SER A 815 20.08 32.43 -34.86
C SER A 815 21.03 33.61 -34.64
N LYS A 816 20.46 34.81 -34.55
CA LYS A 816 21.24 36.03 -34.35
C LYS A 816 21.26 36.49 -32.90
N ILE A 817 20.63 35.75 -32.00
CA ILE A 817 20.59 36.12 -30.59
C ILE A 817 21.60 35.32 -29.77
N VAL A 818 21.73 34.03 -30.03
CA VAL A 818 22.65 33.17 -29.31
C VAL A 818 23.64 32.55 -30.30
N LYS A 819 24.79 32.16 -29.79
CA LYS A 819 25.84 31.56 -30.60
C LYS A 819 26.44 30.38 -29.85
N GLN A 820 27.02 29.45 -30.61
CA GLN A 820 27.64 28.26 -30.04
C GLN A 820 29.08 28.61 -29.67
N ALA A 821 29.37 28.64 -28.37
CA ALA A 821 30.72 28.95 -27.91
C ALA A 821 31.72 27.88 -28.34
N GLY A 822 31.33 26.61 -28.25
CA GLY A 822 32.21 25.54 -28.64
C GLY A 822 31.67 24.21 -28.18
N VAL A 823 32.49 23.17 -28.37
CA VAL A 823 32.14 21.80 -27.98
C VAL A 823 33.14 21.34 -26.92
N ALA A 824 32.61 20.88 -25.79
CA ALA A 824 33.43 20.40 -24.68
C ALA A 824 33.15 18.92 -24.48
N THR A 825 34.22 18.13 -24.35
CA THR A 825 34.13 16.69 -24.16
C THR A 825 34.68 16.35 -22.78
N LYS A 826 33.79 16.24 -21.80
CA LYS A 826 34.16 15.92 -20.43
C LYS A 826 34.22 14.41 -20.19
N GLY A 827 33.85 13.59 -21.17
CA GLY A 827 33.88 12.16 -21.02
C GLY A 827 33.91 11.45 -22.36
N PRO A 828 34.33 10.18 -22.35
CA PRO A 828 34.37 9.42 -23.60
C PRO A 828 33.01 9.26 -24.27
N ASN A 829 31.93 9.17 -23.50
CA ASN A 829 30.58 9.01 -24.03
C ASN A 829 29.66 10.16 -23.65
N GLU A 830 30.22 11.28 -23.21
CA GLU A 830 29.45 12.45 -22.80
C GLU A 830 29.70 13.59 -23.78
N TYR A 831 28.61 14.15 -24.30
CA TYR A 831 28.67 15.27 -25.23
C TYR A 831 28.08 16.51 -24.56
N ILE A 832 28.88 17.58 -24.48
CA ILE A 832 28.47 18.83 -23.85
C ILE A 832 28.68 19.97 -24.83
N GLN A 833 27.65 20.79 -24.99
CA GLN A 833 27.71 21.96 -25.86
C GLN A 833 27.67 23.23 -25.04
N GLU A 834 28.50 24.20 -25.43
CA GLU A 834 28.61 25.46 -24.73
C GLU A 834 27.88 26.55 -25.49
N ILE A 835 27.04 27.32 -24.80
CA ILE A 835 26.27 28.40 -25.38
C ILE A 835 26.61 29.69 -24.61
N GLU A 836 26.90 30.75 -25.37
CA GLU A 836 27.27 32.03 -24.79
C GLU A 836 26.10 33.00 -24.86
N PHE A 837 25.82 33.67 -23.75
CA PHE A 837 24.73 34.65 -23.69
C PHE A 837 25.26 36.01 -24.10
N GLU A 838 24.73 36.55 -25.20
CA GLU A 838 25.20 37.81 -25.75
C GLU A 838 24.15 38.91 -25.65
N ASN A 839 22.96 38.68 -26.19
CA ASN A 839 21.90 39.68 -26.23
C ASN A 839 20.57 39.07 -25.76
N LEU A 840 20.61 38.36 -24.65
CA LEU A 840 19.41 37.75 -24.07
C LEU A 840 18.87 38.71 -23.02
N SER A 841 17.85 39.49 -23.40
CA SER A 841 17.26 40.45 -22.48
C SER A 841 16.50 39.73 -21.37
N PRO A 842 16.41 40.32 -20.18
CA PRO A 842 15.63 39.70 -19.11
C PRO A 842 14.16 39.61 -19.47
N GLY A 843 13.52 38.56 -18.97
CA GLY A 843 12.12 38.31 -19.28
C GLY A 843 11.86 37.61 -20.58
N SER A 844 12.91 37.17 -21.28
CA SER A 844 12.77 36.46 -22.55
C SER A 844 13.07 34.99 -22.35
N VAL A 845 12.20 34.14 -22.88
CA VAL A 845 12.34 32.70 -22.72
C VAL A 845 12.69 32.07 -24.07
N ILE A 846 13.36 30.94 -24.02
CA ILE A 846 13.76 30.20 -25.21
C ILE A 846 13.84 28.72 -24.85
N ILE A 847 13.35 27.88 -25.76
CA ILE A 847 13.29 26.44 -25.56
C ILE A 847 14.19 25.77 -26.58
N PHE A 848 15.06 24.88 -26.12
CA PHE A 848 15.99 24.14 -26.98
C PHE A 848 15.53 22.70 -27.10
N ARG A 849 15.42 22.21 -28.33
CA ARG A 849 15.07 20.82 -28.61
C ARG A 849 16.36 20.06 -28.90
N VAL A 850 17.01 19.57 -27.84
CA VAL A 850 18.28 18.88 -27.99
C VAL A 850 18.05 17.49 -28.59
N SER A 851 19.12 16.94 -29.18
CA SER A 851 19.08 15.63 -29.79
C SER A 851 20.22 14.78 -29.24
N LEU A 852 20.01 13.46 -29.25
CA LEU A 852 21.00 12.52 -28.75
C LEU A 852 22.13 12.36 -29.76
N ASP A 853 23.11 11.53 -29.40
CA ASP A 853 24.22 11.26 -30.29
C ASP A 853 23.75 10.49 -31.52
N PRO A 854 24.41 10.67 -32.66
CA PRO A 854 23.97 9.96 -33.88
C PRO A 854 23.96 8.45 -33.74
N HIS A 855 24.92 7.89 -33.01
CA HIS A 855 24.98 6.43 -32.80
C HIS A 855 24.24 6.02 -31.54
N ALA A 856 23.00 6.46 -31.40
CA ALA A 856 22.17 6.11 -30.25
C ALA A 856 20.80 5.57 -30.65
N GLN A 857 20.22 6.09 -31.73
CA GLN A 857 18.87 5.66 -32.12
C GLN A 857 18.85 4.19 -32.51
N VAL A 858 19.85 3.74 -33.26
CA VAL A 858 19.89 2.34 -33.69
C VAL A 858 20.11 1.43 -32.49
N ALA A 859 20.97 1.85 -31.55
CA ALA A 859 21.20 1.05 -30.35
C ALA A 859 19.94 0.95 -29.51
N VAL A 860 19.22 2.06 -29.34
CA VAL A 860 17.97 2.04 -28.59
C VAL A 860 16.96 1.14 -29.28
N GLY A 861 16.88 1.21 -30.61
CA GLY A 861 15.94 0.38 -31.34
C GLY A 861 16.22 -1.10 -31.19
N ILE A 862 17.49 -1.50 -31.33
CA ILE A 862 17.81 -2.92 -31.23
C ILE A 862 17.62 -3.40 -29.78
N LEU A 863 17.96 -2.55 -28.80
CA LEU A 863 17.73 -2.93 -27.41
C LEU A 863 16.26 -3.12 -27.12
N ARG A 864 15.41 -2.22 -27.63
CA ARG A 864 13.97 -2.36 -27.43
C ARG A 864 13.43 -3.60 -28.13
N ASN A 865 13.93 -3.89 -29.33
CA ASN A 865 13.50 -5.09 -30.03
C ASN A 865 13.89 -6.36 -29.26
N HIS A 866 15.10 -6.38 -28.72
CA HIS A 866 15.54 -7.53 -27.93
C HIS A 866 14.70 -7.67 -26.65
N LEU A 867 14.39 -6.54 -26.01
CA LEU A 867 13.58 -6.59 -24.80
C LEU A 867 12.17 -7.09 -25.09
N THR A 868 11.57 -6.63 -26.20
CA THR A 868 10.22 -7.03 -26.55
C THR A 868 10.14 -8.40 -27.21
N GLN A 869 11.27 -8.97 -27.64
CA GLN A 869 11.25 -10.31 -28.22
C GLN A 869 10.97 -11.39 -27.19
N PHE A 870 11.14 -11.08 -25.90
CA PHE A 870 10.90 -12.05 -24.84
C PHE A 870 9.44 -12.04 -24.38
N SER A 871 8.91 -10.87 -24.07
CA SER A 871 7.54 -10.72 -23.62
C SER A 871 6.85 -9.61 -24.40
N PRO A 872 5.52 -9.72 -24.59
CA PRO A 872 4.78 -8.68 -25.31
C PRO A 872 4.46 -7.45 -24.48
N HIS A 873 5.07 -7.27 -23.31
CA HIS A 873 4.78 -6.12 -22.48
C HIS A 873 5.19 -4.82 -23.17
N PHE A 874 6.35 -4.82 -23.83
CA PHE A 874 6.83 -3.63 -24.53
C PHE A 874 6.08 -3.49 -25.83
N LYS A 875 5.08 -2.60 -25.86
CA LYS A 875 4.29 -2.39 -27.05
C LYS A 875 5.09 -1.62 -28.09
N SER A 876 5.05 -2.08 -29.33
CA SER A 876 5.75 -1.47 -30.47
C SER A 876 7.25 -1.44 -30.13
N GLY A 877 7.93 -0.33 -30.38
CA GLY A 877 9.36 -0.26 -30.09
C GLY A 877 10.21 -1.19 -30.93
N SER A 878 9.91 -1.29 -32.22
CA SER A 878 10.65 -2.14 -33.14
C SER A 878 11.33 -1.29 -34.20
N LEU A 879 12.62 -1.52 -34.41
CA LEU A 879 13.41 -0.80 -35.39
C LEU A 879 14.04 -1.78 -36.37
N ALA A 880 14.05 -1.41 -37.65
CA ALA A 880 14.64 -2.26 -38.67
C ALA A 880 16.15 -2.39 -38.45
N VAL A 881 16.66 -3.59 -38.67
CA VAL A 881 18.08 -3.88 -38.51
C VAL A 881 18.69 -4.15 -39.88
N ASP A 882 20.00 -3.95 -39.97
CA ASP A 882 20.71 -4.17 -41.24
C ASP A 882 21.06 -5.64 -41.41
N ASN A 883 21.89 -6.18 -40.51
CA ASN A 883 22.29 -7.58 -40.59
C ASN A 883 22.04 -8.34 -39.30
N ALA A 884 22.23 -7.70 -38.15
CA ALA A 884 22.07 -8.32 -36.82
C ALA A 884 23.00 -9.53 -36.75
N ASP A 885 22.59 -10.57 -36.03
CA ASP A 885 23.37 -11.81 -35.89
C ASP A 885 22.58 -12.96 -36.48
N PRO A 886 22.87 -13.38 -37.72
CA PRO A 886 22.14 -14.52 -38.30
C PRO A 886 22.34 -15.81 -37.53
N ILE A 887 23.51 -16.01 -36.94
CA ILE A 887 23.77 -17.25 -36.19
C ILE A 887 22.87 -17.33 -34.97
N LEU A 888 22.72 -16.22 -34.25
CA LEU A 888 21.91 -16.18 -33.03
C LEU A 888 20.47 -15.90 -33.40
N LYS A 889 19.62 -16.92 -33.30
CA LYS A 889 18.19 -16.81 -33.60
C LYS A 889 17.31 -17.20 -32.43
N ILE A 890 17.71 -18.19 -31.64
CA ILE A 890 16.94 -18.62 -30.48
C ILE A 890 17.88 -18.69 -29.27
N PRO A 891 18.31 -17.54 -28.73
CA PRO A 891 19.24 -17.58 -27.59
C PRO A 891 18.67 -18.28 -26.35
N PHE A 892 17.36 -18.17 -26.12
CA PHE A 892 16.74 -18.79 -24.95
C PHE A 892 15.76 -19.90 -25.29
N ALA A 893 15.13 -19.85 -26.46
CA ALA A 893 14.21 -20.91 -26.85
C ALA A 893 14.94 -22.25 -27.02
N SER A 894 16.13 -22.21 -27.62
CA SER A 894 16.92 -23.43 -27.79
C SER A 894 17.35 -24.00 -26.44
N LEU A 895 17.71 -23.13 -25.50
CA LEU A 895 18.13 -23.59 -24.18
C LEU A 895 16.98 -24.13 -23.35
N ALA A 896 15.73 -23.92 -23.80
CA ALA A 896 14.59 -24.47 -23.06
C ALA A 896 14.48 -25.97 -23.26
N SER A 897 14.77 -26.46 -24.47
CA SER A 897 14.63 -27.88 -24.76
C SER A 897 15.61 -28.73 -23.94
N ARG A 898 16.86 -28.30 -23.85
CA ARG A 898 17.89 -29.03 -23.12
C ARG A 898 18.18 -28.29 -21.82
N LEU A 899 18.09 -29.01 -20.70
CA LEU A 899 18.27 -28.42 -19.38
C LEU A 899 18.70 -29.50 -18.40
N THR A 900 19.62 -29.14 -17.50
CA THR A 900 20.07 -30.05 -16.46
C THR A 900 20.12 -29.30 -15.13
N LEU A 901 20.02 -30.06 -14.04
CA LEU A 901 19.99 -29.45 -12.72
C LEU A 901 21.36 -28.96 -12.26
N ALA A 902 22.42 -29.69 -12.61
CA ALA A 902 23.76 -29.33 -12.14
C ALA A 902 24.18 -27.96 -12.67
N GLU A 903 23.96 -27.71 -13.96
CA GLU A 903 24.34 -26.42 -14.53
C GLU A 903 23.38 -25.31 -14.12
N LEU A 904 22.09 -25.63 -13.97
CA LEU A 904 21.12 -24.61 -13.58
C LEU A 904 21.36 -24.14 -12.16
N ASN A 905 21.72 -25.05 -11.24
CA ASN A 905 21.92 -24.73 -9.85
C ASN A 905 23.38 -24.42 -9.51
N GLN A 906 24.15 -23.91 -10.48
CA GLN A 906 25.52 -23.51 -10.23
C GLN A 906 25.76 -22.02 -10.41
N ILE A 907 24.93 -21.32 -11.16
CA ILE A 907 25.11 -19.90 -11.42
C ILE A 907 23.84 -19.14 -11.06
N LEU A 908 23.08 -19.65 -10.08
CA LEU A 908 21.84 -19.01 -9.70
C LEU A 908 22.09 -17.65 -9.06
N TYR A 909 22.82 -17.63 -7.95
CA TYR A 909 23.17 -16.36 -7.29
C TYR A 909 24.61 -16.28 -6.83
N ARG A 910 25.35 -17.39 -6.76
CA ARG A 910 26.71 -17.42 -6.22
C ARG A 910 26.76 -16.75 -4.84
N CYS A 911 25.90 -17.24 -3.95
CA CYS A 911 25.70 -16.59 -2.66
C CYS A 911 26.98 -16.60 -1.83
N GLU A 912 27.45 -17.79 -1.46
CA GLU A 912 28.62 -17.88 -0.58
C GLU A 912 29.61 -18.97 -0.95
N SER A 913 29.21 -20.01 -1.68
CA SER A 913 30.14 -21.09 -2.02
C SER A 913 31.30 -20.57 -2.88
N GLU A 914 30.97 -19.78 -3.91
CA GLU A 914 32.01 -19.27 -4.80
C GLU A 914 32.96 -18.33 -4.06
N GLU A 915 32.42 -17.45 -3.21
CA GLU A 915 33.28 -16.55 -2.45
C GLU A 915 34.16 -17.31 -1.48
N LYS A 916 33.61 -18.33 -0.82
CA LYS A 916 34.37 -19.08 0.19
C LYS A 916 35.36 -20.05 -0.44
N GLU A 917 35.18 -20.42 -1.70
CA GLU A 917 36.07 -21.36 -2.35
C GLU A 917 37.12 -20.70 -3.24
N ASP A 918 36.83 -19.55 -3.81
CA ASP A 918 37.78 -18.89 -4.70
C ASP A 918 38.02 -17.43 -4.33
N GLY A 919 36.99 -16.70 -3.92
CA GLY A 919 37.13 -15.30 -3.60
C GLY A 919 37.11 -14.42 -4.83
N GLY A 920 36.37 -13.31 -4.76
CA GLY A 920 36.29 -12.40 -5.89
C GLY A 920 36.31 -10.94 -5.49
N GLY A 921 36.55 -10.67 -4.21
CA GLY A 921 36.56 -9.29 -3.73
C GLY A 921 35.24 -8.58 -3.90
N CYS A 922 34.13 -9.24 -3.56
CA CYS A 922 32.81 -8.65 -3.74
C CYS A 922 32.65 -7.43 -2.83
N TYR A 923 32.17 -6.33 -3.41
CA TYR A 923 31.94 -5.09 -2.67
C TYR A 923 30.44 -4.93 -2.49
N ASP A 924 30.01 -5.01 -1.23
CA ASP A 924 28.58 -4.98 -0.92
C ASP A 924 28.20 -3.65 -0.30
N ILE A 925 27.36 -2.89 -0.98
CA ILE A 925 26.88 -1.59 -0.50
C ILE A 925 28.08 -0.74 -0.11
N PRO A 926 28.81 -0.19 -1.09
CA PRO A 926 30.11 0.44 -0.80
C PRO A 926 30.05 1.55 0.24
N ASN A 927 28.91 2.25 0.30
CA ASN A 927 28.78 3.40 1.19
C ASN A 927 28.91 3.01 2.66
N TRP A 928 28.12 2.03 3.11
CA TRP A 928 28.11 1.68 4.53
C TRP A 928 29.22 0.69 4.89
N SER A 929 29.16 -0.52 4.34
CA SER A 929 30.11 -1.57 4.70
C SER A 929 29.99 -2.77 3.78
N ALA A 930 29.27 -3.80 4.23
CA ALA A 930 29.05 -5.01 3.44
C ALA A 930 27.77 -5.72 3.89
N LEU A 931 26.70 -5.57 3.12
CA LEU A 931 25.40 -6.14 3.52
C LEU A 931 24.95 -7.25 2.58
N LYS A 932 24.83 -6.95 1.29
CA LYS A 932 24.29 -7.89 0.31
C LYS A 932 25.37 -8.23 -0.70
N TYR A 933 25.87 -9.46 -0.64
CA TYR A 933 26.98 -9.91 -1.47
C TYR A 933 26.67 -9.90 -2.96
N ALA A 934 25.79 -10.81 -3.40
CA ALA A 934 25.44 -10.92 -4.81
C ALA A 934 23.97 -11.19 -5.06
N GLY A 935 23.20 -11.54 -4.04
CA GLY A 935 21.85 -12.04 -4.22
C GLY A 935 20.91 -11.10 -4.94
N LEU A 936 20.24 -11.60 -5.97
CA LEU A 936 19.22 -10.84 -6.68
C LEU A 936 18.02 -10.60 -5.78
N GLN A 937 17.69 -11.58 -4.94
CA GLN A 937 16.59 -11.42 -4.01
C GLN A 937 16.87 -10.33 -2.98
N GLY A 938 18.14 -10.12 -2.64
CA GLY A 938 18.49 -9.07 -1.70
C GLY A 938 18.11 -7.69 -2.22
N LEU A 939 18.41 -7.42 -3.49
CA LEU A 939 18.00 -6.16 -4.10
C LEU A 939 16.51 -6.15 -4.41
N MET A 940 15.93 -7.31 -4.72
CA MET A 940 14.50 -7.39 -5.01
C MET A 940 13.65 -7.06 -3.79
N SER A 941 14.12 -7.41 -2.59
CA SER A 941 13.39 -7.07 -1.38
C SER A 941 13.25 -5.56 -1.22
N VAL A 942 14.33 -4.82 -1.48
CA VAL A 942 14.26 -3.36 -1.42
C VAL A 942 13.44 -2.82 -2.58
N LEU A 943 13.59 -3.41 -3.77
CA LEU A 943 12.88 -2.90 -4.94
C LEU A 943 11.37 -3.02 -4.77
N ALA A 944 10.90 -4.16 -4.26
CA ALA A 944 9.47 -4.36 -4.05
C ALA A 944 8.92 -3.46 -2.96
N GLU A 945 9.77 -2.90 -2.11
CA GLU A 945 9.34 -1.96 -1.09
C GLU A 945 9.40 -0.52 -1.54
N ILE A 946 10.27 -0.20 -2.51
CA ILE A 946 10.40 1.17 -3.00
C ILE A 946 9.64 1.41 -4.30
N ARG A 947 9.36 0.36 -5.08
CA ARG A 947 8.63 0.55 -6.33
C ARG A 947 7.23 1.11 -6.13
N PRO A 948 6.39 0.59 -5.21
CA PRO A 948 5.08 1.22 -5.00
C PRO A 948 5.17 2.66 -4.54
N LYS A 949 6.20 3.00 -3.75
CA LYS A 949 6.38 4.37 -3.27
C LYS A 949 7.15 5.25 -4.24
N ASN A 950 7.71 4.67 -5.31
CA ASN A 950 8.49 5.42 -6.31
C ASN A 950 9.62 6.21 -5.67
N ASP A 951 10.29 5.57 -4.70
CA ASP A 951 11.39 6.21 -3.97
C ASP A 951 12.68 5.90 -4.71
N LEU A 952 13.12 6.82 -5.57
CA LEU A 952 14.35 6.67 -6.32
C LEU A 952 15.56 7.28 -5.62
N GLY A 953 15.36 7.87 -4.44
CA GLY A 953 16.43 8.49 -3.68
C GLY A 953 17.15 7.57 -2.73
N HIS A 954 16.88 6.27 -2.77
CA HIS A 954 17.54 5.34 -1.87
C HIS A 954 19.03 5.24 -2.18
N PRO A 955 19.87 5.04 -1.17
CA PRO A 955 21.32 4.94 -1.42
C PRO A 955 21.69 3.78 -2.34
N PHE A 956 20.91 2.70 -2.35
CA PHE A 956 21.24 1.57 -3.21
C PHE A 956 21.17 1.97 -4.68
N CYS A 957 20.17 2.75 -5.07
CA CYS A 957 20.11 3.25 -6.44
C CYS A 957 21.29 4.17 -6.74
N ASN A 958 21.67 5.01 -5.76
CA ASN A 958 22.78 5.94 -5.97
C ASN A 958 24.09 5.19 -6.22
N ASN A 959 24.37 4.16 -5.42
CA ASN A 959 25.61 3.41 -5.63
C ASN A 959 25.53 2.46 -6.82
N LEU A 960 24.34 2.02 -7.21
CA LEU A 960 24.21 1.28 -8.46
C LEU A 960 24.50 2.17 -9.67
N ARG A 961 24.02 3.41 -9.64
CA ARG A 961 24.26 4.34 -10.74
C ARG A 961 25.65 4.97 -10.69
N SER A 962 26.34 4.91 -9.54
CA SER A 962 27.67 5.51 -9.44
C SER A 962 28.67 4.80 -10.35
N GLY A 963 28.63 3.46 -10.39
CA GLY A 963 29.55 2.70 -11.20
C GLY A 963 28.90 1.47 -11.77
N ASP A 964 29.56 0.89 -12.77
CA ASP A 964 29.09 -0.30 -13.46
C ASP A 964 30.00 -1.49 -13.23
N TRP A 965 30.72 -1.51 -12.11
CA TRP A 965 31.61 -2.62 -11.81
C TRP A 965 30.84 -3.89 -11.46
N MET A 966 29.59 -3.76 -11.02
CA MET A 966 28.76 -4.93 -10.75
C MET A 966 28.53 -5.75 -12.02
N ILE A 967 28.27 -5.07 -13.14
CA ILE A 967 28.06 -5.76 -14.40
C ILE A 967 29.32 -6.52 -14.81
N ASP A 968 30.48 -5.88 -14.70
CA ASP A 968 31.73 -6.53 -15.05
C ASP A 968 32.00 -7.74 -14.15
N TYR A 969 31.74 -7.59 -12.85
CA TYR A 969 31.95 -8.71 -11.93
C TYR A 969 31.02 -9.87 -12.26
N VAL A 970 29.75 -9.58 -12.56
CA VAL A 970 28.79 -10.62 -12.90
C VAL A 970 29.22 -11.33 -14.19
N SER A 971 29.66 -10.56 -15.19
CA SER A 971 30.11 -11.17 -16.44
C SER A 971 31.34 -12.05 -16.22
N ASN A 972 32.30 -11.56 -15.41
CA ASN A 972 33.50 -12.35 -15.14
C ASN A 972 33.16 -13.63 -14.40
N ARG A 973 32.24 -13.58 -13.45
CA ARG A 973 31.84 -14.79 -12.74
C ARG A 973 31.08 -15.74 -13.67
N LEU A 974 30.31 -15.21 -14.61
CA LEU A 974 29.54 -16.08 -15.51
C LEU A 974 30.42 -16.74 -16.56
N ILE A 975 31.47 -16.06 -17.01
CA ILE A 975 32.33 -16.62 -18.05
C ILE A 975 33.41 -17.50 -17.42
N SER A 976 33.33 -17.70 -16.10
CA SER A 976 34.32 -18.51 -15.42
C SER A 976 34.24 -19.97 -15.85
N ARG A 977 33.03 -20.50 -16.01
CA ARG A 977 32.84 -21.90 -16.36
C ARG A 977 32.85 -22.05 -17.88
N SER A 978 32.58 -23.27 -18.35
CA SER A 978 32.57 -23.57 -19.78
C SER A 978 31.35 -24.40 -20.13
N GLY A 979 30.94 -24.32 -21.39
CA GLY A 979 29.77 -25.05 -21.87
C GLY A 979 28.56 -24.15 -22.01
N THR A 980 27.42 -24.59 -21.45
CA THR A 980 26.22 -23.76 -21.47
C THR A 980 26.43 -22.49 -20.65
N ILE A 981 27.18 -22.59 -19.54
CA ILE A 981 27.51 -21.41 -18.76
C ILE A 981 28.34 -20.43 -19.58
N ALA A 982 29.32 -20.95 -20.33
CA ALA A 982 30.12 -20.09 -21.20
C ALA A 982 29.25 -19.44 -22.27
N GLU A 983 28.31 -20.20 -22.84
CA GLU A 983 27.44 -19.66 -23.88
C GLU A 983 26.56 -18.53 -23.33
N VAL A 984 25.96 -18.74 -22.16
CA VAL A 984 25.10 -17.70 -21.60
C VAL A 984 25.93 -16.50 -21.17
N GLY A 985 27.14 -16.72 -20.66
CA GLY A 985 28.01 -15.61 -20.34
C GLY A 985 28.37 -14.79 -21.56
N LYS A 986 28.66 -15.46 -22.68
CA LYS A 986 28.92 -14.75 -23.93
C LYS A 986 27.69 -13.98 -24.39
N TRP A 987 26.51 -14.56 -24.22
CA TRP A 987 25.29 -13.87 -24.62
C TRP A 987 25.06 -12.60 -23.79
N LEU A 988 25.26 -12.70 -22.47
CA LEU A 988 25.15 -11.50 -21.63
C LEU A 988 26.23 -10.48 -21.97
N GLN A 989 27.43 -10.94 -22.28
CA GLN A 989 28.49 -10.00 -22.68
C GLN A 989 28.13 -9.26 -23.96
N ALA A 990 27.58 -9.99 -24.95
CA ALA A 990 27.14 -9.35 -26.19
C ALA A 990 26.02 -8.36 -25.93
N MET A 991 25.07 -8.73 -25.06
CA MET A 991 23.99 -7.80 -24.72
C MET A 991 24.52 -6.54 -24.05
N PHE A 992 25.48 -6.71 -23.12
CA PHE A 992 26.06 -5.55 -22.44
C PHE A 992 26.81 -4.66 -23.44
N PHE A 993 27.53 -5.27 -24.38
CA PHE A 993 28.22 -4.49 -25.41
C PHE A 993 27.20 -3.72 -26.24
N TYR A 994 26.08 -4.37 -26.58
CA TYR A 994 25.03 -3.70 -27.36
C TYR A 994 24.44 -2.52 -26.61
N LEU A 995 24.23 -2.68 -25.30
CA LEU A 995 23.60 -1.64 -24.50
C LEU A 995 24.60 -0.67 -23.88
N LYS A 996 25.90 -0.79 -24.19
CA LYS A 996 26.91 0.10 -23.64
C LYS A 996 27.10 1.37 -24.47
N GLN A 997 26.14 1.71 -25.33
CA GLN A 997 26.20 2.89 -26.18
C GLN A 997 24.99 3.80 -25.94
N ILE A 998 24.65 4.01 -24.68
CA ILE A 998 23.47 4.80 -24.32
C ILE A 998 23.89 5.96 -23.43
N PRO A 999 23.17 7.09 -23.47
CA PRO A 999 23.52 8.22 -22.60
C PRO A 999 22.77 8.21 -21.28
N ARG A 1000 23.05 9.22 -20.43
CA ARG A 1000 22.35 9.45 -19.18
C ARG A 1000 22.64 8.40 -18.12
N TYR A 1001 23.42 7.38 -18.48
CA TYR A 1001 23.84 6.32 -17.56
C TYR A 1001 22.66 5.67 -16.85
N LEU A 1002 21.60 5.41 -17.63
CA LEU A 1002 20.43 4.70 -17.12
C LEU A 1002 20.52 3.19 -17.32
N ILE A 1003 21.75 2.67 -17.37
CA ILE A 1003 22.05 1.25 -17.55
C ILE A 1003 21.34 0.37 -16.51
N PRO A 1004 21.28 0.74 -15.22
CA PRO A 1004 20.63 -0.17 -14.25
C PRO A 1004 19.18 -0.51 -14.60
N CYS A 1005 18.44 0.39 -15.24
CA CYS A 1005 17.08 0.07 -15.63
C CYS A 1005 17.06 -1.09 -16.64
N TYR A 1006 17.92 -1.02 -17.66
CA TYR A 1006 17.98 -2.10 -18.63
C TYR A 1006 18.51 -3.38 -18.00
N PHE A 1007 19.45 -3.26 -17.06
CA PHE A 1007 19.96 -4.43 -16.36
C PHE A 1007 18.86 -5.11 -15.57
N ASP A 1008 18.03 -4.32 -14.87
CA ASP A 1008 16.90 -4.90 -14.14
C ASP A 1008 15.90 -5.53 -15.09
N ALA A 1009 15.65 -4.90 -16.24
CA ALA A 1009 14.70 -5.46 -17.20
C ALA A 1009 15.19 -6.80 -17.73
N ILE A 1010 16.47 -6.88 -18.12
CA ILE A 1010 16.99 -8.13 -18.65
C ILE A 1010 17.08 -9.19 -17.56
N LEU A 1011 17.37 -8.80 -16.32
CA LEU A 1011 17.38 -9.75 -15.22
C LEU A 1011 15.97 -10.31 -14.98
N ILE A 1012 14.95 -9.44 -15.05
CA ILE A 1012 13.57 -9.90 -14.90
C ILE A 1012 13.21 -10.87 -16.01
N GLY A 1013 13.61 -10.55 -17.26
CA GLY A 1013 13.33 -11.46 -18.36
C GLY A 1013 14.00 -12.81 -18.19
N ALA A 1014 15.28 -12.79 -17.82
CA ALA A 1014 16.01 -14.04 -17.63
C ALA A 1014 15.40 -14.87 -16.50
N TYR A 1015 15.02 -14.22 -15.40
CA TYR A 1015 14.37 -14.92 -14.30
C TYR A 1015 13.04 -15.53 -14.74
N THR A 1016 12.28 -14.80 -15.56
CA THR A 1016 11.01 -15.32 -16.05
C THR A 1016 11.22 -16.55 -16.91
N THR A 1017 12.19 -16.50 -17.83
CA THR A 1017 12.44 -17.68 -18.66
C THR A 1017 12.97 -18.85 -17.84
N LEU A 1018 13.81 -18.58 -16.85
CA LEU A 1018 14.33 -19.65 -15.99
C LEU A 1018 13.19 -20.30 -15.20
N LEU A 1019 12.29 -19.48 -14.63
CA LEU A 1019 11.16 -20.03 -13.90
C LEU A 1019 10.26 -20.84 -14.81
N ASP A 1020 10.02 -20.36 -16.03
CA ASP A 1020 9.18 -21.09 -16.97
C ASP A 1020 9.79 -22.45 -17.32
N THR A 1021 11.08 -22.45 -17.70
CA THR A 1021 11.72 -23.69 -18.10
C THR A 1021 11.92 -24.64 -16.92
N ALA A 1022 11.94 -24.12 -15.69
CA ALA A 1022 11.94 -25.01 -14.53
C ALA A 1022 10.55 -25.59 -14.28
N TRP A 1023 9.50 -24.80 -14.54
CA TRP A 1023 8.14 -25.29 -14.37
C TRP A 1023 7.82 -26.39 -15.39
N LYS A 1024 8.25 -26.21 -16.64
CA LYS A 1024 8.00 -27.26 -17.64
C LYS A 1024 8.74 -28.54 -17.29
N GLN A 1025 9.98 -28.43 -16.81
CA GLN A 1025 10.77 -29.60 -16.41
C GLN A 1025 10.45 -29.95 -14.95
N MET A 1026 9.21 -30.37 -14.73
CA MET A 1026 8.73 -30.72 -13.41
C MET A 1026 7.53 -31.65 -13.56
N SER A 1027 7.17 -32.29 -12.45
CA SER A 1027 6.02 -33.19 -12.45
C SER A 1027 4.73 -32.39 -12.57
N SER A 1028 3.60 -33.10 -12.60
CA SER A 1028 2.29 -32.49 -12.77
C SER A 1028 1.61 -32.18 -11.44
N PHE A 1029 2.38 -31.92 -10.39
CA PHE A 1029 1.83 -31.64 -9.07
C PHE A 1029 1.87 -30.16 -8.72
N VAL A 1030 2.96 -29.46 -9.06
CA VAL A 1030 3.08 -28.06 -8.70
C VAL A 1030 2.12 -27.19 -9.49
N GLN A 1031 1.81 -27.57 -10.73
CA GLN A 1031 0.88 -26.78 -11.54
C GLN A 1031 -0.53 -26.81 -10.95
N ASN A 1032 -0.96 -27.98 -10.48
CA ASN A 1032 -2.30 -28.09 -9.89
C ASN A 1032 -2.41 -27.30 -8.60
N GLY A 1033 -1.34 -27.25 -7.80
CA GLY A 1033 -1.35 -26.52 -6.55
C GLY A 1033 -1.22 -25.02 -6.75
N SER A 1034 -1.25 -24.30 -5.63
CA SER A 1034 -1.16 -22.86 -5.65
C SER A 1034 0.30 -22.41 -5.85
N THR A 1035 0.51 -21.11 -5.84
CA THR A 1035 1.86 -20.57 -6.04
C THR A 1035 2.78 -20.87 -4.86
N PHE A 1036 2.22 -21.17 -3.69
CA PHE A 1036 3.06 -21.52 -2.54
C PHE A 1036 3.84 -22.81 -2.79
N VAL A 1037 3.19 -23.81 -3.40
CA VAL A 1037 3.87 -25.06 -3.71
C VAL A 1037 5.00 -24.82 -4.71
N LYS A 1038 4.73 -24.00 -5.73
CA LYS A 1038 5.78 -23.69 -6.72
C LYS A 1038 6.94 -22.96 -6.07
N HIS A 1039 6.66 -22.00 -5.19
CA HIS A 1039 7.72 -21.27 -4.51
C HIS A 1039 8.54 -22.20 -3.63
N LEU A 1040 7.88 -23.11 -2.90
CA LEU A 1040 8.59 -24.06 -2.06
C LEU A 1040 9.46 -24.99 -2.89
N SER A 1041 8.94 -25.46 -4.02
CA SER A 1041 9.73 -26.33 -4.90
C SER A 1041 10.94 -25.59 -5.46
N LEU A 1042 10.76 -24.33 -5.87
CA LEU A 1042 11.87 -23.54 -6.39
C LEU A 1042 12.92 -23.32 -5.30
N GLY A 1043 12.48 -23.02 -4.08
CA GLY A 1043 13.43 -22.83 -2.99
C GLY A 1043 14.20 -24.10 -2.66
N SER A 1044 13.50 -25.25 -2.67
CA SER A 1044 14.17 -26.52 -2.42
C SER A 1044 15.18 -26.84 -3.51
N VAL A 1045 14.82 -26.60 -4.78
CA VAL A 1045 15.73 -26.86 -5.88
C VAL A 1045 16.95 -25.95 -5.80
N GLN A 1046 16.73 -24.66 -5.53
CA GLN A 1046 17.83 -23.70 -5.49
C GLN A 1046 18.74 -23.92 -4.29
N LEU A 1047 18.27 -24.64 -3.27
CA LEU A 1047 19.10 -24.89 -2.09
C LEU A 1047 20.32 -25.73 -2.44
N CYS A 1048 20.14 -26.75 -3.28
CA CYS A 1048 21.24 -27.63 -3.63
C CYS A 1048 22.26 -26.91 -4.50
N GLY A 1049 23.50 -27.38 -4.42
CA GLY A 1049 24.58 -26.79 -5.21
C GLY A 1049 25.79 -27.68 -5.20
N VAL A 1050 26.70 -27.40 -6.13
CA VAL A 1050 27.94 -28.16 -6.29
C VAL A 1050 29.12 -27.21 -6.17
N GLY A 1051 30.04 -27.52 -5.26
CA GLY A 1051 31.24 -26.75 -5.09
C GLY A 1051 32.41 -27.31 -5.89
N LYS A 1052 33.56 -26.66 -5.73
CA LYS A 1052 34.78 -27.13 -6.41
C LYS A 1052 35.20 -28.49 -5.90
N PHE A 1053 35.12 -28.71 -4.58
CA PHE A 1053 35.50 -29.98 -4.00
C PHE A 1053 34.26 -30.86 -3.83
N PRO A 1054 34.17 -32.01 -4.51
CA PRO A 1054 33.00 -32.86 -4.36
C PRO A 1054 32.91 -33.42 -2.94
N SER A 1055 31.66 -33.63 -2.49
CA SER A 1055 31.39 -34.17 -1.17
C SER A 1055 30.80 -35.57 -1.19
N LEU A 1056 30.04 -35.92 -2.22
CA LEU A 1056 29.45 -37.24 -2.30
C LEU A 1056 30.52 -38.28 -2.68
N PRO A 1057 30.37 -39.51 -2.22
CA PRO A 1057 31.33 -40.56 -2.59
C PRO A 1057 31.26 -40.86 -4.08
N ILE A 1058 32.38 -41.33 -4.62
CA ILE A 1058 32.45 -41.65 -6.05
C ILE A 1058 31.54 -42.83 -6.34
N LEU A 1059 30.66 -42.64 -7.33
CA LEU A 1059 29.72 -43.69 -7.69
C LEU A 1059 30.42 -44.81 -8.45
N SER A 1060 29.80 -45.99 -8.42
CA SER A 1060 30.35 -47.13 -9.13
C SER A 1060 30.26 -46.91 -10.64
N PRO A 1061 31.25 -47.42 -11.39
CA PRO A 1061 31.20 -47.26 -12.86
C PRO A 1061 29.98 -47.90 -13.50
N ALA A 1062 29.45 -48.97 -12.90
CA ALA A 1062 28.28 -49.63 -13.47
C ALA A 1062 27.02 -48.79 -13.36
N LEU A 1063 27.02 -47.78 -12.50
CA LEU A 1063 25.85 -46.92 -12.35
C LEU A 1063 25.62 -46.10 -13.61
N MET A 1064 24.35 -45.79 -13.88
CA MET A 1064 23.95 -45.05 -15.06
C MET A 1064 23.59 -43.61 -14.68
N ASP A 1065 23.78 -42.70 -15.64
CA ASP A 1065 23.56 -41.26 -15.45
C ASP A 1065 24.41 -40.73 -14.30
N VAL A 1066 25.72 -40.86 -14.45
CA VAL A 1066 26.69 -40.39 -13.46
C VAL A 1066 27.33 -39.12 -14.01
N PRO A 1067 27.06 -37.95 -13.41
CA PRO A 1067 27.69 -36.72 -13.90
C PRO A 1067 29.19 -36.72 -13.72
N TYR A 1068 29.89 -36.07 -14.64
CA TYR A 1068 31.34 -35.98 -14.61
C TYR A 1068 31.76 -34.56 -14.96
N ARG A 1069 32.93 -34.17 -14.45
CA ARG A 1069 33.47 -32.84 -14.70
C ARG A 1069 34.98 -32.88 -14.57
N LEU A 1070 35.63 -31.85 -15.11
CA LEU A 1070 37.09 -31.73 -15.06
C LEU A 1070 37.47 -30.65 -14.06
N ASN A 1071 38.36 -31.02 -13.13
CA ASN A 1071 38.81 -30.06 -12.13
C ASN A 1071 39.65 -28.96 -12.77
N GLU A 1072 39.46 -27.73 -12.29
CA GLU A 1072 40.20 -26.58 -12.82
C GLU A 1072 41.60 -26.45 -12.24
N ILE A 1073 41.92 -27.21 -11.19
CA ILE A 1073 43.23 -27.15 -10.55
C ILE A 1073 44.06 -28.40 -10.86
N THR A 1074 43.54 -29.58 -10.51
CA THR A 1074 44.25 -30.82 -10.75
C THR A 1074 44.16 -31.31 -12.19
N LYS A 1075 43.27 -30.72 -13.00
CA LYS A 1075 43.10 -31.11 -14.40
C LYS A 1075 42.79 -32.61 -14.52
N GLU A 1076 41.94 -33.11 -13.64
CA GLU A 1076 41.55 -34.50 -13.62
C GLU A 1076 40.03 -34.62 -13.63
N LYS A 1077 39.54 -35.70 -14.21
CA LYS A 1077 38.10 -35.94 -14.30
C LYS A 1077 37.60 -36.50 -12.98
N GLU A 1078 36.67 -35.78 -12.34
CA GLU A 1078 36.09 -36.19 -11.08
C GLU A 1078 34.57 -36.04 -11.14
N GLN A 1079 33.88 -36.87 -10.37
CA GLN A 1079 32.43 -36.82 -10.33
C GLN A 1079 31.96 -35.53 -9.67
N CYS A 1080 30.88 -34.96 -10.22
CA CYS A 1080 30.30 -33.71 -9.73
C CYS A 1080 28.89 -33.94 -9.21
N CYS A 1081 28.70 -35.03 -8.45
CA CYS A 1081 27.39 -35.32 -7.88
C CYS A 1081 26.99 -34.25 -6.88
N VAL A 1082 25.70 -33.90 -6.90
CA VAL A 1082 25.18 -32.85 -6.02
C VAL A 1082 24.97 -33.44 -4.63
N SER A 1083 25.54 -32.77 -3.63
CA SER A 1083 25.42 -33.16 -2.23
C SER A 1083 24.47 -32.21 -1.52
N LEU A 1084 23.49 -32.76 -0.82
CA LEU A 1084 22.47 -31.97 -0.14
C LEU A 1084 22.93 -31.66 1.28
N ALA A 1085 22.79 -30.40 1.67
CA ALA A 1085 23.18 -29.94 3.01
C ALA A 1085 22.25 -28.81 3.45
N ALA A 1086 22.23 -28.58 4.75
CA ALA A 1086 21.39 -27.53 5.33
C ALA A 1086 22.02 -26.18 5.04
N GLY A 1087 21.74 -25.66 3.85
CA GLY A 1087 22.30 -24.40 3.42
C GLY A 1087 23.76 -24.52 3.03
N LEU A 1088 24.39 -23.35 2.88
CA LEU A 1088 25.80 -23.25 2.53
C LEU A 1088 26.49 -22.26 3.48
N PRO A 1089 26.68 -22.66 4.75
CA PRO A 1089 27.36 -21.77 5.69
C PRO A 1089 28.86 -21.97 5.70
N HIS A 1090 29.57 -21.15 6.48
CA HIS A 1090 31.02 -21.30 6.58
C HIS A 1090 31.43 -22.48 7.46
N PHE A 1091 30.52 -22.97 8.32
CA PHE A 1091 30.85 -24.09 9.17
C PHE A 1091 31.09 -25.37 8.37
N SER A 1092 30.25 -25.61 7.36
CA SER A 1092 30.35 -26.81 6.54
C SER A 1092 30.80 -26.43 5.14
N SER A 1093 31.88 -27.05 4.68
CA SER A 1093 32.41 -26.79 3.34
C SER A 1093 33.04 -28.08 2.81
N GLY A 1094 32.27 -28.85 2.05
CA GLY A 1094 32.76 -30.07 1.45
C GLY A 1094 32.88 -31.23 2.42
N ILE A 1095 33.81 -31.13 3.37
CA ILE A 1095 34.03 -32.22 4.31
C ILE A 1095 32.83 -32.41 5.22
N PHE A 1096 32.16 -31.32 5.59
CA PHE A 1096 30.99 -31.37 6.46
C PHE A 1096 29.68 -31.19 5.69
N ARG A 1097 29.72 -31.25 4.36
CA ARG A 1097 28.52 -31.07 3.56
C ARG A 1097 27.60 -32.29 3.60
N CYS A 1098 28.05 -33.40 4.18
CA CYS A 1098 27.26 -34.63 4.24
C CYS A 1098 27.00 -34.99 5.70
N TRP A 1099 25.78 -35.44 5.98
CA TRP A 1099 25.37 -35.82 7.32
C TRP A 1099 24.53 -37.11 7.20
N GLY A 1100 23.84 -37.45 8.28
CA GLY A 1100 23.11 -38.70 8.33
C GLY A 1100 21.61 -38.61 8.12
N ARG A 1101 20.85 -38.69 9.21
CA ARG A 1101 19.40 -38.82 9.10
C ARG A 1101 18.76 -37.56 8.52
N ASP A 1102 19.29 -36.38 8.87
CA ASP A 1102 18.73 -35.14 8.35
C ASP A 1102 18.88 -35.06 6.83
N THR A 1103 20.08 -35.36 6.32
CA THR A 1103 20.29 -35.36 4.89
C THR A 1103 19.46 -36.45 4.22
N PHE A 1104 19.32 -37.60 4.88
CA PHE A 1104 18.54 -38.69 4.30
C PHE A 1104 17.08 -38.29 4.13
N ILE A 1105 16.47 -37.72 5.18
CA ILE A 1105 15.07 -37.33 5.09
C ILE A 1105 14.90 -36.16 4.11
N ALA A 1106 15.87 -35.25 4.07
CA ALA A 1106 15.79 -34.15 3.12
C ALA A 1106 15.82 -34.66 1.68
N LEU A 1107 16.74 -35.57 1.38
CA LEU A 1107 16.82 -36.12 0.03
C LEU A 1107 15.57 -36.93 -0.30
N ARG A 1108 15.03 -37.66 0.69
CA ARG A 1108 13.77 -38.35 0.46
C ARG A 1108 12.69 -37.37 0.06
N GLY A 1109 12.59 -36.25 0.78
CA GLY A 1109 11.57 -35.27 0.45
C GLY A 1109 11.73 -34.69 -0.95
N ILE A 1110 12.94 -34.25 -1.29
CA ILE A 1110 13.14 -33.60 -2.59
C ILE A 1110 12.94 -34.58 -3.73
N LEU A 1111 13.57 -35.76 -3.65
CA LEU A 1111 13.50 -36.71 -4.75
C LEU A 1111 12.25 -37.60 -4.71
N LEU A 1112 11.34 -37.39 -3.75
CA LEU A 1112 10.02 -37.97 -3.85
C LEU A 1112 8.93 -36.94 -4.08
N ILE A 1113 9.25 -35.66 -4.00
CA ILE A 1113 8.30 -34.62 -4.40
C ILE A 1113 8.53 -34.19 -5.84
N THR A 1114 9.78 -33.92 -6.21
CA THR A 1114 10.08 -33.57 -7.60
C THR A 1114 9.86 -34.75 -8.53
N GLY A 1115 10.37 -35.92 -8.15
CA GLY A 1115 10.21 -37.11 -8.96
C GLY A 1115 11.49 -37.62 -9.59
N ARG A 1116 12.62 -37.40 -8.90
CA ARG A 1116 13.92 -37.85 -9.39
C ARG A 1116 14.12 -39.30 -8.98
N TYR A 1117 13.59 -40.21 -9.82
CA TYR A 1117 13.67 -41.63 -9.51
C TYR A 1117 15.09 -42.17 -9.70
N VAL A 1118 15.76 -41.77 -10.78
CA VAL A 1118 17.10 -42.28 -11.05
C VAL A 1118 18.09 -41.76 -10.02
N GLU A 1119 17.93 -40.50 -9.60
CA GLU A 1119 18.80 -39.96 -8.55
C GLU A 1119 18.59 -40.67 -7.23
N ALA A 1120 17.32 -40.98 -6.89
CA ALA A 1120 17.04 -41.73 -5.67
C ALA A 1120 17.64 -43.13 -5.74
N ARG A 1121 17.54 -43.78 -6.90
CA ARG A 1121 18.13 -45.11 -7.06
C ARG A 1121 19.65 -45.05 -6.91
N ASN A 1122 20.30 -44.04 -7.50
CA ASN A 1122 21.73 -43.89 -7.36
C ASN A 1122 22.13 -43.65 -5.90
N ILE A 1123 21.37 -42.81 -5.19
CA ILE A 1123 21.66 -42.55 -3.79
C ILE A 1123 21.51 -43.82 -2.96
N ILE A 1124 20.45 -44.60 -3.23
CA ILE A 1124 20.23 -45.85 -2.50
C ILE A 1124 21.37 -46.83 -2.77
N LEU A 1125 21.79 -46.93 -4.03
CA LEU A 1125 22.90 -47.83 -4.36
C LEU A 1125 24.19 -47.40 -3.69
N ALA A 1126 24.47 -46.10 -3.66
CA ALA A 1126 25.67 -45.61 -3.00
C ALA A 1126 25.62 -45.89 -1.50
N PHE A 1127 24.46 -45.67 -0.88
CA PHE A 1127 24.33 -45.94 0.56
C PHE A 1127 24.51 -47.42 0.86
N ALA A 1128 23.94 -48.28 0.01
CA ALA A 1128 24.12 -49.72 0.20
C ALA A 1128 25.58 -50.13 0.04
N GLY A 1129 26.27 -49.54 -0.94
CA GLY A 1129 27.67 -49.86 -1.14
C GLY A 1129 28.55 -49.39 0.01
N THR A 1130 28.26 -48.21 0.55
CA THR A 1130 29.04 -47.66 1.65
C THR A 1130 28.60 -48.18 3.02
N LEU A 1131 27.50 -48.95 3.08
CA LEU A 1131 27.03 -49.47 4.35
C LEU A 1131 27.99 -50.51 4.89
N ARG A 1132 28.25 -50.45 6.20
CA ARG A 1132 29.13 -51.39 6.87
C ARG A 1132 28.42 -51.94 8.09
N HIS A 1133 28.34 -53.28 8.17
CA HIS A 1133 27.71 -53.98 9.29
C HIS A 1133 26.26 -53.55 9.49
N GLY A 1134 25.59 -53.15 8.40
CA GLY A 1134 24.22 -52.70 8.49
C GLY A 1134 24.02 -51.45 9.33
N LEU A 1135 25.00 -50.55 9.34
CA LEU A 1135 24.92 -49.32 10.10
C LEU A 1135 25.32 -48.15 9.22
N ILE A 1136 24.59 -47.04 9.34
CA ILE A 1136 24.89 -45.84 8.57
C ILE A 1136 26.18 -45.22 9.11
N PRO A 1137 27.17 -44.93 8.26
CA PRO A 1137 28.42 -44.33 8.76
C PRO A 1137 28.21 -42.99 9.46
N ASN A 1138 27.25 -42.19 9.01
CA ASN A 1138 26.88 -40.89 9.56
C ASN A 1138 27.95 -39.83 9.34
N LEU A 1139 29.10 -40.19 8.76
CA LEU A 1139 30.17 -39.22 8.48
C LEU A 1139 31.09 -39.83 7.43
N LEU A 1140 31.15 -39.20 6.27
CA LEU A 1140 31.97 -39.69 5.15
C LEU A 1140 33.08 -38.68 4.89
N GLY A 1141 34.32 -39.14 5.00
CA GLY A 1141 35.49 -38.32 4.76
C GLY A 1141 36.17 -38.54 3.42
N GLU A 1142 35.53 -39.24 2.49
CA GLU A 1142 36.11 -39.55 1.18
C GLU A 1142 37.45 -40.27 1.33
N GLY A 1143 37.51 -41.20 2.28
CA GLY A 1143 38.74 -41.94 2.53
C GLY A 1143 38.63 -42.88 3.72
N ILE A 1144 39.65 -42.86 4.58
CA ILE A 1144 39.66 -43.74 5.75
C ILE A 1144 38.86 -43.19 6.92
N TYR A 1145 38.36 -41.96 6.81
CA TYR A 1145 37.59 -41.37 7.90
C TYR A 1145 36.27 -42.08 8.07
N ALA A 1146 35.96 -42.45 9.32
CA ALA A 1146 34.71 -43.14 9.63
C ALA A 1146 34.42 -42.98 11.12
N ARG A 1147 33.19 -42.59 11.44
CA ARG A 1147 32.76 -42.37 12.83
C ARG A 1147 31.45 -43.13 13.03
N TYR A 1148 31.56 -44.40 13.41
CA TYR A 1148 30.38 -45.25 13.65
C TYR A 1148 29.97 -45.17 15.12
N ASN A 1149 29.66 -43.95 15.56
CA ASN A 1149 29.27 -43.69 16.94
C ASN A 1149 27.76 -43.73 17.16
N CYS A 1150 26.98 -43.99 16.12
CA CYS A 1150 25.53 -44.04 16.23
C CYS A 1150 25.01 -45.30 15.56
N ARG A 1151 23.94 -45.85 16.14
CA ARG A 1151 23.28 -47.04 15.62
C ARG A 1151 21.96 -46.72 14.91
N ASP A 1152 21.64 -45.44 14.76
CA ASP A 1152 20.38 -45.03 14.16
C ASP A 1152 20.56 -44.90 12.64
N ALA A 1153 19.55 -44.30 11.99
CA ALA A 1153 19.50 -44.03 10.55
C ALA A 1153 19.40 -45.29 9.70
N VAL A 1154 19.36 -46.47 10.31
CA VAL A 1154 19.15 -47.70 9.54
C VAL A 1154 17.68 -47.93 9.27
N TRP A 1155 16.85 -47.81 10.31
CA TRP A 1155 15.41 -47.93 10.13
C TRP A 1155 14.87 -46.79 9.28
N TRP A 1156 15.45 -45.59 9.40
CA TRP A 1156 15.06 -44.48 8.54
C TRP A 1156 15.36 -44.79 7.07
N TRP A 1157 16.53 -45.37 6.80
CA TRP A 1157 16.88 -45.75 5.44
C TRP A 1157 15.95 -46.84 4.92
N LEU A 1158 15.60 -47.81 5.78
CA LEU A 1158 14.68 -48.86 5.37
C LEU A 1158 13.31 -48.28 5.03
N GLN A 1159 12.80 -47.37 5.86
CA GLN A 1159 11.53 -46.74 5.57
C GLN A 1159 11.59 -45.93 4.28
N CYS A 1160 12.70 -45.20 4.07
CA CYS A 1160 12.85 -44.41 2.86
C CYS A 1160 12.83 -45.28 1.61
N ILE A 1161 13.59 -46.38 1.63
CA ILE A 1161 13.64 -47.24 0.45
C ILE A 1161 12.30 -47.95 0.25
N GLN A 1162 11.61 -48.30 1.33
CA GLN A 1162 10.32 -48.96 1.19
C GLN A 1162 9.27 -48.01 0.61
N ASP A 1163 9.28 -46.74 1.03
CA ASP A 1163 8.31 -45.81 0.46
C ASP A 1163 8.68 -45.43 -0.97
N TYR A 1164 9.97 -45.37 -1.28
CA TYR A 1164 10.38 -45.14 -2.67
C TYR A 1164 9.92 -46.30 -3.56
N CYS A 1165 10.05 -47.53 -3.08
CA CYS A 1165 9.60 -48.68 -3.86
C CYS A 1165 8.07 -48.69 -4.01
N LYS A 1166 7.35 -48.35 -2.94
CA LYS A 1166 5.89 -48.40 -2.99
C LYS A 1166 5.29 -47.25 -3.81
N MET A 1167 5.97 -46.10 -3.85
CA MET A 1167 5.42 -44.96 -4.58
C MET A 1167 5.57 -45.12 -6.09
N VAL A 1168 6.70 -45.65 -6.54
CA VAL A 1168 6.98 -45.79 -7.96
C VAL A 1168 6.22 -46.99 -8.52
N PRO A 1169 5.34 -46.79 -9.50
CA PRO A 1169 4.64 -47.92 -10.09
C PRO A 1169 5.59 -48.84 -10.87
N ASN A 1170 5.26 -50.12 -10.87
CA ASN A 1170 6.06 -51.14 -11.56
C ASN A 1170 7.52 -51.12 -11.11
N GLY A 1171 7.71 -50.97 -9.80
CA GLY A 1171 9.02 -50.90 -9.21
C GLY A 1171 9.66 -52.24 -8.89
N LEU A 1172 9.00 -53.34 -9.24
CA LEU A 1172 9.55 -54.67 -8.96
C LEU A 1172 10.76 -55.01 -9.80
N ASP A 1173 11.04 -54.23 -10.85
CA ASP A 1173 12.19 -54.50 -11.71
C ASP A 1173 13.50 -53.98 -11.14
N ILE A 1174 13.46 -53.26 -10.03
CA ILE A 1174 14.67 -52.70 -9.44
C ILE A 1174 15.18 -53.53 -8.25
N LEU A 1175 14.34 -54.40 -7.68
CA LEU A 1175 14.79 -55.22 -6.56
C LEU A 1175 15.78 -56.29 -7.01
N LYS A 1176 15.62 -56.82 -8.22
CA LYS A 1176 16.49 -57.86 -8.74
C LYS A 1176 17.68 -57.32 -9.52
N CYS A 1177 17.83 -56.00 -9.61
CA CYS A 1177 18.95 -55.43 -10.34
C CYS A 1177 20.26 -55.69 -9.60
N PRO A 1178 21.36 -55.88 -10.32
CA PRO A 1178 22.65 -56.11 -9.67
C PRO A 1178 23.09 -54.89 -8.87
N VAL A 1179 23.79 -55.15 -7.77
CA VAL A 1179 24.32 -54.12 -6.89
C VAL A 1179 25.82 -54.34 -6.76
N SER A 1180 26.60 -53.29 -7.03
CA SER A 1180 28.06 -53.34 -6.98
C SER A 1180 28.53 -52.59 -5.75
N ARG A 1181 28.80 -53.32 -4.67
CA ARG A 1181 29.32 -52.72 -3.45
C ARG A 1181 30.74 -52.21 -3.69
N MET A 1182 31.02 -51.00 -3.18
CA MET A 1182 32.29 -50.35 -3.45
C MET A 1182 33.14 -50.09 -2.21
N TYR A 1183 32.57 -50.16 -1.01
CA TYR A 1183 33.29 -49.87 0.23
C TYR A 1183 33.11 -51.00 1.23
N PRO A 1184 33.77 -52.13 1.02
CA PRO A 1184 33.75 -53.22 2.00
C PRO A 1184 34.75 -52.96 3.12
N THR A 1185 34.26 -52.67 4.31
CA THR A 1185 35.09 -52.39 5.47
C THR A 1185 34.70 -53.37 6.58
N ASP A 1186 35.32 -54.54 6.58
CA ASP A 1186 35.07 -55.57 7.58
C ASP A 1186 36.30 -55.82 8.44
N ASP A 1187 37.44 -56.16 7.83
CA ASP A 1187 38.66 -56.42 8.59
C ASP A 1187 39.92 -55.89 7.93
N SER A 1188 39.82 -55.18 6.81
CA SER A 1188 40.99 -54.67 6.11
C SER A 1188 40.56 -53.47 5.27
N ALA A 1189 41.50 -52.94 4.48
CA ALA A 1189 41.20 -51.80 3.62
C ALA A 1189 40.25 -52.23 2.51
N PRO A 1190 39.34 -51.35 2.09
CA PRO A 1190 38.41 -51.70 1.01
C PRO A 1190 39.15 -51.91 -0.31
N LEU A 1191 38.61 -52.83 -1.11
CA LEU A 1191 39.15 -53.14 -2.42
C LEU A 1191 38.41 -52.35 -3.50
N PRO A 1192 39.03 -52.17 -4.67
CA PRO A 1192 38.32 -51.47 -5.76
C PRO A 1192 37.05 -52.19 -6.17
N ALA A 1193 36.05 -51.40 -6.55
CA ALA A 1193 34.75 -51.95 -6.89
C ALA A 1193 34.81 -52.74 -8.21
N GLY A 1194 33.70 -53.39 -8.53
CA GLY A 1194 33.61 -54.21 -9.72
C GLY A 1194 33.98 -55.66 -9.53
N THR A 1195 34.46 -56.04 -8.34
CA THR A 1195 34.81 -57.43 -8.10
C THR A 1195 33.59 -58.35 -8.15
N LEU A 1196 32.47 -57.89 -7.59
CA LEU A 1196 31.25 -58.68 -7.54
C LEU A 1196 30.05 -57.77 -7.74
N ASP A 1197 28.95 -58.37 -8.20
CA ASP A 1197 27.70 -57.67 -8.46
C ASP A 1197 26.53 -58.44 -7.85
N GLN A 1198 26.69 -58.85 -6.60
CA GLN A 1198 25.65 -59.63 -5.92
C GLN A 1198 24.41 -58.76 -5.67
N PRO A 1199 23.23 -59.37 -5.67
CA PRO A 1199 22.01 -58.59 -5.38
C PRO A 1199 21.99 -58.08 -3.95
N LEU A 1200 21.29 -56.95 -3.76
CA LEU A 1200 21.20 -56.34 -2.45
C LEU A 1200 20.37 -57.14 -1.46
N PHE A 1201 19.63 -58.16 -1.93
CA PHE A 1201 18.82 -58.97 -1.02
C PHE A 1201 19.71 -59.70 -0.02
N GLU A 1202 20.80 -60.31 -0.50
CA GLU A 1202 21.72 -60.97 0.42
C GLU A 1202 22.40 -59.96 1.34
N VAL A 1203 22.65 -58.74 0.84
CA VAL A 1203 23.28 -57.72 1.67
C VAL A 1203 22.37 -57.33 2.83
N ILE A 1204 21.09 -57.07 2.54
CA ILE A 1204 20.18 -56.69 3.62
C ILE A 1204 19.92 -57.87 4.55
N GLN A 1205 19.87 -59.09 4.02
CA GLN A 1205 19.72 -60.26 4.88
C GLN A 1205 20.90 -60.41 5.83
N GLU A 1206 22.13 -60.22 5.32
CA GLU A 1206 23.30 -60.29 6.18
C GLU A 1206 23.31 -59.17 7.21
N ALA A 1207 22.89 -57.97 6.81
CA ALA A 1207 22.82 -56.85 7.75
C ALA A 1207 21.82 -57.14 8.86
N MET A 1208 20.66 -57.69 8.52
CA MET A 1208 19.67 -58.05 9.53
C MET A 1208 20.19 -59.15 10.45
N GLN A 1209 20.89 -60.14 9.88
CA GLN A 1209 21.47 -61.20 10.71
C GLN A 1209 22.49 -60.64 11.68
N LYS A 1210 23.35 -59.74 11.20
CA LYS A 1210 24.36 -59.13 12.07
C LYS A 1210 23.71 -58.29 13.16
N HIS A 1211 22.65 -57.53 12.81
CA HIS A 1211 21.95 -56.73 13.80
C HIS A 1211 21.31 -57.61 14.87
N MET A 1212 20.69 -58.71 14.45
CA MET A 1212 20.09 -59.63 15.42
C MET A 1212 21.13 -60.27 16.31
N GLN A 1213 22.26 -60.70 15.71
CA GLN A 1213 23.31 -61.32 16.51
C GLN A 1213 24.08 -60.28 17.32
N GLY A 1214 24.32 -59.11 16.76
CA GLY A 1214 25.04 -58.06 17.43
C GLY A 1214 26.43 -57.85 16.83
N ILE A 1215 26.96 -56.65 17.02
CA ILE A 1215 28.27 -56.25 16.53
C ILE A 1215 29.11 -55.80 17.71
N GLN A 1216 30.31 -56.36 17.83
CA GLN A 1216 31.20 -56.08 18.96
C GLN A 1216 32.62 -55.82 18.47
N PHE A 1217 32.74 -54.97 17.44
CA PHE A 1217 34.06 -54.61 16.93
C PHE A 1217 34.75 -53.63 17.87
N ARG A 1218 35.96 -53.23 17.52
CA ARG A 1218 36.73 -52.32 18.34
C ARG A 1218 37.73 -51.57 17.46
N GLU A 1219 37.99 -50.31 17.84
CA GLU A 1219 38.94 -49.44 17.14
C GLU A 1219 38.57 -49.30 15.66
N ARG A 1220 37.41 -48.70 15.43
CA ARG A 1220 36.92 -48.50 14.06
C ARG A 1220 37.53 -47.25 13.43
N ASN A 1221 38.85 -47.12 13.53
CA ASN A 1221 39.63 -45.99 12.99
C ASN A 1221 38.90 -44.67 13.17
N ALA A 1222 38.43 -44.43 14.39
CA ALA A 1222 37.69 -43.22 14.74
C ALA A 1222 38.42 -42.50 15.86
N GLY A 1223 38.72 -41.22 15.65
CA GLY A 1223 39.38 -40.40 16.64
C GLY A 1223 40.74 -40.93 17.04
N PRO A 1224 41.71 -40.90 16.11
CA PRO A 1224 43.05 -41.42 16.43
C PRO A 1224 43.77 -40.58 17.48
N GLN A 1225 43.83 -39.26 17.27
CA GLN A 1225 44.50 -38.38 18.21
C GLN A 1225 43.75 -37.07 18.43
N ILE A 1226 42.52 -36.94 17.94
CA ILE A 1226 41.74 -35.71 18.05
C ILE A 1226 40.54 -35.98 18.95
N ASP A 1227 40.36 -35.12 19.95
CA ASP A 1227 39.23 -35.24 20.87
C ASP A 1227 38.99 -33.88 21.49
N ARG A 1228 37.86 -33.26 21.16
CA ARG A 1228 37.49 -31.95 21.67
C ARG A 1228 36.38 -32.01 22.72
N ASN A 1229 35.26 -32.64 22.40
CA ASN A 1229 34.14 -32.77 23.32
C ASN A 1229 33.76 -34.22 23.59
N MET A 1230 33.82 -35.09 22.58
CA MET A 1230 33.50 -36.49 22.77
C MET A 1230 34.54 -37.17 23.65
N LYS A 1231 34.07 -38.04 24.54
CA LYS A 1231 34.93 -38.78 25.45
C LYS A 1231 34.91 -40.25 25.08
N ASP A 1232 36.09 -40.84 24.89
CA ASP A 1232 36.24 -42.24 24.51
C ASP A 1232 36.91 -42.97 25.67
N GLU A 1233 36.09 -43.47 26.59
CA GLU A 1233 36.57 -44.23 27.73
C GLU A 1233 35.67 -45.44 27.95
N GLY A 1234 36.25 -46.48 28.54
CA GLY A 1234 35.49 -47.69 28.78
C GLY A 1234 35.15 -48.42 27.48
N PHE A 1235 34.06 -49.17 27.51
CA PHE A 1235 33.60 -49.94 26.36
C PHE A 1235 32.27 -49.35 25.90
N ASN A 1236 32.22 -48.95 24.63
CA ASN A 1236 30.98 -48.41 24.04
C ASN A 1236 31.04 -48.70 22.54
N ILE A 1237 30.39 -49.80 22.13
CA ILE A 1237 30.37 -50.18 20.73
C ILE A 1237 28.93 -50.28 20.24
N THR A 1238 28.15 -51.18 20.84
CA THR A 1238 26.77 -51.39 20.44
C THR A 1238 26.06 -52.16 21.54
N ALA A 1239 24.91 -51.63 21.98
CA ALA A 1239 24.08 -52.27 23.00
C ALA A 1239 22.65 -52.35 22.51
N GLY A 1240 21.98 -53.45 22.83
CA GLY A 1240 20.61 -53.65 22.43
C GLY A 1240 20.31 -55.12 22.28
N VAL A 1241 19.24 -55.41 21.53
CA VAL A 1241 18.79 -56.76 21.25
C VAL A 1241 18.48 -57.49 22.54
N ASP A 1242 17.28 -57.29 23.08
CA ASP A 1242 16.84 -57.93 24.31
C ASP A 1242 15.78 -58.98 23.97
N GLU A 1243 15.97 -60.19 24.51
CA GLU A 1243 15.06 -61.29 24.25
C GLU A 1243 13.79 -61.17 25.11
N GLU A 1244 12.80 -61.98 24.76
CA GLU A 1244 11.53 -62.14 25.46
C GLU A 1244 10.77 -60.83 25.67
N THR A 1245 11.16 -59.76 24.97
CA THR A 1245 10.48 -58.47 25.09
C THR A 1245 10.12 -57.83 23.76
N GLY A 1246 10.79 -58.20 22.66
CA GLY A 1246 10.48 -57.62 21.37
C GLY A 1246 10.83 -56.16 21.24
N PHE A 1247 11.77 -55.65 22.05
CA PHE A 1247 12.16 -54.25 22.03
C PHE A 1247 13.68 -54.16 21.88
N VAL A 1248 14.12 -53.05 21.29
CA VAL A 1248 15.54 -52.79 21.07
C VAL A 1248 15.93 -51.56 21.89
N TYR A 1249 17.01 -51.68 22.65
CA TYR A 1249 17.51 -50.60 23.50
C TYR A 1249 18.90 -50.20 23.03
N GLY A 1250 19.53 -49.31 23.79
CA GLY A 1250 20.86 -48.85 23.47
C GLY A 1250 21.22 -47.63 24.27
N GLY A 1251 22.42 -47.11 24.00
CA GLY A 1251 22.90 -45.93 24.68
C GLY A 1251 23.71 -46.27 25.92
N ASN A 1252 24.61 -45.36 26.28
CA ASN A 1252 25.47 -45.52 27.43
C ASN A 1252 25.52 -44.20 28.21
N ARG A 1253 26.01 -44.29 29.45
CA ARG A 1253 26.14 -43.08 30.26
C ARG A 1253 27.17 -42.12 29.67
N PHE A 1254 28.29 -42.64 29.19
CA PHE A 1254 29.37 -41.83 28.64
C PHE A 1254 29.36 -41.78 27.11
N ASN A 1255 28.40 -42.42 26.46
CA ASN A 1255 28.31 -42.45 25.01
C ASN A 1255 26.91 -42.04 24.57
N CYS A 1256 26.84 -41.20 23.54
CA CYS A 1256 25.58 -40.71 23.00
C CYS A 1256 25.35 -41.33 21.64
N GLY A 1257 24.21 -42.02 21.49
CA GLY A 1257 23.86 -42.65 20.23
C GLY A 1257 22.82 -41.90 19.45
N THR A 1258 22.24 -40.86 20.06
CA THR A 1258 21.22 -40.05 19.42
C THR A 1258 21.86 -38.85 18.72
N TRP A 1259 21.03 -38.04 18.07
CA TRP A 1259 21.51 -36.85 17.36
C TRP A 1259 21.48 -35.62 18.27
N MET A 1260 22.05 -35.75 19.46
CA MET A 1260 22.14 -34.67 20.43
C MET A 1260 23.59 -34.27 20.60
N ASP A 1261 23.89 -32.99 20.36
CA ASP A 1261 25.27 -32.50 20.53
C ASP A 1261 25.18 -31.01 20.83
N LYS A 1262 25.31 -30.65 22.11
CA LYS A 1262 25.32 -29.25 22.52
C LYS A 1262 25.97 -29.15 23.88
N MET A 1263 27.14 -28.54 23.95
CA MET A 1263 27.87 -28.39 25.20
C MET A 1263 28.82 -27.21 25.08
N GLY A 1264 29.28 -26.73 26.23
CA GLY A 1264 30.22 -25.61 26.29
C GLY A 1264 31.57 -26.06 26.80
N GLU A 1265 32.61 -25.42 26.30
CA GLU A 1265 33.98 -25.72 26.67
C GLU A 1265 34.50 -24.87 27.81
N SER A 1266 33.68 -23.97 28.35
CA SER A 1266 34.11 -23.13 29.46
C SER A 1266 34.30 -23.94 30.72
N ASP A 1267 35.31 -23.56 31.51
CA ASP A 1267 35.58 -24.26 32.76
C ASP A 1267 34.43 -24.10 33.75
N ARG A 1268 33.87 -22.89 33.84
CA ARG A 1268 32.75 -22.65 34.75
C ARG A 1268 31.53 -23.45 34.33
N ALA A 1269 31.25 -23.52 33.02
CA ALA A 1269 30.11 -24.25 32.50
C ALA A 1269 30.50 -25.64 32.00
N ARG A 1270 31.48 -26.27 32.63
CA ARG A 1270 31.94 -27.59 32.22
C ARG A 1270 30.88 -28.63 32.59
N ASN A 1271 30.24 -29.21 31.58
CA ASN A 1271 29.21 -30.22 31.76
C ASN A 1271 29.58 -31.51 31.05
N ARG A 1272 30.84 -31.94 31.20
CA ARG A 1272 31.34 -33.14 30.56
C ARG A 1272 30.85 -34.38 31.33
N GLY A 1273 31.36 -35.55 30.94
CA GLY A 1273 30.96 -36.78 31.58
C GLY A 1273 29.79 -37.46 30.89
N ILE A 1274 28.67 -36.75 30.80
CA ILE A 1274 27.47 -37.23 30.13
C ILE A 1274 27.33 -36.47 28.82
N PRO A 1275 27.50 -37.12 27.66
CA PRO A 1275 27.38 -36.40 26.39
C PRO A 1275 25.94 -36.06 26.05
N ALA A 1276 25.60 -34.78 26.18
CA ALA A 1276 24.25 -34.25 25.88
C ALA A 1276 23.26 -34.99 26.78
N THR A 1277 22.09 -35.37 26.27
CA THR A 1277 21.06 -36.08 27.03
C THR A 1277 20.65 -37.32 26.27
N PRO A 1278 21.43 -38.39 26.35
CA PRO A 1278 21.07 -39.63 25.64
C PRO A 1278 19.79 -40.24 26.18
N ARG A 1279 19.05 -40.89 25.29
CA ARG A 1279 17.78 -41.54 25.62
C ARG A 1279 18.00 -43.05 25.60
N ASP A 1280 18.35 -43.61 26.76
CA ASP A 1280 18.56 -45.04 26.85
C ASP A 1280 17.25 -45.79 26.68
N GLY A 1281 17.31 -46.90 25.95
CA GLY A 1281 16.13 -47.70 25.70
C GLY A 1281 15.48 -47.39 24.35
N SER A 1282 14.21 -47.74 24.26
CA SER A 1282 13.44 -47.50 23.04
C SER A 1282 13.26 -46.00 22.82
N ALA A 1283 13.40 -45.57 21.56
CA ALA A 1283 13.26 -44.18 21.18
C ALA A 1283 11.94 -43.88 20.49
N VAL A 1284 10.87 -44.60 20.87
CA VAL A 1284 9.52 -44.37 20.38
C VAL A 1284 9.44 -44.58 18.86
N GLU A 1285 10.07 -43.70 18.09
CA GLU A 1285 9.96 -43.77 16.64
C GLU A 1285 10.65 -45.01 16.08
N ILE A 1286 11.67 -45.53 16.76
CA ILE A 1286 12.35 -46.73 16.28
C ILE A 1286 11.42 -47.94 16.34
N VAL A 1287 10.60 -48.03 17.40
CA VAL A 1287 9.65 -49.12 17.52
C VAL A 1287 8.63 -49.05 16.38
N GLY A 1288 8.12 -47.86 16.09
CA GLY A 1288 7.19 -47.71 14.99
C GLY A 1288 7.80 -48.05 13.64
N LEU A 1289 9.05 -47.62 13.42
CA LEU A 1289 9.73 -47.96 12.17
C LEU A 1289 9.93 -49.46 12.04
N SER A 1290 10.31 -50.13 13.13
CA SER A 1290 10.48 -51.58 13.08
C SER A 1290 9.16 -52.28 12.82
N LYS A 1291 8.07 -51.80 13.45
CA LYS A 1291 6.76 -52.39 13.21
C LYS A 1291 6.33 -52.22 11.76
N SER A 1292 6.56 -51.03 11.18
CA SER A 1292 6.23 -50.81 9.78
C SER A 1292 7.07 -51.71 8.88
N ALA A 1293 8.36 -51.87 9.20
CA ALA A 1293 9.23 -52.72 8.38
C ALA A 1293 8.78 -54.17 8.42
N VAL A 1294 8.46 -54.69 9.61
CA VAL A 1294 8.04 -56.08 9.70
C VAL A 1294 6.67 -56.28 9.06
N ARG A 1295 5.78 -55.30 9.17
CA ARG A 1295 4.49 -55.39 8.49
C ARG A 1295 4.66 -55.42 6.98
N TRP A 1296 5.55 -54.58 6.44
CA TRP A 1296 5.82 -54.59 5.01
C TRP A 1296 6.43 -55.91 4.57
N LEU A 1297 7.34 -56.45 5.38
CA LEU A 1297 7.95 -57.73 5.05
C LEU A 1297 6.92 -58.85 5.04
N LEU A 1298 6.01 -58.86 6.02
CA LEU A 1298 4.96 -59.87 6.04
C LEU A 1298 4.02 -59.72 4.85
N GLU A 1299 3.68 -58.48 4.49
CA GLU A 1299 2.81 -58.26 3.33
C GLU A 1299 3.48 -58.73 2.05
N LEU A 1300 4.78 -58.47 1.90
CA LEU A 1300 5.52 -58.94 0.73
C LEU A 1300 5.58 -60.46 0.70
N SER A 1301 5.83 -61.09 1.85
CA SER A 1301 5.92 -62.55 1.90
C SER A 1301 4.57 -63.20 1.63
N LYS A 1302 3.47 -62.51 1.95
CA LYS A 1302 2.14 -63.04 1.65
C LYS A 1302 1.90 -63.17 0.16
N LYS A 1303 2.65 -62.45 -0.68
CA LYS A 1303 2.51 -62.51 -2.12
C LYS A 1303 3.78 -63.06 -2.79
N ASN A 1304 4.43 -64.03 -2.16
CA ASN A 1304 5.60 -64.76 -2.66
C ASN A 1304 6.81 -63.86 -2.89
N ILE A 1305 6.74 -62.58 -2.55
CA ILE A 1305 7.86 -61.66 -2.69
C ILE A 1305 8.70 -61.73 -1.42
N PHE A 1306 10.03 -61.74 -1.59
CA PHE A 1306 10.98 -61.82 -0.49
C PHE A 1306 10.73 -63.09 0.31
N PRO A 1307 11.03 -64.27 -0.26
CA PRO A 1307 10.72 -65.54 0.43
C PRO A 1307 11.85 -66.02 1.34
N TYR A 1308 12.31 -65.13 2.21
CA TYR A 1308 13.32 -65.46 3.22
C TYR A 1308 12.81 -65.09 4.60
N HIS A 1309 11.57 -65.50 4.89
CA HIS A 1309 10.98 -65.23 6.19
C HIS A 1309 11.71 -65.99 7.30
N GLU A 1310 12.16 -67.20 7.01
CA GLU A 1310 12.87 -67.99 8.01
C GLU A 1310 14.18 -67.33 8.38
N VAL A 1311 14.52 -67.38 9.67
CA VAL A 1311 15.74 -66.77 10.21
C VAL A 1311 16.62 -67.88 10.75
N THR A 1312 17.88 -67.88 10.33
CA THR A 1312 18.84 -68.92 10.73
C THR A 1312 19.82 -68.43 11.77
N VAL A 1313 19.37 -67.60 12.71
CA VAL A 1313 20.25 -67.10 13.77
C VAL A 1313 20.37 -68.16 14.85
N LYS A 1314 21.61 -68.50 15.20
CA LYS A 1314 21.90 -69.51 16.21
C LYS A 1314 22.65 -68.86 17.36
N ARG A 1315 22.20 -69.12 18.59
CA ARG A 1315 22.85 -68.61 19.78
C ARG A 1315 23.03 -69.74 20.79
N HIS A 1316 24.12 -69.65 21.56
CA HIS A 1316 24.46 -70.60 22.63
C HIS A 1316 24.51 -72.05 22.13
N GLY A 1317 24.60 -72.25 20.80
CA GLY A 1317 24.67 -73.58 20.23
C GLY A 1317 23.37 -74.10 19.66
N LYS A 1318 22.27 -73.37 19.81
CA LYS A 1318 20.97 -73.79 19.31
C LYS A 1318 20.44 -72.74 18.33
N ALA A 1319 19.83 -73.22 17.25
CA ALA A 1319 19.28 -72.35 16.21
C ALA A 1319 17.78 -72.22 16.39
N ILE A 1320 17.27 -71.00 16.21
CA ILE A 1320 15.86 -70.69 16.37
C ILE A 1320 15.29 -70.27 15.02
N LYS A 1321 14.11 -70.78 14.68
CA LYS A 1321 13.45 -70.50 13.41
C LYS A 1321 12.23 -69.61 13.62
N VAL A 1322 12.34 -68.64 14.51
CA VAL A 1322 11.22 -67.74 14.80
C VAL A 1322 10.99 -66.82 13.60
N SER A 1323 9.74 -66.73 13.17
CA SER A 1323 9.36 -65.89 12.05
C SER A 1323 8.97 -64.49 12.54
N TYR A 1324 8.84 -63.57 11.58
CA TYR A 1324 8.49 -62.19 11.92
C TYR A 1324 7.06 -62.05 12.41
N ASP A 1325 6.18 -63.00 12.06
CA ASP A 1325 4.78 -62.90 12.49
C ASP A 1325 4.65 -62.96 14.01
N GLU A 1326 5.36 -63.90 14.65
CA GLU A 1326 5.33 -63.97 16.10
C GLU A 1326 5.94 -62.72 16.72
N TRP A 1327 7.05 -62.24 16.16
CA TRP A 1327 7.66 -61.01 16.65
C TRP A 1327 6.73 -59.82 16.48
N ASN A 1328 6.03 -59.75 15.34
CA ASN A 1328 5.07 -58.65 15.13
C ASN A 1328 3.94 -58.72 16.14
N ARG A 1329 3.40 -59.92 16.39
CA ARG A 1329 2.34 -60.05 17.38
C ARG A 1329 2.82 -59.67 18.77
N LYS A 1330 4.04 -60.09 19.13
CA LYS A 1330 4.59 -59.76 20.44
C LYS A 1330 4.78 -58.27 20.61
N ILE A 1331 5.33 -57.61 19.58
CA ILE A 1331 5.56 -56.17 19.68
C ILE A 1331 4.24 -55.40 19.71
N GLN A 1332 3.23 -55.89 18.97
CA GLN A 1332 1.91 -55.26 19.01
C GLN A 1332 1.29 -55.39 20.40
N ASP A 1333 1.40 -56.59 21.01
CA ASP A 1333 0.87 -56.78 22.35
C ASP A 1333 1.61 -55.90 23.35
N ASN A 1334 2.94 -55.80 23.23
CA ASN A 1334 3.71 -54.95 24.12
C ASN A 1334 3.31 -53.49 23.99
N PHE A 1335 3.11 -53.02 22.76
CA PHE A 1335 2.68 -51.63 22.55
C PHE A 1335 1.29 -51.40 23.12
N GLU A 1336 0.39 -52.37 22.96
CA GLU A 1336 -0.99 -52.21 23.44
C GLU A 1336 -1.10 -52.36 24.95
N LYS A 1337 -0.12 -53.00 25.60
CA LYS A 1337 -0.17 -53.21 27.05
C LYS A 1337 0.66 -52.20 27.82
N LEU A 1338 1.95 -52.10 27.52
CA LEU A 1338 2.83 -51.23 28.30
C LEU A 1338 2.53 -49.76 28.05
N PHE A 1339 2.33 -49.38 26.79
CA PHE A 1339 2.10 -47.98 26.43
C PHE A 1339 0.62 -47.62 26.45
N HIS A 1340 -0.05 -47.92 27.56
CA HIS A 1340 -1.47 -47.63 27.75
C HIS A 1340 -1.70 -47.04 29.14
N VAL A 1341 -0.87 -46.06 29.51
CA VAL A 1341 -1.01 -45.42 30.82
C VAL A 1341 -2.34 -44.67 30.87
N SER A 1342 -3.06 -44.86 31.96
CA SER A 1342 -4.40 -44.28 32.14
C SER A 1342 -4.34 -43.18 33.19
N GLU A 1343 -4.92 -42.02 32.87
CA GLU A 1343 -4.97 -40.92 33.82
C GLU A 1343 -5.82 -41.27 35.03
N ASP A 1344 -6.93 -41.98 34.81
CA ASP A 1344 -7.79 -42.37 35.92
C ASP A 1344 -7.08 -43.38 36.82
N PRO A 1345 -7.44 -43.43 38.10
CA PRO A 1345 -6.76 -44.35 39.02
C PRO A 1345 -7.08 -45.80 38.74
N SER A 1346 -6.47 -46.36 37.69
CA SER A 1346 -6.66 -47.76 37.33
C SER A 1346 -5.30 -48.31 36.92
N ASP A 1347 -5.32 -49.51 36.31
CA ASP A 1347 -4.11 -50.19 35.85
C ASP A 1347 -3.13 -50.40 37.00
N LEU A 1348 -3.56 -51.21 37.97
CA LEU A 1348 -2.74 -51.47 39.15
C LEU A 1348 -1.44 -52.17 38.79
N ASN A 1349 -1.43 -52.92 37.68
CA ASN A 1349 -0.22 -53.63 37.23
C ASN A 1349 0.69 -52.65 36.48
N GLU A 1350 1.27 -51.73 37.26
CA GLU A 1350 2.16 -50.71 36.72
C GLU A 1350 3.38 -50.58 37.62
N LYS A 1351 4.46 -50.06 37.06
CA LYS A 1351 5.72 -49.89 37.76
C LYS A 1351 5.98 -48.41 38.01
N HIS A 1352 6.53 -48.11 39.20
CA HIS A 1352 6.80 -46.77 39.73
C HIS A 1352 5.74 -45.77 39.30
N PRO A 1353 4.50 -45.90 39.78
CA PRO A 1353 3.46 -44.93 39.39
C PRO A 1353 3.77 -43.50 39.81
N ASN A 1354 4.44 -43.32 40.95
CA ASN A 1354 4.71 -41.98 41.46
C ASN A 1354 5.97 -41.34 40.85
N LEU A 1355 6.75 -42.11 40.08
CA LEU A 1355 7.96 -41.54 39.50
C LEU A 1355 7.65 -40.60 38.34
N VAL A 1356 6.55 -40.86 37.62
CA VAL A 1356 6.20 -40.02 36.48
C VAL A 1356 5.75 -38.64 36.98
N HIS A 1357 6.08 -37.61 36.22
CA HIS A 1357 5.71 -36.24 36.60
C HIS A 1357 4.20 -36.06 36.58
N LYS A 1358 3.53 -36.57 35.55
CA LYS A 1358 2.08 -36.42 35.44
C LYS A 1358 1.54 -37.53 34.54
N ARG A 1359 0.23 -37.75 34.63
CA ARG A 1359 -0.43 -38.77 33.85
C ARG A 1359 -0.88 -38.23 32.50
N GLY A 1360 -1.04 -39.14 31.55
CA GLY A 1360 -1.47 -38.79 30.20
C GLY A 1360 -0.35 -38.49 29.23
N ILE A 1361 0.89 -38.44 29.69
CA ILE A 1361 2.02 -38.16 28.82
C ILE A 1361 2.56 -39.48 28.28
N TYR A 1362 3.34 -39.39 27.20
CA TYR A 1362 3.94 -40.54 26.56
C TYR A 1362 5.43 -40.60 26.89
N LYS A 1363 5.90 -41.76 27.32
CA LYS A 1363 7.30 -41.93 27.68
C LYS A 1363 8.19 -41.77 26.43
N ASP A 1364 9.29 -41.04 26.61
CA ASP A 1364 10.22 -40.79 25.52
C ASP A 1364 11.27 -41.89 25.39
N SER A 1365 11.75 -42.43 26.51
CA SER A 1365 12.76 -43.49 26.52
C SER A 1365 12.39 -44.50 27.59
N TYR A 1366 11.76 -45.59 27.16
CA TYR A 1366 11.38 -46.64 28.10
C TYR A 1366 12.60 -47.40 28.58
N GLY A 1367 12.66 -47.64 29.89
CA GLY A 1367 13.77 -48.35 30.48
C GLY A 1367 14.08 -47.80 31.86
N ALA A 1368 15.16 -48.31 32.44
CA ALA A 1368 15.62 -47.88 33.75
C ALA A 1368 16.75 -46.88 33.56
N SER A 1369 16.46 -45.61 33.84
CA SER A 1369 17.43 -44.54 33.67
C SER A 1369 17.05 -43.39 34.60
N SER A 1370 17.65 -42.23 34.40
CA SER A 1370 17.36 -41.08 35.23
C SER A 1370 15.93 -40.60 34.98
N PRO A 1371 15.26 -40.08 36.02
CA PRO A 1371 13.89 -39.60 35.83
C PRO A 1371 13.77 -38.41 34.89
N TRP A 1372 14.87 -37.69 34.62
CA TRP A 1372 14.86 -36.51 33.76
C TRP A 1372 15.27 -36.84 32.33
N CYS A 1373 14.96 -38.04 31.86
CA CYS A 1373 15.28 -38.45 30.50
C CYS A 1373 14.08 -38.88 29.66
N ASP A 1374 12.95 -39.23 30.29
CA ASP A 1374 11.77 -39.67 29.55
C ASP A 1374 10.47 -39.00 30.00
N TYR A 1375 10.46 -38.32 31.14
CA TYR A 1375 9.24 -37.69 31.65
C TYR A 1375 9.13 -36.24 31.18
N GLN A 1376 9.20 -36.04 29.86
CA GLN A 1376 9.06 -34.71 29.27
C GLN A 1376 8.10 -34.78 28.09
N LEU A 1377 7.45 -33.66 27.81
CA LEU A 1377 6.49 -33.55 26.71
C LEU A 1377 7.26 -33.17 25.46
N ARG A 1378 7.47 -34.14 24.57
CA ARG A 1378 8.18 -33.92 23.32
C ARG A 1378 7.38 -34.50 22.16
N PRO A 1379 7.49 -33.90 20.96
CA PRO A 1379 6.76 -34.40 19.79
C PRO A 1379 7.48 -35.56 19.08
N ASN A 1380 7.93 -36.54 19.86
CA ASN A 1380 8.60 -37.71 19.31
C ASN A 1380 7.64 -38.86 19.03
N PHE A 1381 6.39 -38.77 19.45
CA PHE A 1381 5.41 -39.81 19.20
C PHE A 1381 4.63 -39.60 17.91
N THR A 1382 4.78 -38.44 17.26
CA THR A 1382 4.07 -38.20 16.01
C THR A 1382 4.59 -39.10 14.90
N ILE A 1383 5.90 -39.33 14.86
CA ILE A 1383 6.46 -40.19 13.82
C ILE A 1383 5.98 -41.63 13.99
N ALA A 1384 5.85 -42.08 15.24
CA ALA A 1384 5.43 -43.46 15.48
C ALA A 1384 4.03 -43.72 14.94
N MET A 1385 3.10 -42.79 15.16
CA MET A 1385 1.76 -42.95 14.61
C MET A 1385 1.71 -42.64 13.12
N VAL A 1386 2.62 -41.80 12.61
CA VAL A 1386 2.64 -41.52 11.18
C VAL A 1386 3.07 -42.74 10.39
N VAL A 1387 4.13 -43.42 10.82
CA VAL A 1387 4.63 -44.58 10.08
C VAL A 1387 3.64 -45.73 10.19
N ALA A 1388 3.01 -45.91 11.34
CA ALA A 1388 2.07 -47.01 11.56
C ALA A 1388 1.04 -46.57 12.60
N PRO A 1389 -0.14 -46.12 12.15
CA PRO A 1389 -1.19 -45.71 13.10
C PRO A 1389 -2.01 -46.87 13.64
N GLU A 1390 -1.74 -48.11 13.21
CA GLU A 1390 -2.52 -49.24 13.70
C GLU A 1390 -2.30 -49.46 15.19
N LEU A 1391 -1.07 -49.30 15.67
CA LEU A 1391 -0.79 -49.52 17.08
C LEU A 1391 -1.56 -48.55 17.96
N PHE A 1392 -1.60 -47.27 17.57
CA PHE A 1392 -2.30 -46.26 18.35
C PHE A 1392 -3.81 -46.39 18.14
N THR A 1393 -4.56 -46.36 19.24
CA THR A 1393 -6.01 -46.47 19.16
C THR A 1393 -6.62 -45.17 18.61
N THR A 1394 -7.87 -45.27 18.18
CA THR A 1394 -8.58 -44.12 17.63
C THR A 1394 -9.13 -43.17 18.69
N GLU A 1395 -9.08 -43.55 19.96
CA GLU A 1395 -9.61 -42.73 21.04
C GLU A 1395 -8.53 -42.27 22.01
N LYS A 1396 -7.72 -43.19 22.52
CA LYS A 1396 -6.69 -42.81 23.50
C LYS A 1396 -5.65 -41.90 22.87
N ALA A 1397 -5.21 -42.22 21.64
CA ALA A 1397 -4.21 -41.39 20.98
C ALA A 1397 -4.75 -40.00 20.68
N TRP A 1398 -6.02 -39.92 20.25
CA TRP A 1398 -6.63 -38.62 19.96
C TRP A 1398 -6.69 -37.75 21.21
N LYS A 1399 -7.15 -38.33 22.32
CA LYS A 1399 -7.22 -37.59 23.58
C LYS A 1399 -5.84 -37.17 24.06
N ALA A 1400 -4.86 -38.06 23.93
CA ALA A 1400 -3.49 -37.71 24.32
C ALA A 1400 -2.96 -36.55 23.48
N LEU A 1401 -3.21 -36.58 22.17
CA LEU A 1401 -2.77 -35.49 21.31
C LEU A 1401 -3.45 -34.19 21.68
N GLU A 1402 -4.75 -34.23 21.96
CA GLU A 1402 -5.46 -33.00 22.34
C GLU A 1402 -4.94 -32.44 23.66
N ILE A 1403 -4.73 -33.29 24.65
CA ILE A 1403 -4.25 -32.79 25.94
C ILE A 1403 -2.80 -32.31 25.84
N ALA A 1404 -2.02 -32.90 24.93
CA ALA A 1404 -0.64 -32.45 24.74
C ALA A 1404 -0.59 -31.10 24.03
N GLU A 1405 -1.43 -30.92 23.02
CA GLU A 1405 -1.45 -29.69 22.23
C GLU A 1405 -2.48 -28.74 22.83
N LYS A 1406 -2.10 -28.10 23.94
CA LYS A 1406 -2.95 -27.11 24.58
C LYS A 1406 -2.31 -25.74 24.70
N LYS A 1407 -1.03 -25.64 25.05
CA LYS A 1407 -0.35 -24.36 25.13
C LYS A 1407 1.05 -24.46 24.51
N LEU A 1408 1.29 -25.54 23.76
CA LEU A 1408 2.59 -25.79 23.16
C LEU A 1408 2.73 -25.06 21.83
N LEU A 1409 1.71 -25.17 20.99
CA LEU A 1409 1.73 -24.58 19.66
C LEU A 1409 1.87 -23.06 19.73
N GLY A 1410 2.77 -22.52 18.91
CA GLY A 1410 3.01 -21.10 18.87
C GLY A 1410 2.69 -20.50 17.52
N PRO A 1411 3.15 -19.27 17.29
CA PRO A 1411 2.90 -18.61 15.99
C PRO A 1411 3.50 -19.37 14.82
N LEU A 1412 4.64 -20.02 15.03
CA LEU A 1412 5.32 -20.74 13.97
C LEU A 1412 5.52 -22.22 14.27
N GLY A 1413 5.65 -22.60 15.53
CA GLY A 1413 5.84 -24.01 15.87
C GLY A 1413 5.64 -24.23 17.35
N MET A 1414 5.42 -25.50 17.69
CA MET A 1414 5.22 -25.88 19.08
C MET A 1414 6.54 -25.85 19.84
N LYS A 1415 6.46 -25.45 21.11
CA LYS A 1415 7.63 -25.38 21.96
C LYS A 1415 8.13 -26.79 22.31
N THR A 1416 9.45 -26.92 22.40
CA THR A 1416 10.05 -28.21 22.75
C THR A 1416 9.77 -28.61 24.18
N LEU A 1417 9.40 -27.67 25.04
CA LEU A 1417 9.12 -27.94 26.44
C LEU A 1417 7.79 -27.32 26.83
N ASP A 1418 7.09 -27.98 27.76
CA ASP A 1418 5.81 -27.50 28.22
C ASP A 1418 5.96 -26.18 28.96
N PRO A 1419 5.02 -25.24 28.77
CA PRO A 1419 5.15 -23.92 29.42
C PRO A 1419 5.18 -24.00 30.94
N ASP A 1420 4.46 -24.94 31.55
CA ASP A 1420 4.41 -25.02 33.00
C ASP A 1420 5.70 -25.56 33.61
N ASP A 1421 6.63 -26.07 32.79
CA ASP A 1421 7.89 -26.56 33.30
C ASP A 1421 8.71 -25.42 33.88
N MET A 1422 9.37 -25.68 35.01
CA MET A 1422 10.15 -24.65 35.69
C MET A 1422 11.48 -24.37 35.02
N VAL A 1423 11.90 -25.19 34.06
CA VAL A 1423 13.15 -24.98 33.34
C VAL A 1423 12.91 -24.50 31.91
N TYR A 1424 11.68 -24.12 31.58
CA TYR A 1424 11.39 -23.63 30.25
C TYR A 1424 12.03 -22.26 30.03
N CYS A 1425 12.64 -22.09 28.86
CA CYS A 1425 13.30 -20.85 28.49
C CYS A 1425 12.87 -20.46 27.08
N GLY A 1426 12.03 -19.44 26.97
CA GLY A 1426 11.54 -18.99 25.68
C GLY A 1426 12.50 -18.15 24.88
N ILE A 1427 13.61 -17.73 25.47
CA ILE A 1427 14.61 -16.91 24.81
C ILE A 1427 15.93 -17.67 24.78
N TYR A 1428 16.51 -17.80 23.60
CA TYR A 1428 17.77 -18.51 23.40
C TYR A 1428 18.84 -17.52 22.94
N ASP A 1429 19.99 -17.55 23.60
CA ASP A 1429 21.10 -16.67 23.25
C ASP A 1429 22.40 -17.40 23.59
N ASN A 1430 23.02 -18.00 22.59
CA ASN A 1430 24.27 -18.73 22.83
C ASN A 1430 25.40 -17.78 23.24
N ALA A 1431 25.45 -16.59 22.63
CA ALA A 1431 26.51 -15.65 22.97
C ALA A 1431 26.36 -15.11 24.39
N LEU A 1432 25.15 -15.10 24.93
CA LEU A 1432 24.93 -14.61 26.28
C LEU A 1432 25.56 -15.55 27.30
N ASP A 1433 26.20 -14.97 28.31
CA ASP A 1433 26.86 -15.72 29.37
C ASP A 1433 26.45 -15.11 30.71
N ASN A 1434 25.46 -15.71 31.35
CA ASN A 1434 24.95 -15.24 32.63
C ASN A 1434 25.10 -16.34 33.68
N ASP A 1435 24.57 -16.09 34.88
CA ASP A 1435 24.65 -17.04 35.97
C ASP A 1435 23.59 -18.13 35.91
N ASN A 1436 22.64 -18.02 34.99
CA ASN A 1436 21.59 -19.03 34.88
C ASN A 1436 22.16 -20.33 34.33
N TYR A 1437 21.84 -21.44 34.99
CA TYR A 1437 22.33 -22.74 34.54
C TYR A 1437 21.77 -23.11 33.18
N ASN A 1438 20.47 -22.85 32.96
CA ASN A 1438 19.84 -23.20 31.69
C ASN A 1438 20.24 -22.26 30.57
N LEU A 1439 20.77 -21.08 30.89
CA LEU A 1439 21.17 -20.10 29.90
C LEU A 1439 22.69 -20.00 29.75
N ALA A 1440 23.42 -20.99 30.25
CA ALA A 1440 24.88 -21.01 30.19
C ALA A 1440 25.33 -21.88 29.03
N LYS A 1441 26.09 -21.28 28.10
CA LYS A 1441 26.64 -21.98 26.95
C LYS A 1441 25.54 -22.64 26.12
N GLY A 1442 24.40 -21.97 26.00
CA GLY A 1442 23.32 -22.49 25.20
C GLY A 1442 22.74 -23.80 25.70
N PHE A 1443 22.56 -23.92 27.02
CA PHE A 1443 22.00 -25.14 27.60
C PHE A 1443 20.50 -25.28 27.34
N ASN A 1444 19.84 -24.23 26.84
CA ASN A 1444 18.40 -24.26 26.56
C ASN A 1444 18.12 -24.45 25.08
N TYR A 1445 18.93 -25.27 24.39
CA TYR A 1445 18.72 -25.49 22.97
C TYR A 1445 17.38 -26.16 22.71
N HIS A 1446 17.02 -27.16 23.52
CA HIS A 1446 15.76 -27.87 23.40
C HIS A 1446 14.89 -27.66 24.64
N GLN A 1447 14.86 -26.42 25.14
CA GLN A 1447 14.15 -26.08 26.37
C GLN A 1447 13.31 -24.82 26.16
N GLY A 1448 12.54 -24.80 25.07
CA GLY A 1448 11.70 -23.67 24.76
C GLY A 1448 11.78 -23.16 23.34
N PRO A 1449 12.98 -23.13 22.75
CA PRO A 1449 13.07 -22.80 21.32
C PRO A 1449 12.29 -23.80 20.47
N GLU A 1450 11.66 -23.28 19.41
CA GLU A 1450 10.79 -24.07 18.54
C GLU A 1450 11.53 -24.38 17.25
N TRP A 1451 11.57 -25.66 16.89
CA TRP A 1451 12.17 -26.09 15.63
C TRP A 1451 11.11 -26.10 14.53
N LEU A 1452 11.45 -26.63 13.36
CA LEU A 1452 10.52 -26.61 12.23
C LEU A 1452 10.17 -28.02 11.76
N TRP A 1453 11.09 -28.96 11.90
CA TRP A 1453 10.81 -30.33 11.46
C TRP A 1453 9.82 -31.06 12.35
N PRO A 1454 9.72 -30.80 13.67
CA PRO A 1454 8.67 -31.48 14.44
C PRO A 1454 7.25 -31.16 13.97
N ILE A 1455 7.01 -29.94 13.47
CA ILE A 1455 5.68 -29.55 13.01
C ILE A 1455 5.41 -30.22 11.67
N GLY A 1456 4.15 -30.26 11.26
CA GLY A 1456 3.72 -30.94 10.06
C GLY A 1456 3.29 -32.38 10.29
N TYR A 1457 4.12 -33.15 10.97
CA TYR A 1457 3.75 -34.52 11.32
C TYR A 1457 2.53 -34.54 12.23
N PHE A 1458 2.50 -33.64 13.23
CA PHE A 1458 1.35 -33.55 14.12
C PHE A 1458 0.09 -33.16 13.37
N LEU A 1459 0.20 -32.20 12.44
CA LEU A 1459 -0.96 -31.81 11.65
C LEU A 1459 -1.45 -32.95 10.78
N ARG A 1460 -0.53 -33.68 10.16
CA ARG A 1460 -0.91 -34.82 9.33
C ARG A 1460 -1.61 -35.89 10.16
N ALA A 1461 -1.08 -36.19 11.35
CA ALA A 1461 -1.70 -37.19 12.22
C ALA A 1461 -3.09 -36.74 12.65
N LYS A 1462 -3.23 -35.45 13.01
CA LYS A 1462 -4.53 -34.94 13.42
C LYS A 1462 -5.54 -35.01 12.29
N LEU A 1463 -5.13 -34.64 11.07
CA LEU A 1463 -6.05 -34.71 9.94
C LEU A 1463 -6.43 -36.15 9.62
N TYR A 1464 -5.46 -37.07 9.70
CA TYR A 1464 -5.76 -38.48 9.46
C TYR A 1464 -6.75 -39.02 10.49
N PHE A 1465 -6.56 -38.65 11.76
CA PHE A 1465 -7.49 -39.09 12.80
C PHE A 1465 -8.87 -38.49 12.60
N SER A 1466 -8.94 -37.21 12.22
CA SER A 1466 -10.22 -36.55 12.02
C SER A 1466 -10.95 -37.11 10.80
N ARG A 1467 -10.21 -37.57 9.78
CA ARG A 1467 -10.86 -38.14 8.61
C ARG A 1467 -11.66 -39.39 8.96
N LEU A 1468 -11.09 -40.25 9.81
CA LEU A 1468 -11.78 -41.47 10.22
C LEU A 1468 -12.68 -41.28 11.43
N MET A 1469 -12.54 -40.17 12.15
CA MET A 1469 -13.37 -39.94 13.33
C MET A 1469 -14.73 -39.36 12.95
N GLY A 1470 -14.74 -38.18 12.35
CA GLY A 1470 -15.96 -37.53 11.96
C GLY A 1470 -15.73 -36.27 11.15
N PRO A 1471 -16.72 -35.90 10.34
CA PRO A 1471 -16.58 -34.67 9.54
C PRO A 1471 -16.52 -33.40 10.36
N GLU A 1472 -16.95 -33.42 11.63
CA GLU A 1472 -16.96 -32.21 12.43
C GLU A 1472 -15.56 -31.66 12.65
N THR A 1473 -14.60 -32.55 12.95
CA THR A 1473 -13.22 -32.11 13.18
C THR A 1473 -12.44 -31.89 11.89
N THR A 1474 -12.95 -32.39 10.76
CA THR A 1474 -12.25 -32.20 9.49
C THR A 1474 -12.15 -30.73 9.12
N ALA A 1475 -13.25 -29.98 9.29
CA ALA A 1475 -13.23 -28.55 8.99
C ALA A 1475 -12.26 -27.81 9.89
N LYS A 1476 -12.23 -28.14 11.18
CA LYS A 1476 -11.31 -27.49 12.10
C LYS A 1476 -9.86 -27.79 11.72
N THR A 1477 -9.57 -29.05 11.38
CA THR A 1477 -8.21 -29.40 10.97
C THR A 1477 -7.81 -28.68 9.70
N ILE A 1478 -8.74 -28.58 8.74
CA ILE A 1478 -8.45 -27.88 7.49
C ILE A 1478 -8.17 -26.41 7.76
N VAL A 1479 -8.97 -25.78 8.62
CA VAL A 1479 -8.77 -24.37 8.95
C VAL A 1479 -7.41 -24.18 9.62
N LEU A 1480 -7.08 -25.05 10.58
CA LEU A 1480 -5.79 -24.94 11.26
C LEU A 1480 -4.63 -25.11 10.30
N VAL A 1481 -4.73 -26.09 9.39
CA VAL A 1481 -3.66 -26.31 8.41
C VAL A 1481 -3.51 -25.10 7.50
N LYS A 1482 -4.63 -24.55 7.02
CA LYS A 1482 -4.57 -23.36 6.18
C LYS A 1482 -3.94 -22.19 6.91
N ASN A 1483 -4.27 -22.01 8.20
CA ASN A 1483 -3.66 -20.96 8.98
C ASN A 1483 -2.16 -21.17 9.13
N VAL A 1484 -1.73 -22.42 9.35
CA VAL A 1484 -0.30 -22.70 9.52
C VAL A 1484 0.46 -22.37 8.25
N LEU A 1485 -0.04 -22.82 7.09
CA LEU A 1485 0.65 -22.49 5.85
C LEU A 1485 0.56 -21.00 5.51
N SER A 1486 -0.53 -20.33 5.89
CA SER A 1486 -0.59 -18.88 5.68
C SER A 1486 0.48 -18.16 6.51
N ARG A 1487 0.63 -18.56 7.76
CA ARG A 1487 1.68 -17.97 8.60
C ARG A 1487 3.06 -18.28 8.07
N HIS A 1488 3.26 -19.51 7.57
CA HIS A 1488 4.56 -19.87 6.99
C HIS A 1488 4.86 -19.02 5.76
N TYR A 1489 3.87 -18.81 4.90
CA TYR A 1489 4.06 -17.96 3.72
C TYR A 1489 4.36 -16.53 4.13
N VAL A 1490 3.65 -16.02 5.14
CA VAL A 1490 3.90 -14.66 5.62
C VAL A 1490 5.33 -14.53 6.14
N HIS A 1491 5.79 -15.51 6.92
CA HIS A 1491 7.15 -15.47 7.44
C HIS A 1491 8.18 -15.57 6.31
N LEU A 1492 7.93 -16.43 5.32
CA LEU A 1492 8.87 -16.61 4.22
C LEU A 1492 8.89 -15.43 3.27
N GLU A 1493 7.83 -14.60 3.26
CA GLU A 1493 7.81 -13.45 2.36
C GLU A 1493 8.93 -12.47 2.68
N ARG A 1494 9.15 -12.19 3.97
CA ARG A 1494 10.22 -11.29 4.40
C ARG A 1494 11.48 -12.06 4.75
N SER A 1495 11.97 -12.87 3.82
CA SER A 1495 13.17 -13.66 4.03
C SER A 1495 14.26 -13.21 3.07
N PRO A 1496 15.28 -12.49 3.54
CA PRO A 1496 16.36 -12.08 2.62
C PRO A 1496 17.11 -13.25 2.00
N TRP A 1497 17.27 -14.36 2.72
CA TRP A 1497 17.95 -15.53 2.21
C TRP A 1497 17.01 -16.53 1.57
N LYS A 1498 15.70 -16.26 1.56
CA LYS A 1498 14.70 -17.16 1.00
C LYS A 1498 14.78 -18.55 1.62
N GLY A 1499 15.01 -18.59 2.93
CA GLY A 1499 15.12 -19.85 3.63
C GLY A 1499 14.41 -19.79 4.97
N LEU A 1500 14.10 -20.96 5.50
CA LEU A 1500 13.38 -21.07 6.77
C LEU A 1500 14.35 -20.85 7.93
N PRO A 1501 14.10 -19.88 8.80
CA PRO A 1501 15.00 -19.68 9.94
C PRO A 1501 14.95 -20.85 10.91
N GLU A 1502 16.09 -21.10 11.56
CA GLU A 1502 16.23 -22.20 12.51
C GLU A 1502 16.23 -21.73 13.96
N LEU A 1503 16.18 -20.43 14.21
CA LEU A 1503 16.24 -19.91 15.58
C LEU A 1503 15.01 -19.08 15.90
N THR A 1504 13.82 -19.58 15.55
CA THR A 1504 12.57 -18.85 15.76
C THR A 1504 12.25 -18.89 17.24
N ASN A 1505 12.78 -17.91 17.99
CA ASN A 1505 12.55 -17.81 19.41
C ASN A 1505 11.33 -16.92 19.67
N GLU A 1506 11.14 -16.54 20.94
CA GLU A 1506 9.99 -15.72 21.31
C GLU A 1506 10.15 -14.29 20.80
N ASN A 1507 9.02 -13.62 20.63
CA ASN A 1507 8.95 -12.22 20.22
C ASN A 1507 9.51 -11.98 18.82
N ALA A 1508 9.68 -13.04 18.03
CA ALA A 1508 10.12 -12.96 16.64
C ALA A 1508 11.45 -12.20 16.53
N GLN A 1509 12.48 -12.77 17.15
CA GLN A 1509 13.80 -12.16 17.13
C GLN A 1509 14.40 -12.22 15.72
N TYR A 1510 15.39 -11.35 15.48
CA TYR A 1510 16.07 -11.27 14.20
C TYR A 1510 17.53 -11.68 14.35
N CYS A 1511 18.20 -11.83 13.21
CA CYS A 1511 19.60 -12.21 13.12
C CYS A 1511 19.85 -13.55 13.81
N PRO A 1512 19.37 -14.66 13.27
CA PRO A 1512 19.61 -15.96 13.92
C PRO A 1512 21.10 -16.28 13.96
N PHE A 1513 21.51 -16.93 15.06
CA PHE A 1513 22.91 -17.31 15.21
C PHE A 1513 23.25 -18.53 14.35
N SER A 1514 22.31 -19.46 14.21
CA SER A 1514 22.54 -20.67 13.43
C SER A 1514 22.27 -20.39 11.96
N CYS A 1515 22.22 -21.45 11.16
CA CYS A 1515 21.96 -21.31 9.73
C CYS A 1515 20.55 -20.82 9.49
N GLU A 1516 20.39 -19.97 8.47
CA GLU A 1516 19.10 -19.38 8.14
C GLU A 1516 18.30 -20.22 7.15
N THR A 1517 18.83 -21.36 6.71
CA THR A 1517 18.11 -22.25 5.81
C THR A 1517 18.56 -23.68 6.07
N GLN A 1518 17.60 -24.61 6.04
CA GLN A 1518 17.88 -26.02 6.28
C GLN A 1518 17.24 -26.86 5.18
N ALA A 1519 17.96 -27.91 4.75
CA ALA A 1519 17.44 -28.82 3.74
C ALA A 1519 16.38 -29.75 4.30
N TRP A 1520 16.51 -30.14 5.56
CA TRP A 1520 15.59 -31.07 6.20
C TRP A 1520 14.34 -30.41 6.77
N SER A 1521 14.22 -29.10 6.66
CA SER A 1521 13.05 -28.37 7.17
C SER A 1521 11.98 -28.17 6.10
N ILE A 1522 12.20 -28.66 4.88
CA ILE A 1522 11.24 -28.48 3.80
C ILE A 1522 10.52 -29.78 3.43
N ALA A 1523 11.09 -30.94 3.75
CA ALA A 1523 10.45 -32.21 3.40
C ALA A 1523 9.10 -32.36 4.11
N THR A 1524 9.04 -32.01 5.39
CA THR A 1524 7.80 -32.12 6.14
C THR A 1524 6.74 -31.18 5.57
N ILE A 1525 7.13 -29.96 5.22
CA ILE A 1525 6.18 -29.00 4.65
C ILE A 1525 5.67 -29.50 3.30
N LEU A 1526 6.57 -30.05 2.47
CA LEU A 1526 6.16 -30.59 1.18
C LEU A 1526 5.20 -31.77 1.36
N GLU A 1527 5.47 -32.65 2.32
CA GLU A 1527 4.58 -33.77 2.57
C GLU A 1527 3.22 -33.29 3.06
N THR A 1528 3.20 -32.28 3.93
CA THR A 1528 1.93 -31.73 4.40
C THR A 1528 1.14 -31.11 3.25
N LEU A 1529 1.84 -30.39 2.36
CA LEU A 1529 1.16 -29.80 1.21
C LEU A 1529 0.61 -30.89 0.29
N TYR A 1530 1.36 -31.98 0.09
CA TYR A 1530 0.86 -33.08 -0.72
C TYR A 1530 -0.37 -33.72 -0.08
N ASP A 1531 -0.36 -33.88 1.24
CA ASP A 1531 -1.51 -34.48 1.92
C ASP A 1531 -2.75 -33.61 1.76
N LEU A 1532 -2.59 -32.30 1.94
CA LEU A 1532 -3.71 -31.37 1.81
C LEU A 1532 -3.23 -29.96 1.53
#